data_5GK2
#
_entry.id   5GK2
#
_cell.length_a   63.170
_cell.length_b   127.920
_cell.length_c   108.150
_cell.angle_alpha   90.00
_cell.angle_beta   91.08
_cell.angle_gamma   90.00
#
_symmetry.space_group_name_H-M   'P 1 21 1'
#
loop_
_entity.id
_entity.type
_entity.pdbx_description
1 polymer 'Ketosynthase StlD'
2 water water
#
_entity_poly.entity_id   1
_entity_poly.type   'polypeptide(L)'
_entity_poly.pdbx_seq_one_letter_code
;MGSSHHHHHHSSGLVPRGSHMSNNVYITKVSAFMPGNPIDNNTMESVLGFVGGRPSRSRHIVLRNNGIKYRHYALDPETG
EATYTSAQLAAEAVKGLVDEHFSLDDMQSLAASSGTSDQIIPGHGVMVHGELKNKPCEVISTSGACAAGMTAMKYAYLSV
LSGATSNAVSTTSEVPSTVLHARNFQSENEARVAELERRPEIAFEKDFLRWMLSDGAGAALLENKPRPDGVSLRIDWIDI
YSFANEQETCMYSGGEKLADGSLKGWAQMSQADWLAYSVFCIKQDVRYLNERVVKFTLTEPLRRIVADRNLSSESIDWFL
PAYSSEYFRMKFSEGLDDINFSIEQERWFTNLTVKGNTGSASIYIMLDELMKSGKLKKDQRLLCFIPESARFTGAFMHLT
VV
;
_entity_poly.pdbx_strand_id   A,B,C,D
#
# COMPACT_ATOMS: atom_id res chain seq x y z
N ASN A 23 -12.95 -33.15 40.11
CA ASN A 23 -13.11 -33.74 38.79
C ASN A 23 -12.25 -34.96 38.55
N ASN A 24 -12.64 -35.69 37.52
CA ASN A 24 -11.80 -36.75 36.97
C ASN A 24 -11.66 -36.52 35.48
N VAL A 25 -10.59 -37.07 34.93
CA VAL A 25 -10.32 -37.01 33.50
C VAL A 25 -10.19 -38.43 32.98
N TYR A 26 -10.79 -38.68 31.82
CA TYR A 26 -10.81 -40.00 31.21
C TYR A 26 -10.39 -39.87 29.76
N ILE A 27 -9.50 -40.77 29.33
CA ILE A 27 -9.26 -41.02 27.92
C ILE A 27 -10.41 -41.90 27.42
N THR A 28 -11.28 -41.34 26.57
CA THR A 28 -12.43 -42.07 26.07
C THR A 28 -12.23 -42.56 24.64
N LYS A 29 -11.21 -42.07 23.97
CA LYS A 29 -10.98 -42.44 22.58
C LYS A 29 -9.52 -42.15 22.27
N VAL A 30 -8.90 -43.06 21.51
CA VAL A 30 -7.53 -42.90 21.05
C VAL A 30 -7.51 -43.31 19.60
N SER A 31 -6.67 -42.65 18.81
CA SER A 31 -6.54 -43.06 17.44
C SER A 31 -5.08 -42.91 17.03
N ALA A 32 -4.68 -43.71 16.06
CA ALA A 32 -3.34 -43.67 15.51
C ALA A 32 -3.44 -43.65 14.00
N PHE A 33 -2.51 -42.98 13.36
CA PHE A 33 -2.50 -42.94 11.91
C PHE A 33 -1.09 -43.21 11.43
N MET A 34 -0.91 -44.31 10.70
CA MET A 34 0.38 -44.69 10.15
C MET A 34 0.35 -44.46 8.65
N PRO A 35 1.23 -43.63 8.10
CA PRO A 35 1.14 -43.33 6.67
C PRO A 35 1.62 -44.51 5.83
N GLY A 36 0.90 -44.77 4.74
CA GLY A 36 1.37 -45.74 3.77
C GLY A 36 1.47 -47.17 4.29
N ASN A 37 2.19 -47.96 3.54
CA ASN A 37 2.33 -49.37 3.84
C ASN A 37 3.51 -49.62 4.77
N PRO A 38 3.48 -50.67 5.58
CA PRO A 38 4.67 -51.04 6.35
C PRO A 38 5.84 -51.33 5.41
N ILE A 39 7.03 -50.92 5.83
CA ILE A 39 8.24 -51.00 5.02
C ILE A 39 9.25 -51.84 5.78
N ASP A 40 9.78 -52.89 5.14
CA ASP A 40 10.65 -53.81 5.85
C ASP A 40 12.10 -53.35 5.78
N ASN A 41 12.97 -54.10 6.46
CA ASN A 41 14.38 -53.70 6.56
C ASN A 41 15.06 -53.68 5.20
N ASN A 42 14.62 -54.52 4.26
CA ASN A 42 15.29 -54.57 2.96
C ASN A 42 14.87 -53.45 2.04
N THR A 43 13.70 -52.86 2.25
CA THR A 43 13.23 -51.78 1.39
C THR A 43 13.59 -50.40 1.92
N MET A 44 13.88 -50.28 3.22
CA MET A 44 13.85 -48.96 3.83
C MET A 44 14.95 -48.05 3.29
N GLU A 45 16.07 -48.61 2.85
CA GLU A 45 17.12 -47.74 2.31
C GLU A 45 16.76 -47.23 0.93
N SER A 46 16.06 -48.03 0.12
CA SER A 46 15.62 -47.50 -1.16
C SER A 46 14.62 -46.36 -1.01
N VAL A 47 13.95 -46.26 0.14
CA VAL A 47 12.99 -45.18 0.35
C VAL A 47 13.67 -43.91 0.86
N LEU A 48 14.62 -44.05 1.77
CA LEU A 48 15.33 -42.90 2.30
C LEU A 48 16.52 -42.47 1.45
N GLY A 49 16.87 -43.25 0.43
CA GLY A 49 17.91 -42.86 -0.50
C GLY A 49 19.31 -43.16 -0.01
N PHE A 50 20.26 -42.99 -0.93
CA PHE A 50 21.67 -43.24 -0.71
C PHE A 50 22.43 -41.92 -0.67
N VAL A 51 23.22 -41.71 0.35
CA VAL A 51 24.10 -40.56 0.36
C VAL A 51 25.31 -40.87 -0.52
N GLY A 52 25.65 -39.93 -1.40
CA GLY A 52 26.79 -40.08 -2.29
C GLY A 52 26.73 -41.34 -3.13
N GLY A 53 25.54 -41.85 -3.38
CA GLY A 53 25.38 -43.00 -4.26
C GLY A 53 25.79 -44.34 -3.68
N ARG A 54 26.12 -44.42 -2.39
CA ARG A 54 26.56 -45.71 -1.85
C ARG A 54 25.74 -46.11 -0.63
N PRO A 55 25.62 -47.41 -0.35
CA PRO A 55 24.83 -47.85 0.81
C PRO A 55 25.43 -47.44 2.13
N SER A 56 24.57 -47.39 3.15
CA SER A 56 25.03 -47.14 4.51
C SER A 56 25.75 -48.36 5.06
N ARG A 57 26.91 -48.14 5.66
CA ARG A 57 27.64 -49.26 6.23
C ARG A 57 27.13 -49.68 7.60
N SER A 58 26.46 -48.80 8.35
CA SER A 58 26.02 -49.13 9.69
C SER A 58 24.56 -49.60 9.78
N ARG A 59 23.80 -49.46 8.69
CA ARG A 59 22.38 -49.79 8.70
C ARG A 59 22.12 -51.19 9.25
N HIS A 60 22.89 -52.17 8.76
CA HIS A 60 22.65 -53.57 9.11
C HIS A 60 22.73 -53.78 10.63
N ILE A 61 23.79 -53.29 11.26
CA ILE A 61 23.95 -53.52 12.69
C ILE A 61 23.04 -52.59 13.52
N VAL A 62 22.74 -51.39 13.04
CA VAL A 62 21.76 -50.55 13.73
C VAL A 62 20.42 -51.27 13.81
N LEU A 63 19.99 -51.88 12.70
CA LEU A 63 18.73 -52.60 12.67
C LEU A 63 18.78 -53.83 13.55
N ARG A 64 19.92 -54.51 13.62
CA ARG A 64 20.01 -55.67 14.50
C ARG A 64 19.88 -55.25 15.96
N ASN A 65 20.46 -54.11 16.33
CA ASN A 65 20.41 -53.70 17.72
C ASN A 65 19.02 -53.21 18.12
N ASN A 66 18.34 -52.45 17.25
CA ASN A 66 17.06 -51.87 17.64
C ASN A 66 15.89 -52.84 17.48
N GLY A 67 16.01 -53.83 16.61
CA GLY A 67 15.02 -54.89 16.50
C GLY A 67 13.75 -54.49 15.76
N ILE A 68 13.71 -53.33 15.15
CA ILE A 68 12.52 -52.87 14.45
C ILE A 68 12.45 -53.58 13.10
N LYS A 69 11.29 -54.16 12.80
CA LYS A 69 11.14 -54.94 11.59
C LYS A 69 10.30 -54.26 10.53
N TYR A 70 9.37 -53.38 10.91
CA TYR A 70 8.57 -52.60 9.97
C TYR A 70 8.41 -51.18 10.50
N ARG A 71 8.28 -50.24 9.57
CA ARG A 71 8.03 -48.85 9.93
C ARG A 71 7.30 -48.18 8.76
N HIS A 72 6.80 -46.98 9.00
CA HIS A 72 6.06 -46.22 8.00
C HIS A 72 6.75 -44.90 7.70
N TYR A 73 6.67 -44.48 6.44
CA TYR A 73 7.17 -43.19 6.01
C TYR A 73 6.07 -42.43 5.26
N ALA A 74 5.90 -41.15 5.58
CA ALA A 74 5.04 -40.28 4.77
C ALA A 74 5.75 -39.95 3.46
N LEU A 75 6.07 -41.00 2.70
CA LEU A 75 6.75 -40.92 1.43
C LEU A 75 6.06 -41.83 0.44
N ASP A 76 5.97 -41.39 -0.81
CA ASP A 76 5.36 -42.22 -1.84
C ASP A 76 6.38 -43.24 -2.32
N PRO A 77 6.04 -44.53 -2.33
CA PRO A 77 7.03 -45.55 -2.73
C PRO A 77 7.45 -45.45 -4.19
N GLU A 78 6.55 -45.03 -5.09
CA GLU A 78 6.92 -44.84 -6.49
C GLU A 78 7.68 -43.52 -6.68
N THR A 79 7.00 -42.40 -6.43
CA THR A 79 7.55 -41.08 -6.78
C THR A 79 8.50 -40.51 -5.74
N GLY A 80 8.45 -40.97 -4.48
CA GLY A 80 9.24 -40.34 -3.43
C GLY A 80 8.69 -39.01 -2.94
N GLU A 81 7.52 -38.60 -3.41
CA GLU A 81 6.90 -37.36 -2.94
C GLU A 81 6.43 -37.54 -1.49
N ALA A 82 6.43 -36.45 -0.74
CA ALA A 82 5.77 -36.44 0.56
C ALA A 82 4.28 -36.72 0.38
N THR A 83 3.73 -37.61 1.21
CA THR A 83 2.31 -37.92 1.14
C THR A 83 1.49 -37.22 2.22
N TYR A 84 2.13 -36.70 3.26
CA TYR A 84 1.48 -35.94 4.32
C TYR A 84 2.52 -35.01 4.92
N THR A 85 2.16 -33.75 5.12
CA THR A 85 2.95 -32.90 6.00
C THR A 85 2.81 -33.41 7.44
N SER A 86 3.61 -32.86 8.35
CA SER A 86 3.39 -33.15 9.76
C SER A 86 1.98 -32.72 10.19
N ALA A 87 1.51 -31.56 9.71
CA ALA A 87 0.19 -31.07 10.15
C ALA A 87 -0.93 -31.96 9.62
N GLN A 88 -0.83 -32.40 8.36
CA GLN A 88 -1.81 -33.35 7.82
C GLN A 88 -1.82 -34.66 8.60
N LEU A 89 -0.65 -35.19 8.95
CA LEU A 89 -0.63 -36.46 9.65
C LEU A 89 -1.32 -36.35 11.00
N ALA A 90 -1.08 -35.25 11.73
CA ALA A 90 -1.79 -35.05 12.99
C ALA A 90 -3.29 -34.88 12.75
N ALA A 91 -3.66 -34.15 11.70
CA ALA A 91 -5.07 -33.97 11.40
C ALA A 91 -5.76 -35.31 11.14
N GLU A 92 -5.07 -36.23 10.46
CA GLU A 92 -5.64 -37.56 10.24
C GLU A 92 -5.84 -38.29 11.56
N ALA A 93 -4.83 -38.26 12.43
CA ALA A 93 -5.01 -38.85 13.75
C ALA A 93 -6.22 -38.23 14.47
N VAL A 94 -6.39 -36.91 14.39
CA VAL A 94 -7.48 -36.28 15.13
C VAL A 94 -8.83 -36.70 14.57
N LYS A 95 -8.94 -36.78 13.24
CA LYS A 95 -10.20 -37.20 12.64
C LYS A 95 -10.60 -38.63 13.03
N GLY A 96 -9.64 -39.47 13.42
CA GLY A 96 -9.94 -40.80 13.92
C GLY A 96 -10.60 -40.82 15.27
N LEU A 97 -10.69 -39.67 15.94
CA LEU A 97 -11.41 -39.59 17.20
C LEU A 97 -12.91 -39.37 17.00
N VAL A 98 -13.35 -39.08 15.78
CA VAL A 98 -14.72 -38.63 15.56
C VAL A 98 -15.65 -39.85 15.51
N ASP A 99 -16.74 -39.79 16.25
CA ASP A 99 -17.79 -40.80 16.16
C ASP A 99 -19.10 -40.16 16.60
N GLU A 100 -20.09 -41.01 16.93
CA GLU A 100 -21.42 -40.53 17.31
C GLU A 100 -21.38 -39.66 18.55
N HIS A 101 -20.39 -39.84 19.42
CA HIS A 101 -20.32 -39.09 20.67
C HIS A 101 -19.43 -37.86 20.59
N PHE A 102 -18.73 -37.64 19.48
CA PHE A 102 -17.76 -36.54 19.42
C PHE A 102 -17.57 -36.13 17.97
N SER A 103 -17.83 -34.88 17.67
CA SER A 103 -17.45 -34.33 16.38
C SER A 103 -16.37 -33.28 16.60
N LEU A 104 -15.65 -32.96 15.51
CA LEU A 104 -14.53 -32.02 15.62
C LEU A 104 -14.97 -30.70 16.22
N ASP A 105 -16.20 -30.25 15.93
CA ASP A 105 -16.68 -28.99 16.49
C ASP A 105 -16.96 -29.06 17.99
N ASP A 106 -16.99 -30.26 18.60
CA ASP A 106 -17.17 -30.33 20.05
C ASP A 106 -15.90 -30.05 20.84
N MET A 107 -14.73 -29.95 20.19
CA MET A 107 -13.49 -29.92 20.96
C MET A 107 -13.29 -28.52 21.52
N GLN A 108 -13.00 -28.45 22.82
CA GLN A 108 -12.86 -27.20 23.52
C GLN A 108 -11.42 -26.76 23.68
N SER A 109 -10.47 -27.65 23.39
CA SER A 109 -9.07 -27.31 23.39
C SER A 109 -8.31 -28.40 22.64
N LEU A 110 -7.38 -27.98 21.80
CA LEU A 110 -6.50 -28.88 21.06
C LEU A 110 -5.07 -28.55 21.44
N ALA A 111 -4.32 -29.57 21.89
CA ALA A 111 -2.91 -29.44 22.22
C ALA A 111 -2.12 -30.37 21.32
N ALA A 112 -1.22 -29.81 20.52
CA ALA A 112 -0.55 -30.56 19.48
C ALA A 112 0.96 -30.34 19.57
N SER A 113 1.72 -31.36 19.21
CA SER A 113 3.17 -31.26 19.18
C SER A 113 3.72 -32.06 18.01
N SER A 114 4.90 -31.65 17.55
CA SER A 114 5.67 -32.44 16.59
C SER A 114 7.13 -32.06 16.74
N GLY A 115 8.00 -33.07 16.91
CA GLY A 115 9.44 -32.82 16.88
C GLY A 115 9.97 -32.53 15.48
N THR A 116 9.18 -32.84 14.46
CA THR A 116 9.48 -32.46 13.09
C THR A 116 8.34 -31.59 12.55
N SER A 117 8.12 -30.42 13.15
CA SER A 117 7.14 -29.50 12.59
C SER A 117 7.57 -29.09 11.18
N ASP A 118 6.57 -28.78 10.35
CA ASP A 118 6.86 -28.40 8.97
C ASP A 118 7.59 -27.07 8.90
N GLN A 119 7.44 -26.24 9.92
CA GLN A 119 7.98 -24.89 9.92
C GLN A 119 8.42 -24.57 11.33
N ILE A 120 9.07 -23.42 11.48
CA ILE A 120 9.45 -22.93 12.81
C ILE A 120 8.37 -22.01 13.38
N ILE A 121 7.82 -21.09 12.58
CA ILE A 121 6.68 -20.25 12.96
C ILE A 121 5.70 -20.39 11.79
N PRO A 122 4.40 -20.55 12.06
CA PRO A 122 3.67 -20.68 13.32
C PRO A 122 3.93 -22.01 14.03
N GLY A 123 3.47 -22.13 15.27
CA GLY A 123 3.52 -23.40 15.95
C GLY A 123 2.72 -24.46 15.22
N HIS A 124 3.12 -25.71 15.48
CA HIS A 124 2.51 -26.86 14.82
C HIS A 124 0.99 -26.93 15.04
N GLY A 125 0.50 -26.51 16.19
CA GLY A 125 -0.91 -26.73 16.51
C GLY A 125 -1.84 -25.89 15.65
N VAL A 126 -1.48 -24.63 15.40
CA VAL A 126 -2.37 -23.84 14.57
C VAL A 126 -2.36 -24.34 13.14
N MET A 127 -1.28 -25.00 12.71
CA MET A 127 -1.27 -25.57 11.37
C MET A 127 -2.16 -26.81 11.31
N VAL A 128 -2.19 -27.62 12.37
CA VAL A 128 -3.14 -28.74 12.43
C VAL A 128 -4.57 -28.23 12.42
N HIS A 129 -4.83 -27.14 13.15
CA HIS A 129 -6.15 -26.53 13.14
C HIS A 129 -6.52 -26.04 11.73
N GLY A 130 -5.56 -25.50 10.99
CA GLY A 130 -5.87 -25.09 9.65
C GLY A 130 -6.21 -26.26 8.75
N GLU A 131 -5.69 -27.46 9.07
CA GLU A 131 -6.04 -28.64 8.28
C GLU A 131 -7.40 -29.19 8.68
N LEU A 132 -7.69 -29.25 9.99
CA LEU A 132 -8.96 -29.82 10.47
C LEU A 132 -10.14 -28.92 10.10
N LYS A 133 -9.95 -27.61 10.14
CA LYS A 133 -10.96 -26.61 9.80
C LYS A 133 -12.17 -26.65 10.71
N ASN A 134 -12.03 -27.18 11.92
CA ASN A 134 -13.11 -27.09 12.90
C ASN A 134 -13.27 -25.65 13.36
N LYS A 135 -14.41 -25.36 13.99
CA LYS A 135 -14.74 -24.02 14.44
C LYS A 135 -13.64 -23.45 15.32
N PRO A 136 -13.50 -22.12 15.38
CA PRO A 136 -12.45 -21.51 16.22
C PRO A 136 -12.49 -22.07 17.63
N CYS A 137 -11.32 -22.42 18.14
CA CYS A 137 -11.21 -22.99 19.48
C CYS A 137 -9.81 -22.70 19.99
N GLU A 138 -9.57 -23.06 21.25
CA GLU A 138 -8.25 -22.95 21.84
C GLU A 138 -7.28 -23.95 21.19
N VAL A 139 -6.16 -23.46 20.67
CA VAL A 139 -5.10 -24.31 20.16
C VAL A 139 -3.80 -23.96 20.88
N ILE A 140 -3.11 -24.99 21.38
CA ILE A 140 -1.78 -24.82 21.96
C ILE A 140 -0.85 -25.82 21.30
N SER A 141 0.43 -25.44 21.22
CA SER A 141 1.48 -26.29 20.68
C SER A 141 2.52 -26.49 21.76
N THR A 142 2.91 -27.74 21.99
CA THR A 142 4.10 -28.00 22.78
C THR A 142 5.23 -28.44 21.86
N SER A 143 6.45 -28.36 22.38
CA SER A 143 7.59 -28.77 21.59
C SER A 143 8.57 -29.56 22.46
N GLY A 144 9.55 -30.16 21.80
CA GLY A 144 10.48 -31.11 22.37
C GLY A 144 10.53 -32.31 21.47
N ALA A 145 11.00 -33.43 22.02
CA ALA A 145 11.12 -34.62 21.20
C ALA A 145 10.10 -35.67 21.67
N CYS A 146 10.58 -36.87 22.05
CA CYS A 146 9.69 -37.98 22.36
C CYS A 146 8.73 -37.64 23.49
N ALA A 147 9.09 -36.73 24.40
CA ALA A 147 8.18 -36.44 25.51
C ALA A 147 7.09 -35.43 25.16
N ALA A 148 7.23 -34.71 24.04
CA ALA A 148 6.32 -33.62 23.74
C ALA A 148 4.88 -34.09 23.55
N GLY A 149 4.66 -35.32 23.08
CA GLY A 149 3.30 -35.82 23.02
C GLY A 149 2.68 -35.95 24.40
N MET A 150 3.52 -36.18 25.40
CA MET A 150 3.03 -36.29 26.76
C MET A 150 2.86 -34.95 27.44
N THR A 151 3.63 -33.91 27.04
CA THR A 151 3.32 -32.61 27.61
C THR A 151 2.09 -31.99 26.96
N ALA A 152 1.81 -32.35 25.69
CA ALA A 152 0.51 -32.00 25.13
C ALA A 152 -0.61 -32.74 25.86
N MET A 153 -0.41 -34.03 26.16
CA MET A 153 -1.47 -34.74 26.84
C MET A 153 -1.68 -34.19 28.24
N LYS A 154 -0.60 -33.81 28.94
CA LYS A 154 -0.81 -33.27 30.28
C LYS A 154 -1.48 -31.90 30.24
N TYR A 155 -1.15 -31.06 29.24
CA TYR A 155 -1.91 -29.82 29.09
C TYR A 155 -3.39 -30.11 28.97
N ALA A 156 -3.74 -31.05 28.09
CA ALA A 156 -5.13 -31.40 27.89
C ALA A 156 -5.73 -31.94 29.18
N TYR A 157 -4.97 -32.76 29.89
CA TYR A 157 -5.39 -33.32 31.16
C TYR A 157 -5.67 -32.23 32.19
N LEU A 158 -4.79 -31.21 32.28
CA LEU A 158 -5.03 -30.21 33.30
C LEU A 158 -6.19 -29.30 32.93
N SER A 159 -6.45 -29.16 31.64
CA SER A 159 -7.58 -28.33 31.21
C SER A 159 -8.89 -28.94 31.70
N VAL A 160 -9.04 -30.26 31.58
CA VAL A 160 -10.24 -30.93 32.04
C VAL A 160 -10.24 -31.09 33.55
N LEU A 161 -9.08 -31.46 34.12
CA LEU A 161 -8.98 -31.69 35.56
C LEU A 161 -9.38 -30.45 36.35
N SER A 162 -8.97 -29.28 35.88
CA SER A 162 -9.22 -28.02 36.59
C SER A 162 -10.61 -27.47 36.34
N GLY A 163 -11.40 -28.08 35.45
CA GLY A 163 -12.70 -27.55 35.09
C GLY A 163 -12.70 -26.46 34.05
N ALA A 164 -11.55 -26.07 33.52
CA ALA A 164 -11.53 -25.06 32.46
C ALA A 164 -12.29 -25.54 31.23
N THR A 165 -12.30 -26.84 30.96
CA THR A 165 -13.05 -27.39 29.85
C THR A 165 -13.65 -28.72 30.28
N SER A 166 -14.62 -29.19 29.49
CA SER A 166 -15.23 -30.50 29.68
C SER A 166 -14.52 -31.59 28.89
N ASN A 167 -13.88 -31.20 27.80
CA ASN A 167 -13.08 -32.12 27.02
C ASN A 167 -11.83 -31.38 26.55
N ALA A 168 -10.89 -32.15 26.01
CA ALA A 168 -9.73 -31.58 25.33
C ALA A 168 -9.11 -32.72 24.54
N VAL A 169 -8.50 -32.35 23.42
CA VAL A 169 -7.83 -33.30 22.54
C VAL A 169 -6.34 -33.01 22.59
N SER A 170 -5.54 -34.03 22.80
CA SER A 170 -4.10 -33.93 22.59
C SER A 170 -3.73 -34.74 21.36
N THR A 171 -2.69 -34.28 20.65
CA THR A 171 -2.27 -34.99 19.46
C THR A 171 -0.79 -34.73 19.22
N THR A 172 -0.16 -35.66 18.51
CA THR A 172 1.23 -35.51 18.20
C THR A 172 1.51 -36.25 16.88
N SER A 173 2.47 -35.72 16.11
CA SER A 173 2.82 -36.30 14.83
C SER A 173 4.31 -36.22 14.61
N GLU A 174 4.84 -37.19 13.85
CA GLU A 174 6.26 -37.23 13.53
C GLU A 174 6.45 -37.65 12.07
N VAL A 175 7.19 -36.85 11.30
CA VAL A 175 7.56 -37.22 9.94
C VAL A 175 9.06 -37.04 9.75
N PRO A 176 9.91 -37.72 10.53
CA PRO A 176 11.37 -37.56 10.35
C PRO A 176 11.87 -37.98 8.98
N SER A 177 11.10 -38.76 8.22
CA SER A 177 11.48 -39.04 6.84
C SER A 177 11.83 -37.76 6.08
N THR A 178 11.18 -36.64 6.43
CA THR A 178 11.47 -35.35 5.80
C THR A 178 12.94 -34.97 5.92
N VAL A 179 13.52 -35.21 7.09
CA VAL A 179 14.92 -34.84 7.35
C VAL A 179 15.85 -36.04 7.36
N LEU A 180 15.32 -37.27 7.28
CA LEU A 180 16.16 -38.46 7.20
C LEU A 180 16.53 -38.82 5.77
N HIS A 181 15.76 -38.38 4.79
CA HIS A 181 16.07 -38.68 3.40
C HIS A 181 17.46 -38.17 3.02
N ALA A 182 18.16 -38.96 2.19
CA ALA A 182 19.53 -38.67 1.79
C ALA A 182 19.73 -37.24 1.28
N ARG A 183 18.70 -36.64 0.68
CA ARG A 183 18.86 -35.29 0.15
C ARG A 183 19.29 -34.30 1.22
N ASN A 184 19.04 -34.60 2.49
CA ASN A 184 19.43 -33.74 3.61
C ASN A 184 20.92 -33.77 3.90
N PHE A 185 21.67 -34.64 3.23
CA PHE A 185 23.11 -34.71 3.42
C PHE A 185 23.87 -34.40 2.14
N GLN A 186 23.16 -33.96 1.10
CA GLN A 186 23.77 -33.86 -0.22
C GLN A 186 24.84 -32.78 -0.26
N SER A 187 24.53 -31.59 0.29
CA SER A 187 25.52 -30.49 0.24
C SER A 187 26.74 -30.80 1.10
N GLU A 188 26.58 -31.63 2.13
CA GLU A 188 27.72 -32.04 2.92
C GLU A 188 28.61 -32.99 2.12
N ASN A 189 28.00 -33.93 1.41
CA ASN A 189 28.75 -34.81 0.52
C ASN A 189 29.49 -34.00 -0.55
N GLU A 190 28.80 -33.06 -1.22
CA GLU A 190 29.46 -32.20 -2.19
C GLU A 190 30.61 -31.43 -1.57
N ALA A 191 30.41 -30.92 -0.35
CA ALA A 191 31.42 -30.09 0.29
C ALA A 191 32.70 -30.88 0.53
N ARG A 192 32.57 -32.15 0.87
CA ARG A 192 33.74 -32.95 1.18
C ARG A 192 34.42 -33.50 -0.07
N VAL A 193 33.66 -33.75 -1.13
CA VAL A 193 34.28 -34.10 -2.40
C VAL A 193 35.12 -32.94 -2.92
N ALA A 194 34.62 -31.71 -2.77
CA ALA A 194 35.42 -30.54 -3.13
C ALA A 194 36.64 -30.35 -2.23
N GLU A 195 36.72 -31.05 -1.11
CA GLU A 195 37.84 -30.93 -0.18
C GLU A 195 38.79 -32.13 -0.24
N LEU A 196 38.49 -33.15 -1.05
CA LEU A 196 39.28 -34.38 -1.14
C LEU A 196 39.30 -35.13 0.21
N GLU A 197 38.13 -35.64 0.58
CA GLU A 197 37.96 -36.33 1.85
C GLU A 197 38.31 -37.81 1.71
N ARG A 198 38.98 -38.35 2.73
CA ARG A 198 39.37 -39.77 2.75
C ARG A 198 38.15 -40.68 2.67
N ARG A 199 37.25 -40.58 3.66
CA ARG A 199 36.00 -41.30 3.68
C ARG A 199 34.86 -40.34 3.36
N PRO A 200 34.19 -40.38 2.04
CA PRO A 200 33.05 -39.50 1.77
C PRO A 200 31.77 -40.05 2.40
N GLU A 201 31.76 -40.10 3.74
CA GLU A 201 30.68 -40.68 4.51
C GLU A 201 30.24 -39.71 5.60
N ILE A 202 28.95 -39.73 5.90
CA ILE A 202 28.44 -38.90 6.99
C ILE A 202 28.74 -39.58 8.33
N ALA A 203 28.93 -38.77 9.35
CA ALA A 203 29.25 -39.27 10.67
C ALA A 203 28.18 -40.26 11.16
N PHE A 204 28.63 -41.24 11.96
CA PHE A 204 27.71 -42.18 12.55
C PHE A 204 26.60 -41.47 13.33
N GLU A 205 26.92 -40.35 13.99
CA GLU A 205 25.91 -39.64 14.76
C GLU A 205 24.80 -39.06 13.86
N LYS A 206 25.06 -38.86 12.56
CA LYS A 206 24.00 -38.49 11.64
C LYS A 206 23.32 -39.71 11.03
N ASP A 207 24.08 -40.75 10.66
CA ASP A 207 23.48 -41.88 9.98
C ASP A 207 22.65 -42.75 10.91
N PHE A 208 22.99 -42.77 12.20
CA PHE A 208 22.32 -43.66 13.17
C PHE A 208 20.81 -43.50 13.12
N LEU A 209 20.34 -42.27 13.23
CA LEU A 209 18.91 -42.05 13.39
C LEU A 209 18.13 -42.39 12.12
N ARG A 210 18.80 -42.38 10.95
CA ARG A 210 18.10 -42.70 9.69
C ARG A 210 17.50 -44.09 9.69
N TRP A 211 17.98 -45.00 10.53
CA TRP A 211 17.44 -46.35 10.62
C TRP A 211 16.72 -46.60 11.93
N MET A 212 16.53 -45.57 12.75
CA MET A 212 15.83 -45.67 14.03
C MET A 212 14.44 -45.06 13.98
N LEU A 213 14.32 -43.86 13.40
CA LEU A 213 13.14 -43.02 13.47
C LEU A 213 12.22 -43.21 12.26
N SER A 214 10.92 -43.20 12.49
CA SER A 214 9.98 -43.31 11.39
C SER A 214 8.73 -42.48 11.72
N ASP A 215 7.75 -42.57 10.84
CA ASP A 215 6.64 -41.63 10.80
C ASP A 215 5.38 -42.23 11.41
N GLY A 216 4.54 -41.37 11.98
CA GLY A 216 3.31 -41.81 12.59
C GLY A 216 2.67 -40.71 13.42
N ALA A 217 1.38 -40.83 13.73
CA ALA A 217 0.69 -39.82 14.53
C ALA A 217 -0.35 -40.49 15.44
N GLY A 218 -0.60 -39.86 16.59
CA GLY A 218 -1.70 -40.29 17.43
C GLY A 218 -2.46 -39.11 17.99
N ALA A 219 -3.67 -39.38 18.46
CA ALA A 219 -4.47 -38.37 19.15
C ALA A 219 -5.31 -39.04 20.23
N ALA A 220 -5.61 -38.28 21.27
CA ALA A 220 -6.45 -38.79 22.36
C ALA A 220 -7.50 -37.75 22.70
N LEU A 221 -8.69 -38.24 23.02
CA LEU A 221 -9.80 -37.41 23.51
C LEU A 221 -9.93 -37.61 25.01
N LEU A 222 -9.85 -36.52 25.76
CA LEU A 222 -9.98 -36.55 27.21
C LEU A 222 -11.30 -35.88 27.60
N GLU A 223 -12.05 -36.51 28.51
CA GLU A 223 -13.35 -35.99 28.93
C GLU A 223 -13.49 -36.12 30.44
N ASN A 224 -14.42 -35.36 31.02
CA ASN A 224 -14.58 -35.40 32.46
C ASN A 224 -15.56 -36.48 32.94
N LYS A 225 -16.08 -37.31 32.04
CA LYS A 225 -16.94 -38.46 32.34
C LYS A 225 -16.54 -39.62 31.44
N PRO A 226 -16.59 -40.86 31.93
CA PRO A 226 -16.32 -42.00 31.05
C PRO A 226 -17.43 -42.17 30.01
N ARG A 227 -17.08 -42.87 28.93
CA ARG A 227 -18.08 -43.24 27.94
C ARG A 227 -19.13 -44.15 28.58
N PRO A 228 -20.38 -44.10 28.10
CA PRO A 228 -21.38 -45.04 28.66
C PRO A 228 -21.02 -46.50 28.39
N ASP A 229 -20.79 -46.86 27.14
CA ASP A 229 -20.39 -48.21 26.76
C ASP A 229 -18.91 -48.24 26.40
N GLY A 230 -18.30 -49.41 26.53
CA GLY A 230 -16.90 -49.57 26.21
C GLY A 230 -15.99 -49.03 27.29
N VAL A 231 -14.70 -49.23 27.07
CA VAL A 231 -13.68 -48.94 28.06
C VAL A 231 -13.24 -47.46 27.97
N SER A 232 -13.07 -46.84 29.13
CA SER A 232 -12.38 -45.58 29.31
C SER A 232 -11.20 -45.79 30.24
N LEU A 233 -10.19 -44.92 30.13
CA LEU A 233 -9.00 -44.98 30.97
C LEU A 233 -8.94 -43.69 31.78
N ARG A 234 -9.19 -43.79 33.09
CA ARG A 234 -8.98 -42.66 33.96
C ARG A 234 -7.49 -42.36 34.10
N ILE A 235 -7.10 -41.10 33.88
CA ILE A 235 -5.75 -40.65 34.18
C ILE A 235 -5.71 -40.37 35.68
N ASP A 236 -4.94 -41.16 36.42
CA ASP A 236 -4.73 -40.82 37.83
C ASP A 236 -3.71 -39.71 37.99
N TRP A 237 -2.66 -39.70 37.19
CA TRP A 237 -1.66 -38.63 37.25
C TRP A 237 -0.72 -38.77 36.07
N ILE A 238 -0.08 -37.65 35.73
CA ILE A 238 1.03 -37.59 34.78
C ILE A 238 2.17 -36.84 35.48
N ASP A 239 3.26 -37.54 35.77
CA ASP A 239 4.42 -36.94 36.43
C ASP A 239 5.59 -36.88 35.44
N ILE A 240 6.26 -35.72 35.40
CA ILE A 240 7.32 -35.46 34.43
C ILE A 240 8.50 -34.86 35.16
N TYR A 241 9.69 -35.34 34.85
CA TYR A 241 10.92 -34.79 35.41
C TYR A 241 11.94 -34.60 34.31
N SER A 242 12.57 -33.42 34.30
CA SER A 242 13.71 -33.13 33.44
C SER A 242 15.00 -33.20 34.25
N PHE A 243 16.02 -33.87 33.71
CA PHE A 243 17.34 -33.89 34.33
C PHE A 243 18.34 -33.05 33.54
N ALA A 244 17.85 -32.06 32.79
CA ALA A 244 18.73 -31.21 31.98
C ALA A 244 19.63 -30.33 32.84
N ASN A 245 19.30 -30.15 34.12
CA ASN A 245 20.17 -29.38 34.99
C ASN A 245 21.60 -29.95 35.06
N GLU A 246 21.77 -31.26 34.89
CA GLU A 246 23.11 -31.85 34.95
C GLU A 246 23.48 -32.72 33.76
N GLN A 247 22.54 -33.09 32.90
CA GLN A 247 22.85 -33.89 31.72
C GLN A 247 23.01 -32.98 30.49
N GLU A 248 23.94 -33.37 29.61
CA GLU A 248 24.14 -32.67 28.35
C GLU A 248 23.03 -33.02 27.37
N THR A 249 22.84 -32.13 26.40
CA THR A 249 22.04 -32.45 25.23
C THR A 249 22.52 -33.75 24.61
N CYS A 250 21.59 -34.63 24.28
CA CYS A 250 21.93 -35.92 23.70
C CYS A 250 21.34 -36.15 22.32
N MET A 251 20.10 -35.71 22.06
CA MET A 251 19.54 -35.73 20.72
C MET A 251 19.23 -34.31 20.32
N TYR A 252 19.59 -33.94 19.09
CA TYR A 252 19.54 -32.53 18.69
C TYR A 252 19.41 -32.40 17.18
N SER A 253 18.81 -31.28 16.74
CA SER A 253 18.80 -30.87 15.33
C SER A 253 18.65 -29.36 15.29
N GLY A 254 19.05 -28.77 14.17
CA GLY A 254 19.14 -27.32 14.13
C GLY A 254 20.28 -26.80 14.97
N GLY A 255 21.39 -27.53 15.02
CA GLY A 255 22.52 -27.13 15.86
C GLY A 255 23.62 -28.16 15.78
N GLU A 256 24.70 -27.89 16.53
CA GLU A 256 25.85 -28.79 16.64
C GLU A 256 26.30 -28.83 18.08
N LYS A 257 26.57 -30.04 18.58
CA LYS A 257 27.14 -30.21 19.90
C LYS A 257 28.65 -29.95 19.83
N LEU A 258 29.14 -29.07 20.72
CA LEU A 258 30.55 -28.71 20.73
C LEU A 258 31.32 -29.66 21.66
N ALA A 259 32.64 -29.46 21.72
CA ALA A 259 33.51 -30.31 22.54
C ALA A 259 33.19 -30.21 24.02
N ASP A 260 32.82 -29.02 24.48
CA ASP A 260 32.49 -28.84 25.89
C ASP A 260 31.10 -29.35 26.25
N GLY A 261 30.40 -30.03 25.34
CA GLY A 261 29.07 -30.56 25.62
C GLY A 261 27.92 -29.60 25.41
N SER A 262 28.19 -28.32 25.14
CA SER A 262 27.13 -27.34 24.88
C SER A 262 26.64 -27.46 23.45
N LEU A 263 25.48 -26.87 23.18
CA LEU A 263 24.84 -26.92 21.87
C LEU A 263 24.94 -25.55 21.22
N LYS A 264 25.42 -25.51 19.98
CA LYS A 264 25.50 -24.28 19.21
C LYS A 264 24.33 -24.23 18.26
N GLY A 265 23.51 -23.17 18.36
CA GLY A 265 22.34 -23.05 17.53
C GLY A 265 22.68 -22.73 16.09
N TRP A 266 21.74 -23.12 15.21
CA TRP A 266 21.98 -22.96 13.78
C TRP A 266 22.22 -21.51 13.41
N ALA A 267 21.47 -20.58 14.01
CA ALA A 267 21.60 -19.17 13.64
C ALA A 267 22.94 -18.58 14.04
N GLN A 268 23.69 -19.23 14.93
CA GLN A 268 25.05 -18.83 15.26
C GLN A 268 26.09 -19.39 14.29
N MET A 269 25.67 -20.18 13.32
CA MET A 269 26.57 -20.69 12.30
C MET A 269 26.30 -20.02 10.97
N SER A 270 27.29 -20.05 10.09
CA SER A 270 27.14 -19.38 8.81
C SER A 270 26.22 -20.20 7.92
N GLN A 271 25.58 -19.51 6.98
CA GLN A 271 24.68 -20.19 6.04
C GLN A 271 25.41 -21.30 5.30
N ALA A 272 26.67 -21.07 4.93
CA ALA A 272 27.46 -22.11 4.26
C ALA A 272 27.64 -23.33 5.16
N ASP A 273 27.90 -23.11 6.46
CA ASP A 273 28.06 -24.24 7.35
C ASP A 273 26.76 -25.02 7.55
N TRP A 274 25.59 -24.36 7.46
CA TRP A 274 24.34 -25.13 7.57
C TRP A 274 24.34 -26.29 6.59
N LEU A 275 24.84 -26.04 5.39
CA LEU A 275 24.79 -27.06 4.35
C LEU A 275 25.98 -27.99 4.42
N ALA A 276 27.17 -27.43 4.63
CA ALA A 276 28.38 -28.23 4.71
C ALA A 276 28.38 -29.21 5.89
N TYR A 277 27.66 -28.89 6.98
CA TYR A 277 27.65 -29.76 8.16
C TYR A 277 26.29 -30.38 8.46
N SER A 278 25.30 -30.20 7.58
CA SER A 278 23.97 -30.80 7.75
C SER A 278 23.37 -30.44 9.12
N VAL A 279 23.44 -29.15 9.45
CA VAL A 279 23.04 -28.69 10.78
C VAL A 279 21.57 -28.98 11.08
N PHE A 280 20.70 -28.97 10.07
CA PHE A 280 19.27 -29.22 10.27
C PHE A 280 18.90 -30.69 10.26
N CYS A 281 19.86 -31.59 10.14
CA CYS A 281 19.53 -33.00 10.28
C CYS A 281 19.51 -33.38 11.77
N ILE A 282 18.89 -34.53 12.08
CA ILE A 282 18.80 -34.97 13.46
C ILE A 282 20.02 -35.80 13.82
N LYS A 283 20.63 -35.49 14.97
CA LYS A 283 21.85 -36.14 15.43
C LYS A 283 21.63 -36.70 16.83
N GLN A 284 22.41 -37.74 17.16
CA GLN A 284 22.37 -38.34 18.48
C GLN A 284 23.77 -38.65 18.95
N ASP A 285 24.10 -38.21 20.16
CA ASP A 285 25.34 -38.60 20.82
C ASP A 285 25.08 -39.97 21.44
N VAL A 286 25.37 -41.03 20.68
CA VAL A 286 24.94 -42.39 21.03
C VAL A 286 25.65 -42.90 22.29
N ARG A 287 26.92 -42.57 22.48
CA ARG A 287 27.58 -43.13 23.65
C ARG A 287 27.13 -42.43 24.93
N TYR A 288 26.77 -41.14 24.83
CA TYR A 288 26.19 -40.46 25.99
C TYR A 288 24.80 -40.99 26.28
N LEU A 289 24.01 -41.25 25.23
CA LEU A 289 22.75 -41.96 25.39
C LEU A 289 22.94 -43.26 26.16
N ASN A 290 23.81 -44.14 25.65
CA ASN A 290 23.97 -45.47 26.26
C ASN A 290 24.35 -45.36 27.73
N GLU A 291 25.27 -44.46 28.05
CA GLU A 291 25.74 -44.36 29.42
C GLU A 291 24.69 -43.81 30.37
N ARG A 292 23.80 -42.94 29.90
CA ARG A 292 22.96 -42.21 30.83
C ARG A 292 21.46 -42.39 30.67
N VAL A 293 20.98 -43.07 29.62
CA VAL A 293 19.55 -43.04 29.37
C VAL A 293 18.75 -43.79 30.45
N VAL A 294 19.29 -44.89 30.99
CA VAL A 294 18.48 -45.66 31.95
C VAL A 294 18.32 -44.87 33.23
N LYS A 295 19.42 -44.31 33.74
CA LYS A 295 19.36 -43.63 35.04
C LYS A 295 18.59 -42.32 34.97
N PHE A 296 18.78 -41.55 33.89
CA PHE A 296 18.23 -40.21 33.86
C PHE A 296 16.98 -40.07 32.98
N THR A 297 16.41 -41.17 32.48
CA THR A 297 15.02 -41.13 32.05
C THR A 297 14.11 -42.07 32.82
N LEU A 298 14.63 -43.17 33.41
CA LEU A 298 13.77 -44.09 34.15
C LEU A 298 14.03 -44.05 35.65
N THR A 299 15.23 -44.40 36.13
CA THR A 299 15.35 -44.71 37.56
C THR A 299 15.35 -43.47 38.44
N GLU A 300 16.08 -42.42 38.08
CA GLU A 300 16.00 -41.19 38.86
C GLU A 300 14.58 -40.64 38.96
N PRO A 301 13.82 -40.50 37.86
CA PRO A 301 12.44 -40.01 38.03
C PRO A 301 11.54 -41.01 38.72
N LEU A 302 11.66 -42.30 38.39
CA LEU A 302 10.69 -43.24 38.92
C LEU A 302 10.86 -43.44 40.42
N ARG A 303 12.11 -43.41 40.92
CA ARG A 303 12.27 -43.59 42.37
C ARG A 303 11.65 -42.44 43.14
N ARG A 304 11.76 -41.21 42.64
CA ARG A 304 11.05 -40.09 43.25
C ARG A 304 9.55 -40.32 43.24
N ILE A 305 9.01 -40.75 42.10
CA ILE A 305 7.56 -40.91 41.97
C ILE A 305 7.05 -42.03 42.87
N VAL A 306 7.80 -43.14 42.95
CA VAL A 306 7.37 -44.27 43.77
C VAL A 306 7.28 -43.86 45.24
N ALA A 307 8.29 -43.12 45.73
CA ALA A 307 8.26 -42.62 47.10
C ALA A 307 7.10 -41.65 47.30
N ASP A 308 7.05 -40.58 46.51
CA ASP A 308 6.06 -39.54 46.72
C ASP A 308 4.63 -40.05 46.59
N ARG A 309 4.38 -41.05 45.75
CA ARG A 309 3.01 -41.57 45.58
C ARG A 309 2.78 -42.93 46.24
N ASN A 310 3.79 -43.52 46.89
CA ASN A 310 3.68 -44.78 47.61
C ASN A 310 3.17 -45.91 46.70
N LEU A 311 3.95 -46.19 45.66
CA LEU A 311 3.55 -47.10 44.61
C LEU A 311 4.04 -48.52 44.86
N SER A 312 3.21 -49.50 44.52
CA SER A 312 3.60 -50.90 44.56
C SER A 312 3.74 -51.41 43.14
N SER A 313 4.90 -51.96 42.80
CA SER A 313 5.07 -52.51 41.46
C SER A 313 4.06 -53.63 41.21
N GLU A 314 3.63 -54.32 42.27
CA GLU A 314 2.67 -55.40 42.09
C GLU A 314 1.31 -54.89 41.65
N SER A 315 0.95 -53.66 42.05
CA SER A 315 -0.35 -53.14 41.64
C SER A 315 -0.42 -52.81 40.15
N ILE A 316 0.69 -52.86 39.42
CA ILE A 316 0.71 -52.50 38.00
C ILE A 316 0.36 -53.72 37.16
N ASP A 317 -0.75 -53.66 36.45
CA ASP A 317 -1.13 -54.76 35.57
C ASP A 317 -0.51 -54.65 34.18
N TRP A 318 -0.32 -53.44 33.67
CA TRP A 318 0.25 -53.21 32.35
C TRP A 318 1.34 -52.15 32.44
N PHE A 319 2.48 -52.43 31.81
CA PHE A 319 3.58 -51.49 31.72
C PHE A 319 3.81 -51.18 30.25
N LEU A 320 3.69 -49.89 29.89
CA LEU A 320 3.79 -49.44 28.50
C LEU A 320 5.05 -48.60 28.35
N PRO A 321 6.21 -49.20 28.06
CA PRO A 321 7.43 -48.41 27.90
C PRO A 321 7.74 -48.10 26.45
N ALA A 322 7.81 -46.81 26.10
CA ALA A 322 8.09 -46.37 24.73
C ALA A 322 9.60 -46.17 24.57
N TYR A 323 10.32 -47.28 24.50
CA TYR A 323 11.77 -47.26 24.67
C TYR A 323 12.55 -47.23 23.35
N SER A 324 11.87 -47.15 22.22
CA SER A 324 12.56 -46.78 20.98
C SER A 324 13.55 -47.79 20.40
N SER A 325 14.14 -48.67 21.20
CA SER A 325 15.04 -49.71 20.68
C SER A 325 15.04 -50.94 21.57
N GLU A 326 14.95 -52.13 20.96
CA GLU A 326 15.01 -53.38 21.74
C GLU A 326 16.29 -53.46 22.56
N TYR A 327 17.37 -52.84 22.10
CA TYR A 327 18.62 -52.84 22.86
C TYR A 327 18.42 -52.39 24.29
N PHE A 328 17.45 -51.51 24.54
CA PHE A 328 17.30 -50.95 25.88
C PHE A 328 16.26 -51.67 26.70
N ARG A 329 15.58 -52.65 26.12
CA ARG A 329 14.45 -53.27 26.79
C ARG A 329 14.87 -53.88 28.13
N MET A 330 15.87 -54.75 28.11
CA MET A 330 16.31 -55.36 29.36
C MET A 330 17.19 -54.42 30.17
N LYS A 331 17.76 -53.39 29.56
CA LYS A 331 18.46 -52.39 30.36
C LYS A 331 17.49 -51.60 31.22
N PHE A 332 16.36 -51.20 30.65
CA PHE A 332 15.33 -50.56 31.47
C PHE A 332 14.78 -51.50 32.52
N SER A 333 14.63 -52.79 32.18
CA SER A 333 14.15 -53.77 33.15
C SER A 333 15.09 -53.87 34.35
N GLU A 334 16.41 -53.96 34.08
CA GLU A 334 17.38 -53.94 35.18
C GLU A 334 17.27 -52.65 35.97
N GLY A 335 17.03 -51.52 35.29
CA GLY A 335 16.80 -50.28 36.00
C GLY A 335 15.66 -50.39 36.99
N LEU A 336 14.54 -50.99 36.57
CA LEU A 336 13.41 -51.22 37.48
C LEU A 336 13.84 -52.06 38.68
N ASP A 337 14.62 -53.12 38.44
CA ASP A 337 15.13 -53.95 39.53
C ASP A 337 15.94 -53.13 40.52
N ASP A 338 16.84 -52.29 40.01
CA ASP A 338 17.73 -51.49 40.86
C ASP A 338 16.97 -50.57 41.82
N ILE A 339 15.72 -50.24 41.54
CA ILE A 339 14.95 -49.36 42.40
C ILE A 339 13.78 -50.09 43.06
N ASN A 340 13.82 -51.42 43.08
CA ASN A 340 12.78 -52.25 43.73
C ASN A 340 11.42 -52.04 43.12
N PHE A 341 11.35 -51.90 41.79
CA PHE A 341 10.09 -51.71 41.12
C PHE A 341 9.99 -52.64 39.93
N SER A 342 10.35 -53.90 40.16
CA SER A 342 10.35 -54.92 39.12
C SER A 342 8.94 -55.12 38.57
N ILE A 343 8.87 -55.21 37.25
CA ILE A 343 7.66 -55.56 36.53
C ILE A 343 8.08 -56.62 35.54
N GLU A 344 7.43 -57.78 35.61
CA GLU A 344 7.83 -58.91 34.81
C GLU A 344 7.47 -58.69 33.35
N GLN A 345 8.24 -59.35 32.48
CA GLN A 345 8.11 -59.15 31.04
C GLN A 345 6.70 -59.40 30.53
N GLU A 346 5.96 -60.30 31.21
CA GLU A 346 4.61 -60.66 30.75
C GLU A 346 3.66 -59.46 30.78
N ARG A 347 3.92 -58.49 31.66
CA ARG A 347 3.07 -57.32 31.80
C ARG A 347 3.52 -56.13 30.96
N TRP A 348 4.60 -56.28 30.16
CA TRP A 348 5.10 -55.23 29.28
C TRP A 348 4.41 -55.29 27.92
N PHE A 349 3.80 -54.18 27.51
CA PHE A 349 3.13 -54.09 26.22
C PHE A 349 3.83 -53.07 25.34
N THR A 350 4.31 -53.51 24.17
CA THR A 350 4.92 -52.65 23.17
C THR A 350 4.56 -53.18 21.79
N ASN A 351 4.46 -52.27 20.83
CA ASN A 351 4.35 -52.64 19.43
C ASN A 351 5.40 -51.93 18.59
N LEU A 352 6.44 -51.39 19.26
CA LEU A 352 7.57 -50.74 18.59
C LEU A 352 8.08 -51.54 17.40
N THR A 353 8.09 -52.86 17.53
CA THR A 353 8.80 -53.70 16.59
C THR A 353 8.08 -53.76 15.23
N VAL A 354 6.76 -53.63 15.20
CA VAL A 354 6.02 -53.64 13.94
C VAL A 354 5.46 -52.28 13.56
N LYS A 355 5.41 -51.31 14.47
CA LYS A 355 4.94 -49.97 14.14
C LYS A 355 6.07 -49.00 13.85
N GLY A 356 7.26 -49.28 14.35
CA GLY A 356 8.39 -48.37 14.21
C GLY A 356 8.53 -47.45 15.42
N ASN A 357 9.68 -46.77 15.48
CA ASN A 357 9.91 -45.79 16.54
C ASN A 357 9.43 -44.44 16.00
N THR A 358 8.19 -44.10 16.34
CA THR A 358 7.58 -42.85 15.91
C THR A 358 7.73 -41.75 16.95
N GLY A 359 8.70 -41.86 17.84
CA GLY A 359 9.05 -40.77 18.71
C GLY A 359 7.90 -40.41 19.62
N SER A 360 7.55 -39.12 19.62
CA SER A 360 6.49 -38.65 20.51
C SER A 360 5.17 -39.37 20.27
N ALA A 361 4.96 -39.95 19.09
CA ALA A 361 3.70 -40.61 18.83
C ALA A 361 3.63 -42.04 19.38
N SER A 362 4.77 -42.62 19.79
CA SER A 362 4.81 -44.04 20.12
C SER A 362 3.82 -44.42 21.22
N ILE A 363 3.75 -43.62 22.29
CA ILE A 363 2.86 -43.94 23.40
C ILE A 363 1.41 -43.92 22.94
N TYR A 364 1.07 -43.00 22.03
CA TYR A 364 -0.30 -43.00 21.49
C TYR A 364 -0.57 -44.26 20.68
N ILE A 365 0.41 -44.68 19.88
CA ILE A 365 0.23 -45.84 19.02
C ILE A 365 0.18 -47.12 19.85
N MET A 366 0.89 -47.18 20.99
CA MET A 366 0.72 -48.31 21.89
C MET A 366 -0.63 -48.25 22.59
N LEU A 367 -1.02 -47.06 23.05
CA LEU A 367 -2.27 -46.91 23.78
C LEU A 367 -3.46 -47.23 22.89
N ASP A 368 -3.37 -46.80 21.62
CA ASP A 368 -4.40 -47.10 20.64
C ASP A 368 -4.64 -48.60 20.53
N GLU A 369 -3.56 -49.39 20.36
CA GLU A 369 -3.71 -50.82 20.17
C GLU A 369 -4.24 -51.50 21.43
N LEU A 370 -3.64 -51.20 22.58
CA LEU A 370 -4.07 -51.84 23.81
C LEU A 370 -5.52 -51.52 24.14
N MET A 371 -5.96 -50.30 23.86
CA MET A 371 -7.33 -49.95 24.22
C MET A 371 -8.33 -50.69 23.35
N LYS A 372 -7.98 -50.95 22.09
CA LYS A 372 -8.90 -51.61 21.16
C LYS A 372 -8.76 -53.12 21.15
N SER A 373 -7.77 -53.67 21.86
CA SER A 373 -7.45 -55.08 21.73
C SER A 373 -8.48 -55.98 22.40
N GLY A 374 -9.18 -55.47 23.40
CA GLY A 374 -10.03 -56.32 24.23
C GLY A 374 -9.30 -57.03 25.34
N LYS A 375 -8.06 -56.65 25.61
CA LYS A 375 -7.29 -57.26 26.70
C LYS A 375 -7.47 -56.56 28.03
N LEU A 376 -8.04 -55.35 28.04
CA LEU A 376 -8.14 -54.59 29.27
C LEU A 376 -9.38 -55.01 30.06
N LYS A 377 -9.24 -55.04 31.38
CA LYS A 377 -10.35 -55.39 32.25
C LYS A 377 -10.52 -54.27 33.28
N LYS A 378 -11.77 -54.02 33.68
CA LYS A 378 -12.03 -52.95 34.63
C LYS A 378 -11.18 -53.13 35.87
N ASP A 379 -10.63 -52.01 36.37
CA ASP A 379 -9.84 -51.84 37.58
C ASP A 379 -8.38 -52.16 37.36
N GLN A 380 -7.98 -52.66 36.20
CA GLN A 380 -6.57 -52.84 35.92
C GLN A 380 -5.86 -51.49 35.90
N ARG A 381 -4.59 -51.50 36.31
CA ARG A 381 -3.80 -50.28 36.41
C ARG A 381 -2.69 -50.34 35.37
N LEU A 382 -2.53 -49.25 34.60
CA LEU A 382 -1.53 -49.15 33.54
C LEU A 382 -0.53 -48.09 33.93
N LEU A 383 0.75 -48.40 33.78
CA LEU A 383 1.82 -47.44 34.01
C LEU A 383 2.55 -47.21 32.70
N CYS A 384 2.48 -45.97 32.21
CA CYS A 384 3.09 -45.56 30.95
C CYS A 384 4.39 -44.84 31.25
N PHE A 385 5.43 -45.18 30.50
CA PHE A 385 6.77 -44.62 30.66
C PHE A 385 7.21 -44.10 29.30
N ILE A 386 7.44 -42.80 29.22
CA ILE A 386 7.86 -42.16 27.97
C ILE A 386 9.22 -41.50 28.21
N PRO A 387 10.31 -42.17 27.91
CA PRO A 387 11.63 -41.55 28.03
C PRO A 387 11.89 -40.58 26.88
N GLU A 388 12.62 -39.51 27.19
CA GLU A 388 13.05 -38.57 26.16
C GLU A 388 14.55 -38.39 26.33
N SER A 389 15.31 -38.99 25.42
CA SER A 389 16.76 -38.86 25.47
C SER A 389 17.27 -37.49 25.05
N ALA A 390 16.43 -36.64 24.44
CA ALA A 390 16.91 -35.38 23.88
C ALA A 390 17.80 -34.63 24.88
N ARG A 391 17.25 -34.31 26.05
CA ARG A 391 18.10 -33.93 27.17
C ARG A 391 17.57 -34.56 28.47
N PHE A 392 17.16 -35.82 28.38
CA PHE A 392 16.87 -36.68 29.52
C PHE A 392 15.69 -36.20 30.36
N THR A 393 14.50 -36.48 29.86
CA THR A 393 13.24 -36.26 30.56
C THR A 393 12.58 -37.61 30.70
N GLY A 394 11.94 -37.85 31.82
CA GLY A 394 11.11 -39.04 31.94
C GLY A 394 9.70 -38.61 32.24
N ALA A 395 8.74 -39.12 31.48
CA ALA A 395 7.32 -38.81 31.67
C ALA A 395 6.57 -40.10 32.01
N PHE A 396 5.71 -40.03 33.01
CA PHE A 396 5.02 -41.20 33.51
C PHE A 396 3.55 -40.90 33.67
N MET A 397 2.71 -41.82 33.19
CA MET A 397 1.27 -41.68 33.30
C MET A 397 0.68 -42.93 33.95
N HIS A 398 -0.17 -42.73 34.95
CA HIS A 398 -0.87 -43.83 35.60
C HIS A 398 -2.34 -43.80 35.21
N LEU A 399 -2.83 -44.90 34.64
CA LEU A 399 -4.22 -45.03 34.23
C LEU A 399 -4.89 -46.19 34.95
N THR A 400 -6.19 -46.04 35.22
CA THR A 400 -7.06 -47.10 35.74
C THR A 400 -8.18 -47.38 34.75
N VAL A 401 -8.37 -48.65 34.38
CA VAL A 401 -9.45 -49.02 33.46
C VAL A 401 -10.80 -48.89 34.17
N VAL A 402 -11.77 -48.30 33.48
CA VAL A 402 -13.11 -48.12 34.08
C VAL A 402 -14.22 -48.42 33.08
N ASN B 24 -7.57 -21.32 43.57
CA ASN B 24 -7.10 -19.99 43.16
C ASN B 24 -5.62 -19.93 42.75
N VAL B 25 -5.32 -19.06 41.78
CA VAL B 25 -3.98 -18.88 41.23
C VAL B 25 -3.65 -17.39 41.22
N TYR B 26 -2.45 -17.06 41.70
CA TYR B 26 -2.00 -15.67 41.76
C TYR B 26 -0.63 -15.54 41.09
N ILE B 27 -0.48 -14.53 40.26
CA ILE B 27 0.84 -14.08 39.83
C ILE B 27 1.40 -13.28 41.00
N THR B 28 2.46 -13.80 41.62
CA THR B 28 3.08 -13.14 42.77
C THR B 28 4.38 -12.43 42.42
N LYS B 29 4.99 -12.77 41.30
CA LYS B 29 6.24 -12.12 40.90
C LYS B 29 6.36 -12.18 39.37
N VAL B 30 6.67 -11.07 38.76
CA VAL B 30 7.00 -11.00 37.35
C VAL B 30 8.37 -10.35 37.23
N SER B 31 9.14 -10.82 36.26
CA SER B 31 10.45 -10.23 36.01
C SER B 31 10.67 -10.19 34.52
N ALA B 32 11.34 -9.14 34.06
CA ALA B 32 11.69 -8.96 32.67
C ALA B 32 13.19 -8.79 32.57
N PHE B 33 13.77 -9.26 31.47
CA PHE B 33 15.19 -9.09 31.23
C PHE B 33 15.35 -8.58 29.81
N MET B 34 15.92 -7.39 29.67
CA MET B 34 16.23 -6.79 28.37
C MET B 34 17.73 -6.88 28.14
N PRO B 35 18.21 -7.52 27.06
CA PRO B 35 19.66 -7.65 26.87
C PRO B 35 20.30 -6.32 26.47
N GLY B 36 21.40 -5.99 27.13
CA GLY B 36 22.18 -4.80 26.86
C GLY B 36 21.38 -3.50 27.00
N ASN B 37 21.95 -2.45 26.38
CA ASN B 37 21.44 -1.10 26.44
C ASN B 37 20.36 -0.89 25.38
N PRO B 38 19.37 -0.04 25.67
CA PRO B 38 18.41 0.33 24.62
C PRO B 38 19.11 0.96 23.44
N ILE B 39 18.62 0.64 22.25
CA ILE B 39 19.22 1.05 20.99
C ILE B 39 18.22 1.91 20.23
N ASP B 40 18.66 3.09 19.79
CA ASP B 40 17.76 4.05 19.18
C ASP B 40 17.64 3.83 17.68
N ASN B 41 16.72 4.57 17.06
CA ASN B 41 16.41 4.41 15.64
C ASN B 41 17.60 4.70 14.75
N ASN B 42 18.49 5.62 15.17
CA ASN B 42 19.63 5.95 14.33
C ASN B 42 20.72 4.90 14.37
N THR B 43 20.77 4.07 15.43
CA THR B 43 21.82 3.09 15.62
C THR B 43 21.42 1.69 15.15
N MET B 44 20.12 1.41 15.05
CA MET B 44 19.71 0.00 15.00
C MET B 44 20.23 -0.68 13.74
N GLU B 45 20.25 0.02 12.61
CA GLU B 45 20.67 -0.63 11.38
C GLU B 45 22.15 -0.99 11.42
N SER B 46 22.96 -0.27 12.18
CA SER B 46 24.35 -0.65 12.24
C SER B 46 24.53 -1.91 13.08
N VAL B 47 23.63 -2.16 14.04
CA VAL B 47 23.69 -3.40 14.80
C VAL B 47 23.19 -4.57 13.96
N LEU B 48 22.21 -4.34 13.10
CA LEU B 48 21.62 -5.43 12.33
C LEU B 48 22.26 -5.66 10.97
N GLY B 49 23.08 -4.72 10.49
CA GLY B 49 23.86 -4.96 9.30
C GLY B 49 23.15 -4.52 8.03
N PHE B 50 23.96 -4.26 7.00
CA PHE B 50 23.47 -3.98 5.65
C PHE B 50 23.40 -5.28 4.86
N VAL B 51 22.34 -5.45 4.08
CA VAL B 51 22.27 -6.51 3.07
C VAL B 51 22.88 -5.96 1.80
N GLY B 52 23.88 -6.64 1.26
CA GLY B 52 24.47 -6.21 0.01
C GLY B 52 25.18 -4.86 0.04
N GLY B 53 25.65 -4.43 1.19
CA GLY B 53 26.31 -3.15 1.29
C GLY B 53 25.41 -1.93 1.29
N ARG B 54 24.08 -2.11 1.29
CA ARG B 54 23.19 -0.97 1.11
C ARG B 54 22.24 -0.81 2.28
N PRO B 55 22.02 0.41 2.77
CA PRO B 55 20.99 0.62 3.79
C PRO B 55 19.61 0.23 3.27
N SER B 56 18.74 -0.22 4.18
CA SER B 56 17.39 -0.59 3.77
C SER B 56 16.62 0.66 3.35
N ARG B 57 15.91 0.57 2.21
CA ARG B 57 15.09 1.67 1.76
C ARG B 57 13.74 1.73 2.48
N SER B 58 13.38 0.71 3.26
CA SER B 58 12.09 0.67 3.93
C SER B 58 12.18 0.93 5.43
N ARG B 59 13.39 0.92 6.01
CA ARG B 59 13.55 1.14 7.44
C ARG B 59 12.82 2.39 7.92
N HIS B 60 13.03 3.52 7.22
CA HIS B 60 12.49 4.79 7.68
C HIS B 60 10.96 4.73 7.84
N ILE B 61 10.26 4.30 6.79
CA ILE B 61 8.80 4.34 6.84
C ILE B 61 8.25 3.29 7.83
N VAL B 62 8.87 2.10 7.91
CA VAL B 62 8.43 1.10 8.88
C VAL B 62 8.56 1.65 10.30
N LEU B 63 9.65 2.37 10.57
CA LEU B 63 9.84 2.95 11.88
C LEU B 63 8.86 4.09 12.13
N ARG B 64 8.63 4.93 11.12
CA ARG B 64 7.68 6.00 11.29
C ARG B 64 6.30 5.45 11.67
N ASN B 65 5.92 4.33 11.06
CA ASN B 65 4.59 3.77 11.28
C ASN B 65 4.47 2.96 12.57
N ASN B 66 5.53 2.25 13.00
CA ASN B 66 5.38 1.46 14.23
C ASN B 66 5.65 2.28 15.49
N GLY B 67 6.31 3.42 15.38
CA GLY B 67 6.48 4.32 16.52
C GLY B 67 7.41 3.82 17.60
N ILE B 68 8.10 2.71 17.38
CA ILE B 68 9.03 2.23 18.38
C ILE B 68 10.27 3.12 18.36
N LYS B 69 10.69 3.60 19.54
CA LYS B 69 11.84 4.48 19.66
C LYS B 69 13.10 3.78 20.19
N TYR B 70 12.96 2.75 21.04
CA TYR B 70 14.09 1.98 21.51
C TYR B 70 13.74 0.51 21.48
N ARG B 71 14.78 -0.33 21.39
CA ARG B 71 14.64 -1.78 21.47
C ARG B 71 15.98 -2.36 21.91
N HIS B 72 15.98 -3.65 22.23
CA HIS B 72 17.19 -4.32 22.72
C HIS B 72 17.54 -5.51 21.82
N TYR B 73 18.83 -5.74 21.62
CA TYR B 73 19.31 -6.90 20.89
C TYR B 73 20.36 -7.64 21.73
N ALA B 74 20.28 -8.96 21.72
CA ALA B 74 21.30 -9.81 22.33
C ALA B 74 22.51 -9.90 21.40
N LEU B 75 23.08 -8.72 21.11
CA LEU B 75 24.21 -8.57 20.21
C LEU B 75 25.14 -7.53 20.79
N ASP B 76 26.43 -7.87 20.88
CA ASP B 76 27.41 -6.95 21.45
C ASP B 76 27.58 -5.73 20.55
N PRO B 77 27.46 -4.51 21.09
CA PRO B 77 27.58 -3.32 20.22
C PRO B 77 28.95 -3.19 19.60
N GLU B 78 29.99 -3.68 20.29
CA GLU B 78 31.35 -3.61 19.78
C GLU B 78 31.61 -4.73 18.77
N THR B 79 31.56 -5.99 19.24
CA THR B 79 32.03 -7.12 18.45
C THR B 79 30.96 -7.70 17.53
N GLY B 80 29.68 -7.47 17.79
CA GLY B 80 28.64 -8.14 17.03
C GLY B 80 28.38 -9.57 17.44
N GLU B 81 29.07 -10.07 18.45
CA GLU B 81 28.82 -11.41 18.97
C GLU B 81 27.47 -11.47 19.67
N ALA B 82 26.92 -12.67 19.74
CA ALA B 82 25.73 -12.90 20.54
C ALA B 82 26.09 -12.78 22.01
N THR B 83 25.28 -12.08 22.78
CA THR B 83 25.55 -11.91 24.21
C THR B 83 24.74 -12.87 25.07
N TYR B 84 23.65 -13.41 24.54
CA TYR B 84 22.80 -14.39 25.21
C TYR B 84 22.14 -15.25 24.14
N THR B 85 22.19 -16.55 24.31
CA THR B 85 21.28 -17.42 23.58
C THR B 85 19.86 -17.18 24.08
N SER B 86 18.86 -17.71 23.36
CA SER B 86 17.49 -17.59 23.83
C SER B 86 17.32 -18.30 25.17
N ALA B 87 17.96 -19.47 25.32
CA ALA B 87 17.93 -20.18 26.60
C ALA B 87 18.53 -19.34 27.72
N GLN B 88 19.66 -18.68 27.46
CA GLN B 88 20.24 -17.82 28.50
C GLN B 88 19.34 -16.62 28.78
N LEU B 89 18.75 -16.03 27.74
CA LEU B 89 17.88 -14.87 27.99
C LEU B 89 16.73 -15.26 28.91
N ALA B 90 16.07 -16.39 28.62
CA ALA B 90 14.99 -16.85 29.50
C ALA B 90 15.51 -17.14 30.90
N ALA B 91 16.74 -17.67 31.01
CA ALA B 91 17.26 -18.04 32.32
C ALA B 91 17.49 -16.79 33.17
N GLU B 92 17.93 -15.70 32.54
CA GLU B 92 18.10 -14.44 33.24
C GLU B 92 16.76 -13.91 33.75
N ALA B 93 15.70 -14.02 32.93
CA ALA B 93 14.37 -13.60 33.38
C ALA B 93 13.91 -14.43 34.57
N VAL B 94 14.06 -15.76 34.49
CA VAL B 94 13.62 -16.61 35.60
C VAL B 94 14.39 -16.29 36.88
N LYS B 95 15.70 -16.07 36.77
CA LYS B 95 16.47 -15.75 37.96
C LYS B 95 16.03 -14.44 38.60
N GLY B 96 15.41 -13.55 37.84
CA GLY B 96 14.83 -12.36 38.43
C GLY B 96 13.61 -12.61 39.32
N LEU B 97 13.07 -13.83 39.33
CA LEU B 97 11.97 -14.16 40.21
C LEU B 97 12.43 -14.51 41.62
N VAL B 98 13.74 -14.63 41.82
CA VAL B 98 14.29 -15.15 43.06
C VAL B 98 14.35 -14.03 44.09
N ASP B 99 13.62 -14.20 45.19
CA ASP B 99 13.74 -13.35 46.37
C ASP B 99 13.74 -14.28 47.57
N GLU B 100 13.55 -13.74 48.78
CA GLU B 100 13.62 -14.67 49.90
C GLU B 100 12.30 -15.40 50.15
N HIS B 101 11.28 -15.19 49.31
CA HIS B 101 10.11 -16.05 49.34
C HIS B 101 10.18 -17.17 48.31
N PHE B 102 11.18 -17.18 47.43
CA PHE B 102 11.23 -18.14 46.33
C PHE B 102 12.66 -18.30 45.85
N SER B 103 13.12 -19.53 45.79
CA SER B 103 14.38 -19.87 45.15
C SER B 103 14.10 -20.82 44.00
N LEU B 104 15.08 -20.92 43.10
CA LEU B 104 14.88 -21.69 41.87
C LEU B 104 14.52 -23.14 42.17
N ASP B 105 15.03 -23.68 43.27
CA ASP B 105 14.74 -25.08 43.60
C ASP B 105 13.34 -25.28 44.17
N ASP B 106 12.62 -24.22 44.52
CA ASP B 106 11.24 -24.39 44.96
C ASP B 106 10.28 -24.56 43.81
N MET B 107 10.76 -24.44 42.58
CA MET B 107 9.85 -24.39 41.45
C MET B 107 9.38 -25.79 41.10
N GLN B 108 8.07 -25.98 41.09
CA GLN B 108 7.52 -27.31 40.86
C GLN B 108 7.32 -27.61 39.38
N SER B 109 7.24 -26.58 38.54
CA SER B 109 6.99 -26.75 37.13
C SER B 109 7.51 -25.52 36.41
N LEU B 110 8.15 -25.76 35.27
CA LEU B 110 8.68 -24.70 34.42
C LEU B 110 8.07 -24.86 33.04
N ALA B 111 7.31 -23.86 32.60
CA ALA B 111 6.78 -23.83 31.24
C ALA B 111 7.48 -22.70 30.48
N ALA B 112 8.24 -23.07 29.45
CA ALA B 112 9.07 -22.13 28.72
C ALA B 112 8.65 -22.07 27.25
N SER B 113 8.82 -20.91 26.63
CA SER B 113 8.51 -20.79 25.21
C SER B 113 9.49 -19.84 24.56
N SER B 114 9.75 -20.08 23.28
CA SER B 114 10.50 -19.10 22.48
C SER B 114 10.15 -19.29 21.01
N GLY B 115 9.73 -18.20 20.36
CA GLY B 115 9.54 -18.24 18.93
C GLY B 115 10.83 -18.31 18.16
N THR B 116 11.93 -17.93 18.81
CA THR B 116 13.27 -18.03 18.24
C THR B 116 14.13 -18.95 19.11
N SER B 117 13.71 -20.19 19.28
CA SER B 117 14.54 -21.14 20.02
C SER B 117 15.89 -21.31 19.33
N ASP B 118 16.90 -21.65 20.13
CA ASP B 118 18.24 -21.79 19.59
C ASP B 118 18.36 -22.97 18.65
N GLN B 119 17.48 -23.95 18.78
CA GLN B 119 17.62 -25.19 18.06
C GLN B 119 16.22 -25.71 17.78
N ILE B 120 16.11 -26.71 16.92
CA ILE B 120 14.80 -27.34 16.69
C ILE B 120 14.53 -28.42 17.75
N ILE B 121 15.52 -29.26 18.03
CA ILE B 121 15.44 -30.26 19.09
C ILE B 121 16.74 -30.08 19.85
N PRO B 122 16.72 -30.13 21.20
CA PRO B 122 15.57 -30.31 22.10
C PRO B 122 14.67 -29.07 22.21
N GLY B 123 13.57 -29.24 22.96
CA GLY B 123 12.69 -28.13 23.24
C GLY B 123 13.38 -27.05 24.05
N HIS B 124 12.87 -25.83 23.89
CA HIS B 124 13.47 -24.66 24.50
C HIS B 124 13.55 -24.79 26.03
N GLY B 125 12.50 -25.34 26.64
CA GLY B 125 12.42 -25.40 28.09
C GLY B 125 13.55 -26.17 28.74
N VAL B 126 13.88 -27.35 28.21
CA VAL B 126 14.95 -28.13 28.82
C VAL B 126 16.30 -27.47 28.60
N MET B 127 16.43 -26.60 27.59
CA MET B 127 17.68 -25.85 27.49
C MET B 127 17.72 -24.75 28.55
N VAL B 128 16.58 -24.13 28.85
CA VAL B 128 16.53 -23.14 29.93
C VAL B 128 16.86 -23.81 31.26
N HIS B 129 16.32 -25.01 31.49
CA HIS B 129 16.65 -25.77 32.69
C HIS B 129 18.14 -26.10 32.74
N GLY B 130 18.73 -26.38 31.58
CA GLY B 130 20.16 -26.62 31.53
C GLY B 130 20.96 -25.39 31.94
N GLU B 131 20.48 -24.20 31.57
CA GLU B 131 21.16 -22.97 31.95
C GLU B 131 20.97 -22.68 33.43
N LEU B 132 19.75 -22.85 33.95
CA LEU B 132 19.51 -22.47 35.35
C LEU B 132 20.11 -23.47 36.33
N LYS B 133 20.15 -24.76 35.97
CA LYS B 133 20.78 -25.82 36.75
C LYS B 133 20.10 -26.03 38.10
N ASN B 134 18.85 -25.60 38.25
CA ASN B 134 18.10 -25.95 39.44
C ASN B 134 17.81 -27.45 39.47
N LYS B 135 17.32 -27.94 40.60
CA LYS B 135 17.12 -29.37 40.79
C LYS B 135 16.05 -29.93 39.84
N PRO B 136 16.09 -31.23 39.57
CA PRO B 136 15.15 -31.83 38.60
C PRO B 136 13.69 -31.53 38.91
N CYS B 137 12.95 -31.15 37.87
CA CYS B 137 11.56 -30.78 38.00
C CYS B 137 10.89 -30.93 36.65
N GLU B 138 9.58 -30.72 36.64
CA GLU B 138 8.80 -30.73 35.40
C GLU B 138 9.15 -29.52 34.55
N VAL B 139 9.41 -29.77 33.28
CA VAL B 139 9.76 -28.76 32.31
C VAL B 139 8.94 -29.06 31.08
N ILE B 140 8.14 -28.09 30.63
CA ILE B 140 7.47 -28.24 29.35
C ILE B 140 7.81 -27.05 28.47
N SER B 141 7.76 -27.27 27.16
CA SER B 141 7.97 -26.21 26.17
C SER B 141 6.69 -26.02 25.39
N THR B 142 6.24 -24.77 25.26
CA THR B 142 5.23 -24.44 24.27
C THR B 142 5.88 -23.72 23.10
N SER B 143 5.22 -23.73 21.95
CA SER B 143 5.78 -23.08 20.78
C SER B 143 4.69 -22.34 20.02
N GLY B 144 5.14 -21.58 19.04
CA GLY B 144 4.30 -20.63 18.37
C GLY B 144 5.01 -19.31 18.29
N ALA B 145 4.27 -18.21 18.35
CA ALA B 145 4.88 -16.90 18.24
C ALA B 145 4.42 -16.03 19.42
N CYS B 146 3.79 -14.89 19.13
CA CYS B 146 3.47 -13.91 20.16
C CYS B 146 2.60 -14.47 21.27
N ALA B 147 1.77 -15.48 20.98
CA ALA B 147 0.88 -16.00 22.01
C ALA B 147 1.47 -17.17 22.78
N ALA B 148 2.67 -17.63 22.42
CA ALA B 148 3.24 -18.81 23.05
C ALA B 148 3.62 -18.55 24.50
N GLY B 149 3.94 -17.31 24.85
CA GLY B 149 4.18 -16.98 26.24
C GLY B 149 2.92 -17.03 27.08
N MET B 150 1.77 -16.82 26.45
CA MET B 150 0.50 -16.98 27.14
C MET B 150 0.05 -18.43 27.20
N THR B 151 0.41 -19.26 26.21
CA THR B 151 0.06 -20.66 26.36
C THR B 151 0.96 -21.31 27.40
N ALA B 152 2.22 -20.88 27.51
CA ALA B 152 3.05 -21.33 28.62
C ALA B 152 2.51 -20.84 29.96
N MET B 153 2.02 -19.60 30.02
CA MET B 153 1.45 -19.15 31.27
C MET B 153 0.15 -19.88 31.60
N LYS B 154 -0.64 -20.26 30.58
CA LYS B 154 -1.85 -20.99 30.91
C LYS B 154 -1.52 -22.40 31.42
N TYR B 155 -0.53 -23.06 30.83
CA TYR B 155 -0.10 -24.35 31.38
C TYR B 155 0.23 -24.22 32.87
N ALA B 156 1.11 -23.28 33.21
CA ALA B 156 1.42 -22.98 34.61
C ALA B 156 0.15 -22.73 35.42
N TYR B 157 -0.72 -21.86 34.91
CA TYR B 157 -2.01 -21.56 35.56
C TYR B 157 -2.82 -22.82 35.83
N LEU B 158 -3.04 -23.64 34.80
CA LEU B 158 -3.79 -24.88 34.99
C LEU B 158 -3.11 -25.81 35.99
N SER B 159 -1.79 -25.82 36.01
CA SER B 159 -1.11 -26.69 36.96
C SER B 159 -1.43 -26.30 38.41
N VAL B 160 -1.43 -25.01 38.71
CA VAL B 160 -1.74 -24.58 40.07
C VAL B 160 -3.24 -24.65 40.32
N LEU B 161 -4.04 -24.24 39.33
CA LEU B 161 -5.50 -24.26 39.49
C LEU B 161 -6.00 -25.67 39.82
N SER B 162 -5.49 -26.67 39.13
CA SER B 162 -5.97 -28.04 39.28
C SER B 162 -5.50 -28.69 40.56
N GLY B 163 -4.53 -28.12 41.27
CA GLY B 163 -3.95 -28.76 42.42
C GLY B 163 -2.77 -29.65 42.12
N ALA B 164 -2.38 -29.80 40.85
CA ALA B 164 -1.23 -30.64 40.52
C ALA B 164 0.05 -30.10 41.17
N THR B 165 0.21 -28.78 41.21
CA THR B 165 1.31 -28.16 41.92
C THR B 165 0.78 -27.01 42.75
N SER B 166 1.59 -26.55 43.69
CA SER B 166 1.26 -25.34 44.43
C SER B 166 1.93 -24.10 43.86
N ASN B 167 2.98 -24.24 43.06
CA ASN B 167 3.53 -23.11 42.32
C ASN B 167 3.85 -23.56 40.90
N ALA B 168 4.17 -22.58 40.05
CA ALA B 168 4.61 -22.86 38.68
C ALA B 168 5.19 -21.58 38.10
N VAL B 169 6.16 -21.76 37.20
CA VAL B 169 6.86 -20.65 36.56
C VAL B 169 6.59 -20.76 35.06
N SER B 170 6.25 -19.64 34.44
CA SER B 170 6.20 -19.57 32.99
C SER B 170 7.19 -18.50 32.56
N THR B 171 7.90 -18.78 31.46
CA THR B 171 8.92 -17.87 30.99
C THR B 171 8.92 -17.92 29.48
N THR B 172 9.27 -16.80 28.86
CA THR B 172 9.37 -16.74 27.41
C THR B 172 10.51 -15.82 27.03
N SER B 173 11.16 -16.13 25.92
CA SER B 173 12.30 -15.35 25.48
C SER B 173 12.25 -15.19 23.97
N GLU B 174 12.77 -14.07 23.48
CA GLU B 174 12.81 -13.78 22.05
C GLU B 174 14.18 -13.22 21.72
N VAL B 175 14.88 -13.85 20.79
CA VAL B 175 16.09 -13.24 20.25
C VAL B 175 15.99 -13.21 18.72
N PRO B 176 15.02 -12.49 18.13
CA PRO B 176 14.96 -12.41 16.66
C PRO B 176 16.18 -11.80 16.01
N SER B 177 16.99 -11.04 16.76
CA SER B 177 18.25 -10.51 16.22
C SER B 177 19.07 -11.61 15.55
N THR B 178 19.04 -12.83 16.12
CA THR B 178 19.77 -13.95 15.52
C THR B 178 19.40 -14.13 14.06
N VAL B 179 18.11 -13.94 13.71
CA VAL B 179 17.63 -14.18 12.35
C VAL B 179 17.34 -12.91 11.58
N LEU B 180 17.30 -11.76 12.23
CA LEU B 180 17.12 -10.48 11.53
C LEU B 180 18.41 -9.87 11.02
N HIS B 181 19.55 -10.30 11.57
CA HIS B 181 20.82 -9.78 11.13
C HIS B 181 21.02 -10.04 9.65
N ALA B 182 21.66 -9.08 8.99
CA ALA B 182 21.87 -9.09 7.53
C ALA B 182 22.49 -10.39 7.03
N ARG B 183 23.39 -10.98 7.80
CA ARG B 183 23.98 -12.27 7.41
C ARG B 183 22.93 -13.32 7.08
N ASN B 184 21.69 -13.18 7.56
CA ASN B 184 20.67 -14.15 7.20
C ASN B 184 20.14 -13.98 5.78
N PHE B 185 20.57 -12.93 5.07
CA PHE B 185 20.20 -12.69 3.69
C PHE B 185 21.41 -12.66 2.76
N GLN B 186 22.57 -13.11 3.25
CA GLN B 186 23.81 -13.06 2.48
C GLN B 186 23.69 -13.89 1.19
N SER B 187 23.25 -15.14 1.30
CA SER B 187 23.19 -16.00 0.12
C SER B 187 22.06 -15.60 -0.84
N GLU B 188 20.95 -15.05 -0.33
CA GLU B 188 19.92 -14.55 -1.23
C GLU B 188 20.41 -13.36 -2.03
N ASN B 189 21.10 -12.42 -1.38
CA ASN B 189 21.65 -11.31 -2.12
C ASN B 189 22.61 -11.80 -3.22
N GLU B 190 23.50 -12.75 -2.89
CA GLU B 190 24.39 -13.32 -3.89
C GLU B 190 23.63 -13.97 -5.03
N ALA B 191 22.58 -14.73 -4.70
CA ALA B 191 21.83 -15.37 -5.77
C ALA B 191 21.11 -14.36 -6.65
N ARG B 192 20.64 -13.25 -6.04
CA ARG B 192 19.96 -12.21 -6.81
C ARG B 192 20.95 -11.47 -7.69
N VAL B 193 22.17 -11.24 -7.19
CA VAL B 193 23.21 -10.63 -8.01
C VAL B 193 23.59 -11.55 -9.15
N ALA B 194 23.70 -12.86 -8.90
CA ALA B 194 24.11 -13.78 -9.94
C ALA B 194 23.00 -14.03 -10.96
N GLU B 195 21.73 -13.86 -10.58
CA GLU B 195 20.64 -14.01 -11.54
C GLU B 195 20.41 -12.74 -12.33
N LEU B 196 21.23 -11.71 -12.10
CA LEU B 196 21.16 -10.45 -12.85
C LEU B 196 19.84 -9.73 -12.60
N GLU B 197 19.39 -9.73 -11.34
CA GLU B 197 18.19 -8.98 -10.99
C GLU B 197 18.47 -7.49 -11.15
N ARG B 198 17.55 -6.79 -11.82
CA ARG B 198 17.56 -5.32 -11.81
C ARG B 198 17.71 -4.80 -10.39
N ARG B 199 16.95 -5.35 -9.46
CA ARG B 199 17.00 -4.92 -8.07
C ARG B 199 17.48 -6.06 -7.20
N PRO B 200 18.70 -6.01 -6.65
CA PRO B 200 19.17 -7.09 -5.78
C PRO B 200 18.63 -7.03 -4.36
N GLU B 201 17.96 -5.95 -3.99
CA GLU B 201 17.40 -5.83 -2.64
C GLU B 201 16.45 -7.00 -2.33
N ILE B 202 16.40 -7.38 -1.05
CA ILE B 202 15.41 -8.40 -0.65
C ILE B 202 14.01 -7.79 -0.67
N ALA B 203 13.01 -8.67 -0.77
CA ALA B 203 11.62 -8.23 -0.82
C ALA B 203 11.19 -7.62 0.53
N PHE B 204 10.23 -6.68 0.44
CA PHE B 204 9.66 -6.08 1.64
C PHE B 204 9.15 -7.14 2.63
N GLU B 205 8.59 -8.25 2.12
CA GLU B 205 8.10 -9.30 3.00
C GLU B 205 9.20 -9.85 3.91
N LYS B 206 10.46 -9.80 3.46
CA LYS B 206 11.59 -10.27 4.26
C LYS B 206 12.26 -9.15 5.03
N ASP B 207 12.21 -7.90 4.54
CA ASP B 207 12.91 -6.83 5.23
C ASP B 207 12.07 -6.22 6.35
N PHE B 208 10.74 -6.32 6.23
CA PHE B 208 9.79 -5.63 7.12
C PHE B 208 10.08 -5.90 8.58
N LEU B 209 10.15 -7.18 8.96
CA LEU B 209 10.24 -7.48 10.38
C LEU B 209 11.59 -7.12 10.99
N ARG B 210 12.60 -6.82 10.16
CA ARG B 210 13.91 -6.43 10.70
C ARG B 210 13.83 -5.15 11.51
N TRP B 211 12.85 -4.29 11.21
CA TRP B 211 12.67 -3.05 11.95
C TRP B 211 11.56 -3.16 12.99
N MET B 212 10.84 -4.29 13.03
CA MET B 212 9.71 -4.50 13.93
C MET B 212 10.08 -5.26 15.19
N LEU B 213 10.76 -6.40 15.04
CA LEU B 213 10.96 -7.33 16.16
C LEU B 213 12.28 -7.07 16.87
N SER B 214 12.28 -7.30 18.19
CA SER B 214 13.50 -7.13 18.96
C SER B 214 13.49 -8.14 20.11
N ASP B 215 14.53 -8.04 20.95
CA ASP B 215 14.87 -9.07 21.91
C ASP B 215 14.43 -8.71 23.32
N GLY B 216 14.11 -9.74 24.09
CA GLY B 216 13.79 -9.58 25.50
C GLY B 216 13.17 -10.85 26.01
N ALA B 217 13.07 -10.92 27.33
CA ALA B 217 12.59 -12.13 27.98
C ALA B 217 11.82 -11.75 29.23
N GLY B 218 10.89 -12.62 29.62
CA GLY B 218 10.16 -12.42 30.84
C GLY B 218 9.81 -13.75 31.48
N ALA B 219 9.41 -13.66 32.74
CA ALA B 219 8.99 -14.83 33.50
C ALA B 219 8.02 -14.38 34.57
N ALA B 220 7.22 -15.33 35.05
CA ALA B 220 6.21 -15.04 36.05
C ALA B 220 6.13 -16.23 37.01
N LEU B 221 5.93 -15.90 38.28
CA LEU B 221 5.77 -16.88 39.33
C LEU B 221 4.29 -16.94 39.72
N LEU B 222 3.71 -18.14 39.66
CA LEU B 222 2.30 -18.40 39.94
C LEU B 222 2.21 -19.29 41.16
N GLU B 223 1.32 -18.95 42.10
CA GLU B 223 1.20 -19.72 43.34
C GLU B 223 -0.26 -19.74 43.76
N ASN B 224 -0.59 -20.68 44.63
CA ASN B 224 -1.99 -20.84 45.03
C ASN B 224 -2.38 -19.93 46.18
N LYS B 225 -1.45 -19.14 46.71
CA LYS B 225 -1.76 -18.11 47.69
C LYS B 225 -1.13 -16.78 47.26
N PRO B 226 -1.75 -15.66 47.60
CA PRO B 226 -1.13 -14.37 47.30
C PRO B 226 0.08 -14.14 48.18
N ARG B 227 0.81 -13.11 47.84
CA ARG B 227 1.96 -12.75 48.66
C ARG B 227 1.53 -11.87 49.81
N PRO B 228 2.06 -12.15 51.00
CA PRO B 228 1.74 -11.31 52.16
C PRO B 228 2.06 -9.84 51.93
N ASP B 229 3.30 -9.55 51.53
CA ASP B 229 3.72 -8.22 51.12
C ASP B 229 3.21 -7.87 49.73
N GLY B 230 3.20 -6.57 49.43
CA GLY B 230 2.97 -6.07 48.09
C GLY B 230 1.75 -6.57 47.33
N VAL B 231 1.78 -6.40 46.01
CA VAL B 231 0.67 -6.72 45.13
C VAL B 231 0.82 -8.14 44.60
N SER B 232 -0.29 -8.87 44.60
CA SER B 232 -0.44 -10.11 43.84
C SER B 232 -1.59 -9.94 42.86
N LEU B 233 -1.51 -10.66 41.75
CA LEU B 233 -2.52 -10.59 40.69
C LEU B 233 -3.19 -11.95 40.56
N ARG B 234 -4.45 -12.03 40.98
CA ARG B 234 -5.18 -13.28 40.83
C ARG B 234 -5.56 -13.47 39.37
N ILE B 235 -5.30 -14.65 38.84
CA ILE B 235 -5.73 -14.98 37.48
C ILE B 235 -7.17 -15.47 37.55
N ASP B 236 -8.09 -14.68 36.98
CA ASP B 236 -9.49 -15.11 36.96
C ASP B 236 -9.74 -16.08 35.81
N TRP B 237 -9.09 -15.89 34.68
CA TRP B 237 -9.16 -16.81 33.54
C TRP B 237 -8.17 -16.39 32.46
N ILE B 238 -7.90 -17.32 31.56
CA ILE B 238 -7.09 -17.10 30.34
C ILE B 238 -7.84 -17.82 29.23
N ASP B 239 -8.36 -17.05 28.27
CA ASP B 239 -9.15 -17.58 27.17
C ASP B 239 -8.38 -17.37 25.87
N ILE B 240 -8.36 -18.40 25.01
CA ILE B 240 -7.51 -18.38 23.83
C ILE B 240 -8.32 -18.92 22.66
N TYR B 241 -8.30 -18.21 21.53
CA TYR B 241 -8.99 -18.65 20.34
C TYR B 241 -8.06 -18.56 19.14
N SER B 242 -8.00 -19.63 18.36
CA SER B 242 -7.30 -19.69 17.09
C SER B 242 -8.30 -19.60 15.95
N PHE B 243 -8.03 -18.76 14.94
CA PHE B 243 -8.87 -18.68 13.76
C PHE B 243 -8.17 -19.24 12.53
N ALA B 244 -7.25 -20.21 12.73
CA ALA B 244 -6.53 -20.79 11.61
C ALA B 244 -7.42 -21.70 10.75
N ASN B 245 -8.58 -22.12 11.26
CA ASN B 245 -9.52 -22.86 10.43
C ASN B 245 -9.92 -22.08 9.18
N GLU B 246 -9.89 -20.75 9.23
CA GLU B 246 -10.34 -19.94 8.11
C GLU B 246 -9.31 -18.93 7.62
N GLN B 247 -8.26 -18.63 8.38
CA GLN B 247 -7.25 -17.67 7.97
C GLN B 247 -5.97 -18.37 7.53
N GLU B 248 -5.33 -17.82 6.52
CA GLU B 248 -4.03 -18.27 6.04
C GLU B 248 -2.93 -17.90 7.04
N THR B 249 -1.84 -18.66 6.99
CA THR B 249 -0.61 -18.24 7.65
C THR B 249 -0.22 -16.82 7.24
N CYS B 250 0.20 -16.04 8.23
CA CYS B 250 0.51 -14.63 8.03
C CYS B 250 1.94 -14.26 8.42
N MET B 251 2.43 -14.75 9.56
CA MET B 251 3.84 -14.61 9.92
C MET B 251 4.43 -16.00 9.97
N TYR B 252 5.61 -16.19 9.36
CA TYR B 252 6.11 -17.54 9.14
C TYR B 252 7.62 -17.53 8.96
N SER B 253 8.27 -18.60 9.39
CA SER B 253 9.70 -18.82 9.14
C SER B 253 9.97 -20.30 9.10
N GLY B 254 11.08 -20.66 8.47
CA GLY B 254 11.29 -22.06 8.13
C GLY B 254 10.31 -22.56 7.11
N GLY B 255 9.97 -21.75 6.11
CA GLY B 255 9.05 -22.14 5.06
C GLY B 255 8.73 -20.95 4.17
N GLU B 256 7.94 -21.23 3.11
CA GLU B 256 7.54 -20.22 2.14
C GLU B 256 6.04 -20.28 1.92
N LYS B 257 5.41 -19.11 1.78
CA LYS B 257 3.98 -19.04 1.54
C LYS B 257 3.74 -19.02 0.03
N LEU B 258 3.00 -20.02 -0.45
CA LEU B 258 2.72 -20.22 -1.85
C LEU B 258 1.56 -19.33 -2.32
N ALA B 259 1.34 -19.34 -3.64
CA ALA B 259 0.29 -18.51 -4.24
C ALA B 259 -1.11 -18.90 -3.78
N ASP B 260 -1.34 -20.18 -3.44
CA ASP B 260 -2.66 -20.58 -2.96
C ASP B 260 -2.87 -20.28 -1.48
N GLY B 261 -1.93 -19.59 -0.84
CA GLY B 261 -2.07 -19.24 0.56
C GLY B 261 -1.58 -20.29 1.54
N SER B 262 -1.18 -21.47 1.07
CA SER B 262 -0.63 -22.50 1.95
C SER B 262 0.86 -22.26 2.22
N LEU B 263 1.39 -22.97 3.22
CA LEU B 263 2.77 -22.81 3.64
C LEU B 263 3.54 -24.08 3.30
N LYS B 264 4.69 -23.91 2.65
CA LYS B 264 5.54 -25.02 2.27
C LYS B 264 6.71 -25.06 3.24
N GLY B 265 6.86 -26.17 3.96
CA GLY B 265 7.91 -26.27 4.96
C GLY B 265 9.30 -26.40 4.37
N TRP B 266 10.29 -25.92 5.13
CA TRP B 266 11.68 -25.90 4.68
C TRP B 266 12.16 -27.26 4.17
N ALA B 267 11.78 -28.36 4.84
CA ALA B 267 12.30 -29.66 4.42
C ALA B 267 11.77 -30.12 3.07
N GLN B 268 10.72 -29.49 2.55
CA GLN B 268 10.22 -29.79 1.21
C GLN B 268 10.94 -29.01 0.13
N MET B 269 11.84 -28.11 0.50
CA MET B 269 12.61 -27.35 -0.45
C MET B 269 14.06 -27.82 -0.44
N SER B 270 14.74 -27.59 -1.56
CA SER B 270 16.11 -28.02 -1.68
C SER B 270 17.01 -27.24 -0.72
N GLN B 271 18.17 -27.81 -0.45
CA GLN B 271 19.15 -27.12 0.39
C GLN B 271 19.58 -25.82 -0.26
N ALA B 272 19.74 -25.81 -1.58
CA ALA B 272 20.14 -24.59 -2.27
C ALA B 272 19.07 -23.51 -2.12
N ASP B 273 17.79 -23.90 -2.16
CA ASP B 273 16.72 -22.92 -2.00
C ASP B 273 16.63 -22.34 -0.60
N TRP B 274 17.01 -23.10 0.44
CA TRP B 274 17.07 -22.52 1.80
C TRP B 274 17.91 -21.26 1.80
N LEU B 275 19.04 -21.29 1.11
CA LEU B 275 19.96 -20.16 1.12
C LEU B 275 19.53 -19.11 0.10
N ALA B 276 19.18 -19.55 -1.12
CA ALA B 276 18.84 -18.62 -2.20
C ALA B 276 17.59 -17.80 -1.88
N TYR B 277 16.68 -18.34 -1.06
CA TYR B 277 15.45 -17.64 -0.74
C TYR B 277 15.29 -17.30 0.73
N SER B 278 16.32 -17.52 1.55
CA SER B 278 16.30 -17.19 2.98
C SER B 278 15.09 -17.79 3.69
N VAL B 279 14.84 -19.09 3.43
CA VAL B 279 13.68 -19.79 3.96
C VAL B 279 13.59 -19.69 5.48
N PHE B 280 14.73 -19.59 6.17
CA PHE B 280 14.76 -19.56 7.63
C PHE B 280 14.68 -18.16 8.22
N CYS B 281 14.50 -17.13 7.39
CA CYS B 281 14.22 -15.81 7.92
C CYS B 281 12.72 -15.68 8.26
N ILE B 282 12.41 -14.73 9.14
CA ILE B 282 11.02 -14.46 9.53
C ILE B 282 10.36 -13.56 8.51
N LYS B 283 9.23 -13.99 7.99
CA LYS B 283 8.51 -13.25 6.96
C LYS B 283 7.12 -12.91 7.45
N GLN B 284 6.52 -11.89 6.83
CA GLN B 284 5.17 -11.50 7.13
C GLN B 284 4.45 -11.13 5.85
N ASP B 285 3.25 -11.67 5.67
CA ASP B 285 2.35 -11.26 4.59
C ASP B 285 1.67 -9.97 5.07
N VAL B 286 2.23 -8.83 4.70
CA VAL B 286 1.85 -7.58 5.36
C VAL B 286 0.44 -7.15 4.93
N ARG B 287 0.09 -7.39 3.66
CA ARG B 287 -1.26 -7.04 3.22
C ARG B 287 -2.31 -7.89 3.92
N TYR B 288 -2.04 -9.19 4.10
CA TYR B 288 -3.00 -10.04 4.78
C TYR B 288 -3.14 -9.63 6.25
N LEU B 289 -2.02 -9.27 6.87
CA LEU B 289 -2.01 -8.77 8.24
C LEU B 289 -2.89 -7.54 8.42
N ASN B 290 -2.65 -6.49 7.62
CA ASN B 290 -3.42 -5.27 7.73
C ASN B 290 -4.90 -5.53 7.56
N GLU B 291 -5.25 -6.39 6.61
CA GLU B 291 -6.65 -6.63 6.32
C GLU B 291 -7.36 -7.40 7.45
N ARG B 292 -6.65 -8.25 8.19
CA ARG B 292 -7.32 -9.25 9.02
C ARG B 292 -6.97 -9.28 10.50
N VAL B 293 -5.95 -8.53 10.96
CA VAL B 293 -5.44 -8.79 12.30
C VAL B 293 -6.41 -8.29 13.38
N VAL B 294 -7.08 -7.14 13.15
CA VAL B 294 -7.98 -6.61 14.16
C VAL B 294 -9.15 -7.56 14.37
N LYS B 295 -9.79 -7.96 13.27
CA LYS B 295 -10.96 -8.81 13.36
C LYS B 295 -10.63 -10.19 13.92
N PHE B 296 -9.54 -10.80 13.46
CA PHE B 296 -9.30 -12.19 13.79
C PHE B 296 -8.30 -12.41 14.90
N THR B 297 -7.77 -11.34 15.52
CA THR B 297 -7.10 -11.53 16.82
C THR B 297 -7.81 -10.81 17.94
N LEU B 298 -8.66 -9.83 17.66
CA LEU B 298 -9.31 -9.09 18.72
C LEU B 298 -10.83 -9.24 18.71
N THR B 299 -11.53 -8.79 17.66
CA THR B 299 -12.99 -8.66 17.79
C THR B 299 -13.69 -10.02 17.75
N GLU B 300 -13.30 -10.93 16.85
CA GLU B 300 -13.95 -12.25 16.82
C GLU B 300 -13.75 -13.03 18.11
N PRO B 301 -12.53 -13.13 18.69
CA PRO B 301 -12.40 -13.83 19.97
C PRO B 301 -13.03 -13.07 21.14
N LEU B 302 -12.76 -11.77 21.25
CA LEU B 302 -13.25 -11.04 22.42
C LEU B 302 -14.78 -10.98 22.47
N ARG B 303 -15.46 -10.92 21.33
CA ARG B 303 -16.92 -10.90 21.40
C ARG B 303 -17.48 -12.24 21.85
N ARG B 304 -16.83 -13.36 21.51
CA ARG B 304 -17.20 -14.65 22.13
C ARG B 304 -17.00 -14.59 23.64
N ILE B 305 -15.84 -14.11 24.07
CA ILE B 305 -15.52 -14.06 25.50
C ILE B 305 -16.46 -13.12 26.24
N VAL B 306 -16.74 -11.95 25.64
CA VAL B 306 -17.62 -10.99 26.29
C VAL B 306 -19.00 -11.59 26.50
N ALA B 307 -19.50 -12.30 25.49
CA ALA B 307 -20.81 -12.92 25.58
C ALA B 307 -20.80 -14.05 26.61
N ASP B 308 -19.80 -14.94 26.54
CA ASP B 308 -19.77 -16.12 27.41
C ASP B 308 -19.50 -15.78 28.87
N ARG B 309 -18.86 -14.66 29.17
CA ARG B 309 -18.52 -14.34 30.55
C ARG B 309 -19.26 -13.10 31.04
N ASN B 310 -20.20 -12.58 30.25
CA ASN B 310 -21.01 -11.42 30.60
C ASN B 310 -20.14 -10.25 31.05
N LEU B 311 -19.21 -9.82 30.19
CA LEU B 311 -18.26 -8.81 30.58
C LEU B 311 -18.75 -7.42 30.19
N SER B 312 -18.37 -6.44 30.98
CA SER B 312 -18.67 -5.04 30.68
C SER B 312 -17.35 -4.30 30.68
N SER B 313 -17.07 -3.56 29.61
CA SER B 313 -15.80 -2.85 29.55
C SER B 313 -15.69 -1.79 30.63
N GLU B 314 -16.83 -1.34 31.18
CA GLU B 314 -16.82 -0.43 32.33
C GLU B 314 -16.12 -1.04 33.53
N SER B 315 -16.10 -2.36 33.65
CA SER B 315 -15.48 -3.03 34.79
C SER B 315 -13.97 -3.18 34.66
N ILE B 316 -13.37 -2.79 33.54
CA ILE B 316 -11.94 -2.93 33.33
C ILE B 316 -11.25 -1.66 33.76
N ASP B 317 -10.33 -1.77 34.71
CA ASP B 317 -9.52 -0.64 35.14
C ASP B 317 -8.25 -0.49 34.31
N TRP B 318 -7.63 -1.60 33.92
CA TRP B 318 -6.41 -1.57 33.12
C TRP B 318 -6.57 -2.48 31.92
N PHE B 319 -6.27 -1.95 30.74
CA PHE B 319 -6.22 -2.72 29.52
C PHE B 319 -4.76 -2.82 29.06
N LEU B 320 -4.24 -4.04 28.98
CA LEU B 320 -2.84 -4.27 28.60
C LEU B 320 -2.78 -4.91 27.23
N PRO B 321 -2.80 -4.14 26.15
CA PRO B 321 -2.76 -4.75 24.81
C PRO B 321 -1.34 -4.84 24.28
N ALA B 322 -0.86 -6.04 24.01
CA ALA B 322 0.48 -6.19 23.44
C ALA B 322 0.42 -6.08 21.92
N TYR B 323 0.01 -4.91 21.43
CA TYR B 323 0.06 -4.75 19.99
C TYR B 323 1.51 -4.50 19.58
N SER B 324 1.78 -4.69 18.30
CA SER B 324 3.17 -4.67 17.84
C SER B 324 3.59 -3.32 17.30
N SER B 325 2.65 -2.41 17.05
CA SER B 325 2.93 -1.25 16.24
C SER B 325 1.93 -0.16 16.56
N GLU B 326 2.42 1.06 16.77
CA GLU B 326 1.53 2.20 16.98
C GLU B 326 0.50 2.32 15.86
N TYR B 327 0.81 1.79 14.68
CA TYR B 327 -0.13 1.81 13.58
C TYR B 327 -1.45 1.11 13.93
N PHE B 328 -1.41 0.09 14.79
CA PHE B 328 -2.62 -0.66 15.07
C PHE B 328 -3.31 -0.23 16.35
N ARG B 329 -2.72 0.72 17.08
CA ARG B 329 -3.25 1.10 18.39
C ARG B 329 -4.70 1.55 18.29
N MET B 330 -4.98 2.52 17.43
CA MET B 330 -6.35 3.00 17.29
C MET B 330 -7.16 2.10 16.38
N LYS B 331 -6.52 1.24 15.61
CA LYS B 331 -7.29 0.25 14.87
C LYS B 331 -7.82 -0.83 15.78
N PHE B 332 -7.03 -1.24 16.79
CA PHE B 332 -7.57 -2.13 17.80
C PHE B 332 -8.66 -1.43 18.62
N SER B 333 -8.49 -0.13 18.87
CA SER B 333 -9.49 0.61 19.64
C SER B 333 -10.82 0.66 18.88
N GLU B 334 -10.76 0.96 17.58
CA GLU B 334 -11.95 0.85 16.75
C GLU B 334 -12.57 -0.53 16.83
N GLY B 335 -11.73 -1.56 16.96
CA GLY B 335 -12.26 -2.91 17.12
C GLY B 335 -13.09 -3.05 18.39
N LEU B 336 -12.55 -2.58 19.51
CA LEU B 336 -13.33 -2.56 20.75
C LEU B 336 -14.67 -1.84 20.55
N ASP B 337 -14.64 -0.70 19.85
CA ASP B 337 -15.86 0.05 19.57
C ASP B 337 -16.86 -0.80 18.80
N ASP B 338 -16.41 -1.52 17.76
CA ASP B 338 -17.31 -2.29 16.90
C ASP B 338 -18.07 -3.37 17.67
N ILE B 339 -17.51 -3.90 18.74
CA ILE B 339 -18.19 -4.91 19.54
C ILE B 339 -18.74 -4.32 20.85
N ASN B 340 -18.80 -2.99 20.95
CA ASN B 340 -19.39 -2.31 22.10
C ASN B 340 -18.67 -2.71 23.39
N PHE B 341 -17.35 -2.72 23.32
CA PHE B 341 -16.48 -2.95 24.46
C PHE B 341 -15.42 -1.85 24.52
N SER B 342 -15.86 -0.60 24.31
CA SER B 342 -14.94 0.53 24.27
C SER B 342 -14.18 0.66 25.58
N ILE B 343 -12.90 0.99 25.45
CA ILE B 343 -12.02 1.31 26.56
C ILE B 343 -11.17 2.48 26.10
N GLU B 344 -11.29 3.61 26.77
CA GLU B 344 -10.61 4.81 26.29
C GLU B 344 -9.13 4.76 26.67
N GLN B 345 -8.35 5.59 25.96
CA GLN B 345 -6.90 5.47 25.99
C GLN B 345 -6.32 5.61 27.39
N GLU B 346 -6.98 6.38 28.26
CA GLU B 346 -6.41 6.59 29.59
C GLU B 346 -6.35 5.31 30.43
N ARG B 347 -7.08 4.27 30.08
CA ARG B 347 -7.00 3.00 30.79
C ARG B 347 -6.08 1.99 30.10
N TRP B 348 -5.44 2.38 28.99
CA TRP B 348 -4.47 1.52 28.32
C TRP B 348 -3.09 1.65 28.96
N PHE B 349 -2.38 0.54 29.08
CA PHE B 349 -1.01 0.56 29.54
C PHE B 349 -0.14 -0.22 28.56
N THR B 350 0.89 0.42 28.03
CA THR B 350 1.83 -0.21 27.12
C THR B 350 3.19 0.45 27.30
N ASN B 351 4.25 -0.34 27.19
CA ASN B 351 5.60 0.22 27.13
C ASN B 351 6.28 -0.15 25.82
N LEU B 352 5.49 -0.44 24.79
CA LEU B 352 6.02 -0.87 23.50
C LEU B 352 7.09 0.10 22.98
N THR B 353 6.83 1.40 23.05
CA THR B 353 7.65 2.34 22.29
C THR B 353 9.06 2.49 22.86
N VAL B 354 9.27 2.12 24.11
CA VAL B 354 10.60 2.20 24.71
C VAL B 354 11.20 0.84 25.03
N LYS B 355 10.42 -0.25 24.98
CA LYS B 355 10.94 -1.59 25.21
C LYS B 355 11.13 -2.37 23.92
N GLY B 356 10.42 -1.98 22.86
CA GLY B 356 10.40 -2.70 21.61
C GLY B 356 9.30 -3.75 21.57
N ASN B 357 8.99 -4.19 20.36
CA ASN B 357 8.10 -5.34 20.17
C ASN B 357 8.90 -6.62 20.38
N THR B 358 8.78 -7.21 21.55
CA THR B 358 9.50 -8.44 21.85
C THR B 358 8.62 -9.67 21.69
N GLY B 359 7.59 -9.61 20.85
CA GLY B 359 6.85 -10.83 20.57
C GLY B 359 6.25 -11.36 21.84
N SER B 360 6.43 -12.67 22.08
CA SER B 360 5.76 -13.37 23.18
C SER B 360 6.14 -12.78 24.53
N ALA B 361 7.26 -12.11 24.64
CA ALA B 361 7.64 -11.57 25.95
C ALA B 361 6.96 -10.25 26.26
N SER B 362 6.30 -9.62 25.28
CA SER B 362 5.75 -8.27 25.46
C SER B 362 4.85 -8.18 26.67
N ILE B 363 3.96 -9.16 26.86
CA ILE B 363 3.02 -9.05 27.96
C ILE B 363 3.74 -9.18 29.30
N TYR B 364 4.82 -9.98 29.35
CA TYR B 364 5.56 -10.10 30.61
C TYR B 364 6.27 -8.78 30.92
N ILE B 365 6.80 -8.14 29.89
CA ILE B 365 7.52 -6.89 30.09
C ILE B 365 6.56 -5.77 30.47
N MET B 366 5.32 -5.83 29.95
CA MET B 366 4.32 -4.86 30.36
C MET B 366 3.85 -5.10 31.78
N LEU B 367 3.62 -6.36 32.15
CA LEU B 367 3.18 -6.66 33.51
C LEU B 367 4.27 -6.32 34.51
N ASP B 368 5.54 -6.59 34.18
CA ASP B 368 6.64 -6.29 35.10
C ASP B 368 6.68 -4.80 35.43
N GLU B 369 6.52 -3.94 34.44
CA GLU B 369 6.54 -2.51 34.73
C GLU B 369 5.33 -2.10 35.57
N LEU B 370 4.14 -2.59 35.22
CA LEU B 370 2.93 -2.13 35.93
C LEU B 370 2.95 -2.62 37.37
N MET B 371 3.40 -3.85 37.60
CA MET B 371 3.46 -4.37 38.97
C MET B 371 4.44 -3.60 39.84
N LYS B 372 5.52 -3.10 39.25
CA LYS B 372 6.54 -2.37 39.99
C LYS B 372 6.29 -0.86 40.03
N SER B 373 5.22 -0.37 39.40
CA SER B 373 4.98 1.06 39.32
C SER B 373 4.28 1.63 40.55
N GLY B 374 3.62 0.80 41.34
CA GLY B 374 2.79 1.30 42.43
C GLY B 374 1.44 1.83 42.01
N LYS B 375 1.15 1.90 40.71
CA LYS B 375 -0.14 2.36 40.26
C LYS B 375 -1.27 1.38 40.56
N LEU B 376 -0.97 0.09 40.74
CA LEU B 376 -2.02 -0.89 40.97
C LEU B 376 -2.56 -0.79 42.39
N LYS B 377 -3.88 -0.90 42.52
CA LYS B 377 -4.53 -0.86 43.82
C LYS B 377 -5.56 -1.98 43.91
N LYS B 378 -5.74 -2.50 45.14
CA LYS B 378 -6.55 -3.70 45.34
C LYS B 378 -7.95 -3.53 44.75
N ASP B 379 -8.46 -4.61 44.16
CA ASP B 379 -9.75 -4.78 43.51
C ASP B 379 -9.76 -4.28 42.06
N GLN B 380 -8.75 -3.54 41.62
CA GLN B 380 -8.67 -3.17 40.20
C GLN B 380 -8.60 -4.43 39.32
N ARG B 381 -9.20 -4.33 38.15
CA ARG B 381 -9.29 -5.44 37.21
C ARG B 381 -8.49 -5.12 35.96
N LEU B 382 -7.70 -6.08 35.50
CA LEU B 382 -6.84 -5.94 34.33
C LEU B 382 -7.30 -6.89 33.24
N LEU B 383 -7.39 -6.40 32.02
CA LEU B 383 -7.59 -7.23 30.85
C LEU B 383 -6.32 -7.14 30.01
N CYS B 384 -5.67 -8.29 29.82
CA CYS B 384 -4.53 -8.44 28.94
C CYS B 384 -4.99 -8.99 27.61
N PHE B 385 -4.48 -8.41 26.53
CA PHE B 385 -4.78 -8.80 25.16
C PHE B 385 -3.45 -9.10 24.48
N ILE B 386 -3.28 -10.34 24.03
CA ILE B 386 -2.08 -10.77 23.35
C ILE B 386 -2.49 -11.28 21.98
N PRO B 387 -2.38 -10.45 20.94
CA PRO B 387 -2.66 -10.91 19.59
C PRO B 387 -1.48 -11.70 19.05
N GLU B 388 -1.77 -12.68 18.18
CA GLU B 388 -0.71 -13.37 17.45
C GLU B 388 -1.08 -13.40 15.97
N SER B 389 -0.36 -12.63 15.17
CA SER B 389 -0.65 -12.58 13.75
C SER B 389 -0.20 -13.83 13.01
N ALA B 390 0.72 -14.63 13.57
CA ALA B 390 1.27 -15.78 12.87
C ALA B 390 0.20 -16.54 12.08
N ARG B 391 -0.84 -17.02 12.75
CA ARG B 391 -2.02 -17.47 12.01
C ARG B 391 -3.30 -17.12 12.76
N PHE B 392 -3.31 -15.93 13.38
CA PHE B 392 -4.47 -15.27 13.98
C PHE B 392 -5.02 -16.02 15.18
N THR B 393 -4.31 -15.88 16.29
CA THR B 393 -4.77 -16.25 17.62
C THR B 393 -4.96 -14.96 18.42
N GLY B 394 -6.01 -14.93 19.23
CA GLY B 394 -6.11 -13.96 20.30
C GLY B 394 -6.09 -14.65 21.66
N ALA B 395 -5.22 -14.21 22.56
CA ALA B 395 -5.18 -14.68 23.94
C ALA B 395 -5.57 -13.54 24.86
N PHE B 396 -6.36 -13.84 25.89
CA PHE B 396 -6.85 -12.85 26.83
C PHE B 396 -6.71 -13.35 28.25
N MET B 397 -6.19 -12.51 29.14
CA MET B 397 -6.09 -12.86 30.54
C MET B 397 -6.78 -11.82 31.40
N HIS B 398 -7.60 -12.27 32.34
CA HIS B 398 -8.27 -11.38 33.28
C HIS B 398 -7.66 -11.53 34.67
N LEU B 399 -7.28 -10.41 35.27
CA LEU B 399 -6.55 -10.36 36.53
C LEU B 399 -7.25 -9.44 37.50
N THR B 400 -7.11 -9.74 38.80
CA THR B 400 -7.66 -8.92 39.87
C THR B 400 -6.59 -8.67 40.92
N VAL B 401 -6.29 -7.39 41.16
CA VAL B 401 -5.31 -7.04 42.19
C VAL B 401 -5.86 -7.45 43.55
N VAL B 402 -5.07 -8.21 44.30
CA VAL B 402 -5.46 -8.58 45.66
C VAL B 402 -4.44 -8.08 46.67
N ASN C 24 -14.62 17.24 3.25
CA ASN C 24 -14.46 15.98 2.54
C ASN C 24 -15.16 15.99 1.17
N VAL C 25 -14.60 15.24 0.21
CA VAL C 25 -15.06 15.23 -1.18
C VAL C 25 -15.10 13.78 -1.66
N TYR C 26 -16.13 13.45 -2.43
CA TYR C 26 -16.37 12.08 -2.90
C TYR C 26 -16.76 12.08 -4.35
N ILE C 27 -16.14 11.20 -5.13
CA ILE C 27 -16.60 10.96 -6.50
C ILE C 27 -17.78 10.01 -6.41
N THR C 28 -18.98 10.52 -6.68
CA THR C 28 -20.18 9.72 -6.50
C THR C 28 -20.67 9.10 -7.80
N LYS C 29 -20.11 9.49 -8.95
CA LYS C 29 -20.52 8.92 -10.22
C LYS C 29 -19.52 9.35 -11.29
N VAL C 30 -19.27 8.46 -12.23
CA VAL C 30 -18.32 8.64 -13.32
C VAL C 30 -18.97 8.10 -14.57
N SER C 31 -18.81 8.79 -15.68
CA SER C 31 -19.32 8.30 -16.95
C SER C 31 -18.28 8.51 -18.02
N ALA C 32 -18.41 7.69 -19.06
CA ALA C 32 -17.50 7.69 -20.19
C ALA C 32 -18.33 7.57 -21.44
N PHE C 33 -17.83 8.15 -22.52
CA PHE C 33 -18.49 8.07 -23.81
C PHE C 33 -17.43 7.81 -24.87
N MET C 34 -17.53 6.69 -25.52
CA MET C 34 -16.71 6.38 -26.67
C MET C 34 -17.54 6.56 -27.92
N PRO C 35 -17.09 7.32 -28.90
CA PRO C 35 -17.91 7.56 -30.10
C PRO C 35 -17.83 6.42 -31.10
N GLY C 36 -18.98 6.05 -31.64
CA GLY C 36 -19.02 5.00 -32.65
C GLY C 36 -18.61 3.64 -32.10
N ASN C 37 -18.15 2.82 -33.00
CA ASN C 37 -17.87 1.42 -32.71
C ASN C 37 -16.37 1.21 -32.54
N PRO C 38 -15.98 0.18 -31.79
CA PRO C 38 -14.56 -0.16 -31.72
C PRO C 38 -14.00 -0.41 -33.11
N ILE C 39 -12.79 0.07 -33.34
CA ILE C 39 -12.08 -0.07 -34.61
C ILE C 39 -10.85 -0.93 -34.36
N ASP C 40 -10.67 -1.96 -35.17
CA ASP C 40 -9.53 -2.85 -34.98
C ASP C 40 -8.32 -2.37 -35.78
N ASN C 41 -7.17 -3.02 -35.53
CA ASN C 41 -5.90 -2.56 -36.10
C ASN C 41 -5.91 -2.59 -37.62
N ASN C 42 -6.66 -3.52 -38.22
CA ASN C 42 -6.69 -3.60 -39.67
C ASN C 42 -7.59 -2.53 -40.26
N THR C 43 -8.62 -2.13 -39.53
CA THR C 43 -9.57 -1.13 -40.02
C THR C 43 -9.12 0.31 -39.77
N MET C 44 -8.19 0.55 -38.82
CA MET C 44 -7.98 1.91 -38.35
C MET C 44 -7.40 2.81 -39.46
N GLU C 45 -6.47 2.29 -40.28
CA GLU C 45 -5.84 3.18 -41.25
C GLU C 45 -6.82 3.66 -42.31
N SER C 46 -7.84 2.86 -42.62
CA SER C 46 -8.81 3.32 -43.61
C SER C 46 -9.76 4.36 -43.03
N VAL C 47 -9.95 4.36 -41.71
CA VAL C 47 -10.77 5.40 -41.10
C VAL C 47 -10.02 6.72 -41.06
N LEU C 48 -8.71 6.67 -40.81
CA LEU C 48 -7.88 7.86 -40.73
C LEU C 48 -7.28 8.30 -42.05
N GLY C 49 -7.31 7.45 -43.08
CA GLY C 49 -6.89 7.85 -44.41
C GLY C 49 -5.42 7.58 -44.69
N PHE C 50 -5.08 7.70 -45.97
CA PHE C 50 -3.72 7.47 -46.46
C PHE C 50 -3.12 8.79 -46.91
N VAL C 51 -1.95 9.12 -46.39
CA VAL C 51 -1.29 10.37 -46.77
C VAL C 51 -0.58 10.16 -48.11
N GLY C 52 -0.97 10.94 -49.11
CA GLY C 52 -0.41 10.79 -50.44
C GLY C 52 -0.85 9.53 -51.16
N GLY C 53 -2.00 8.97 -50.77
CA GLY C 53 -2.46 7.71 -51.34
C GLY C 53 -1.62 6.50 -51.00
N ARG C 54 -0.86 6.53 -49.91
CA ARG C 54 0.10 5.47 -49.62
C ARG C 54 -0.04 4.98 -48.19
N PRO C 55 0.06 3.67 -47.96
CA PRO C 55 -0.01 3.15 -46.59
C PRO C 55 1.16 3.67 -45.78
N SER C 56 0.89 3.87 -44.48
CA SER C 56 1.96 4.27 -43.59
C SER C 56 2.90 3.10 -43.36
N ARG C 57 4.18 3.37 -43.48
CA ARG C 57 5.19 2.36 -43.19
C ARG C 57 5.09 1.91 -41.74
N SER C 58 5.06 2.87 -40.82
CA SER C 58 5.33 2.61 -39.41
C SER C 58 4.14 2.09 -38.64
N ARG C 59 2.93 2.10 -39.21
CA ARG C 59 1.74 1.72 -38.46
C ARG C 59 1.91 0.35 -37.79
N HIS C 60 2.39 -0.64 -38.55
CA HIS C 60 2.51 -1.97 -38.00
C HIS C 60 3.49 -2.03 -36.83
N ILE C 61 4.56 -1.24 -36.87
CA ILE C 61 5.52 -1.30 -35.79
C ILE C 61 4.97 -0.59 -34.54
N VAL C 62 4.36 0.58 -34.74
CA VAL C 62 3.83 1.35 -33.61
C VAL C 62 2.75 0.56 -32.91
N LEU C 63 1.89 -0.13 -33.68
CA LEU C 63 0.85 -0.97 -33.09
C LEU C 63 1.46 -2.20 -32.43
N ARG C 64 2.58 -2.69 -32.97
CA ARG C 64 3.30 -3.77 -32.33
C ARG C 64 3.83 -3.36 -30.98
N ASN C 65 4.30 -2.12 -30.85
CA ASN C 65 4.88 -1.68 -29.59
C ASN C 65 3.81 -1.20 -28.60
N ASN C 66 2.76 -0.53 -29.06
CA ASN C 66 1.81 0.02 -28.11
C ASN C 66 0.82 -1.01 -27.60
N GLY C 67 0.58 -2.11 -28.34
CA GLY C 67 -0.31 -3.14 -27.85
C GLY C 67 -1.78 -2.78 -27.78
N ILE C 68 -2.18 -1.70 -28.44
CA ILE C 68 -3.59 -1.31 -28.46
C ILE C 68 -4.29 -2.07 -29.58
N LYS C 69 -5.44 -2.67 -29.27
CA LYS C 69 -6.13 -3.51 -30.23
C LYS C 69 -7.41 -2.91 -30.78
N TYR C 70 -8.17 -2.13 -30.00
CA TYR C 70 -9.24 -1.31 -30.57
C TYR C 70 -9.21 0.09 -29.99
N ARG C 71 -9.94 0.98 -30.67
CA ARG C 71 -10.03 2.38 -30.29
C ARG C 71 -11.23 2.97 -31.02
N HIS C 72 -11.64 4.15 -30.58
CA HIS C 72 -12.78 4.83 -31.15
C HIS C 72 -12.34 6.13 -31.81
N TYR C 73 -13.05 6.48 -32.86
CA TYR C 73 -12.88 7.75 -33.54
C TYR C 73 -14.23 8.41 -33.69
N ALA C 74 -14.25 9.74 -33.59
CA ALA C 74 -15.45 10.50 -33.92
C ALA C 74 -15.49 10.77 -35.43
N LEU C 75 -15.36 9.70 -36.19
CA LEU C 75 -15.49 9.74 -37.65
C LEU C 75 -16.54 8.72 -38.08
N ASP C 76 -17.42 9.14 -38.97
CA ASP C 76 -18.30 8.22 -39.69
C ASP C 76 -17.43 7.37 -40.61
N PRO C 77 -17.31 6.06 -40.41
CA PRO C 77 -16.34 5.28 -41.20
C PRO C 77 -16.64 5.28 -42.68
N GLU C 78 -17.91 5.47 -43.05
CA GLU C 78 -18.27 5.64 -44.45
C GLU C 78 -17.90 7.02 -44.97
N THR C 79 -18.39 8.08 -44.32
CA THR C 79 -18.25 9.40 -44.95
C THR C 79 -16.86 9.99 -44.73
N GLY C 80 -16.19 9.63 -43.63
CA GLY C 80 -15.10 10.45 -43.18
C GLY C 80 -15.56 11.73 -42.49
N GLU C 81 -16.86 12.00 -42.46
CA GLU C 81 -17.39 13.15 -41.75
C GLU C 81 -17.15 13.01 -40.25
N ALA C 82 -17.18 14.15 -39.57
CA ALA C 82 -17.12 14.15 -38.12
C ALA C 82 -18.48 13.82 -37.53
N THR C 83 -18.48 13.05 -36.44
CA THR C 83 -19.70 12.65 -35.75
C THR C 83 -19.94 13.44 -34.47
N TYR C 84 -18.89 13.85 -33.78
CA TYR C 84 -19.03 14.68 -32.60
C TYR C 84 -17.93 15.73 -32.60
N THR C 85 -18.27 16.95 -32.21
CA THR C 85 -17.21 17.88 -31.88
C THR C 85 -16.65 17.53 -30.51
N SER C 86 -15.50 18.11 -30.18
CA SER C 86 -14.99 17.89 -28.82
C SER C 86 -16.01 18.34 -27.78
N ALA C 87 -16.70 19.46 -28.01
CA ALA C 87 -17.69 19.95 -27.06
C ALA C 87 -18.90 19.01 -26.99
N GLN C 88 -19.31 18.44 -28.12
CA GLN C 88 -20.42 17.48 -28.07
C GLN C 88 -20.03 16.22 -27.31
N LEU C 89 -18.81 15.71 -27.57
CA LEU C 89 -18.35 14.49 -26.88
C LEU C 89 -18.34 14.69 -25.37
N ALA C 90 -17.80 15.81 -24.91
CA ALA C 90 -17.79 16.07 -23.47
C ALA C 90 -19.20 16.21 -22.92
N ALA C 91 -20.13 16.75 -23.71
CA ALA C 91 -21.49 16.91 -23.20
C ALA C 91 -22.18 15.56 -23.05
N GLU C 92 -21.96 14.65 -24.02
CA GLU C 92 -22.52 13.30 -23.92
C GLU C 92 -22.03 12.59 -22.67
N ALA C 93 -20.77 12.79 -22.28
CA ALA C 93 -20.26 12.17 -21.06
C ALA C 93 -20.88 12.80 -19.81
N VAL C 94 -21.04 14.13 -19.80
CA VAL C 94 -21.64 14.79 -18.64
C VAL C 94 -23.09 14.35 -18.46
N LYS C 95 -23.79 14.08 -19.57
CA LYS C 95 -25.18 13.67 -19.45
C LYS C 95 -25.28 12.26 -18.88
N GLY C 96 -24.25 11.44 -19.08
CA GLY C 96 -24.17 10.15 -18.45
C GLY C 96 -24.08 10.18 -16.93
N LEU C 97 -23.97 11.38 -16.35
CA LEU C 97 -23.98 11.50 -14.89
C LEU C 97 -25.37 11.72 -14.30
N VAL C 98 -26.40 11.85 -15.14
CA VAL C 98 -27.72 12.26 -14.67
C VAL C 98 -28.49 11.02 -14.24
N ASP C 99 -28.94 11.02 -12.99
CA ASP C 99 -29.82 9.97 -12.49
C ASP C 99 -30.75 10.58 -11.45
N GLU C 100 -31.30 9.74 -10.57
CA GLU C 100 -32.29 10.22 -9.62
C GLU C 100 -31.69 11.15 -8.56
N HIS C 101 -30.38 11.10 -8.35
CA HIS C 101 -29.78 11.95 -7.34
C HIS C 101 -29.08 13.18 -7.93
N PHE C 102 -29.15 13.38 -9.25
CA PHE C 102 -28.46 14.51 -9.87
C PHE C 102 -28.99 14.73 -11.28
N SER C 103 -29.42 15.95 -11.57
CA SER C 103 -29.72 16.39 -12.91
C SER C 103 -28.76 17.53 -13.27
N LEU C 104 -28.74 17.91 -14.55
CA LEU C 104 -27.80 18.93 -15.00
C LEU C 104 -27.98 20.25 -14.25
N ASP C 105 -29.21 20.64 -13.96
CA ASP C 105 -29.41 21.92 -13.29
C ASP C 105 -28.98 21.90 -11.83
N ASP C 106 -28.50 20.76 -11.33
CA ASP C 106 -27.96 20.69 -9.99
C ASP C 106 -26.50 21.13 -9.92
N MET C 107 -25.77 21.11 -11.03
CA MET C 107 -24.32 21.27 -10.94
C MET C 107 -23.97 22.71 -10.62
N GLN C 108 -23.17 22.90 -9.58
CA GLN C 108 -22.80 24.24 -9.16
C GLN C 108 -21.50 24.72 -9.77
N SER C 109 -20.74 23.85 -10.43
CA SER C 109 -19.51 24.24 -11.11
C SER C 109 -19.16 23.19 -12.16
N LEU C 110 -18.69 23.64 -13.31
CA LEU C 110 -18.26 22.74 -14.39
C LEU C 110 -16.82 23.06 -14.75
N ALA C 111 -15.94 22.08 -14.59
CA ALA C 111 -14.54 22.22 -15.01
C ALA C 111 -14.32 21.28 -16.20
N ALA C 112 -13.91 21.86 -17.33
CA ALA C 112 -13.80 21.10 -18.57
C ALA C 112 -12.44 21.29 -19.20
N SER C 113 -12.01 20.28 -19.95
CA SER C 113 -10.70 20.37 -20.59
C SER C 113 -10.73 19.55 -21.86
N SER C 114 -9.87 19.93 -22.80
CA SER C 114 -9.66 19.14 -24.01
C SER C 114 -8.36 19.58 -24.65
N GLY C 115 -7.44 18.63 -24.83
CA GLY C 115 -6.25 18.93 -25.60
C GLY C 115 -6.53 19.13 -27.07
N THR C 116 -7.77 18.90 -27.50
CA THR C 116 -8.19 19.10 -28.88
C THR C 116 -9.48 19.89 -28.92
N SER C 117 -9.50 21.05 -28.26
CA SER C 117 -10.64 21.94 -28.31
C SER C 117 -11.02 22.23 -29.75
N ASP C 118 -12.31 22.47 -29.99
CA ASP C 118 -12.75 22.79 -31.34
C ASP C 118 -12.20 24.13 -31.80
N GLN C 119 -11.88 25.02 -30.87
CA GLN C 119 -11.45 26.37 -31.17
C GLN C 119 -10.36 26.79 -30.18
N ILE C 120 -9.73 27.93 -30.48
CA ILE C 120 -8.82 28.54 -29.53
C ILE C 120 -9.57 29.43 -28.54
N ILE C 121 -10.47 30.29 -29.03
CA ILE C 121 -11.38 31.10 -28.20
C ILE C 121 -12.80 30.91 -28.73
N PRO C 122 -13.79 30.73 -27.85
CA PRO C 122 -13.81 30.65 -26.39
C PRO C 122 -13.14 29.38 -25.82
N GLY C 123 -13.10 29.30 -24.49
CA GLY C 123 -12.62 28.10 -23.84
C GLY C 123 -13.59 26.94 -24.01
N HIS C 124 -13.01 25.74 -23.99
CA HIS C 124 -13.75 24.51 -24.20
C HIS C 124 -14.94 24.40 -23.27
N GLY C 125 -14.75 24.74 -22.00
CA GLY C 125 -15.82 24.61 -21.04
C GLY C 125 -17.09 25.32 -21.44
N VAL C 126 -16.98 26.55 -21.96
CA VAL C 126 -18.22 27.26 -22.26
C VAL C 126 -18.88 26.72 -23.51
N MET C 127 -18.12 26.16 -24.45
CA MET C 127 -18.78 25.45 -25.54
C MET C 127 -19.45 24.16 -25.04
N VAL C 128 -18.90 23.52 -23.99
CA VAL C 128 -19.59 22.38 -23.43
C VAL C 128 -20.89 22.83 -22.77
N HIS C 129 -20.82 23.91 -21.99
CA HIS C 129 -22.00 24.50 -21.38
C HIS C 129 -23.06 24.91 -22.41
N GLY C 130 -22.62 25.34 -23.60
CA GLY C 130 -23.58 25.66 -24.66
C GLY C 130 -24.27 24.44 -25.23
N GLU C 131 -23.61 23.29 -25.22
CA GLU C 131 -24.26 22.06 -25.68
C GLU C 131 -25.19 21.49 -24.61
N LEU C 132 -24.79 21.53 -23.35
CA LEU C 132 -25.61 20.98 -22.28
C LEU C 132 -26.87 21.81 -22.06
N LYS C 133 -26.74 23.14 -22.13
CA LYS C 133 -27.84 24.07 -21.99
C LYS C 133 -28.47 24.01 -20.61
N ASN C 134 -27.73 23.54 -19.61
CA ASN C 134 -28.21 23.63 -18.24
C ASN C 134 -28.15 25.08 -17.76
N LYS C 135 -28.75 25.34 -16.60
CA LYS C 135 -28.91 26.71 -16.17
C LYS C 135 -27.57 27.34 -15.82
N PRO C 136 -27.49 28.68 -15.88
CA PRO C 136 -26.20 29.36 -15.64
C PRO C 136 -25.50 28.87 -14.39
N CYS C 137 -24.20 28.62 -14.52
CA CYS C 137 -23.37 28.17 -13.40
C CYS C 137 -21.93 28.57 -13.68
N GLU C 138 -21.08 28.30 -12.69
CA GLU C 138 -19.65 28.53 -12.86
C GLU C 138 -19.08 27.55 -13.88
N VAL C 139 -18.35 28.08 -14.86
CA VAL C 139 -17.68 27.24 -15.84
C VAL C 139 -16.24 27.68 -15.95
N ILE C 140 -15.32 26.73 -15.83
CA ILE C 140 -13.91 27.02 -15.99
C ILE C 140 -13.35 26.00 -16.98
N SER C 141 -12.34 26.41 -17.75
CA SER C 141 -11.63 25.48 -18.62
C SER C 141 -10.19 25.34 -18.16
N THR C 142 -9.68 24.11 -18.18
CA THR C 142 -8.24 23.90 -18.08
C THR C 142 -7.73 23.45 -19.44
N SER C 143 -6.41 23.54 -19.62
CA SER C 143 -5.83 23.17 -20.89
C SER C 143 -4.49 22.49 -20.66
N GLY C 144 -3.99 21.88 -21.73
CA GLY C 144 -2.86 20.98 -21.68
C GLY C 144 -3.21 19.68 -22.37
N ALA C 145 -2.48 18.63 -22.02
CA ALA C 145 -2.64 17.36 -22.73
C ALA C 145 -3.20 16.32 -21.77
N CYS C 146 -2.49 15.20 -21.57
CA CYS C 146 -3.05 14.07 -20.83
C CYS C 146 -3.40 14.42 -19.40
N ALA C 147 -2.72 15.40 -18.81
CA ALA C 147 -3.00 15.73 -17.41
C ALA C 147 -4.10 16.77 -17.24
N ALA C 148 -4.63 17.36 -18.32
CA ALA C 148 -5.57 18.46 -18.18
C ALA C 148 -6.89 18.00 -17.60
N GLY C 149 -7.27 16.74 -17.83
CA GLY C 149 -8.43 16.19 -17.17
C GLY C 149 -8.25 16.09 -15.68
N MET C 150 -7.02 15.89 -15.22
CA MET C 150 -6.77 15.87 -13.77
C MET C 150 -6.69 17.27 -13.16
N THR C 151 -6.21 18.27 -13.89
CA THR C 151 -6.26 19.63 -13.35
C THR C 151 -7.70 20.12 -13.29
N ALA C 152 -8.52 19.73 -14.27
CA ALA C 152 -9.94 20.05 -14.16
C ALA C 152 -10.53 19.37 -12.94
N MET C 153 -10.25 18.08 -12.76
CA MET C 153 -10.81 17.39 -11.59
C MET C 153 -10.31 18.01 -10.30
N LYS C 154 -9.06 18.46 -10.26
CA LYS C 154 -8.57 19.06 -9.03
C LYS C 154 -9.26 20.38 -8.76
N TYR C 155 -9.56 21.16 -9.79
CA TYR C 155 -10.36 22.36 -9.57
C TYR C 155 -11.68 22.01 -8.91
N ALA C 156 -12.44 21.09 -9.51
CA ALA C 156 -13.70 20.64 -8.96
C ALA C 156 -13.51 20.11 -7.53
N TYR C 157 -12.44 19.35 -7.32
CA TYR C 157 -12.10 18.84 -6.00
C TYR C 157 -11.88 19.97 -5.00
N LEU C 158 -11.09 20.98 -5.38
CA LEU C 158 -10.79 22.08 -4.46
C LEU C 158 -12.01 22.96 -4.22
N SER C 159 -12.96 22.96 -5.15
CA SER C 159 -14.17 23.76 -4.96
C SER C 159 -15.00 23.18 -3.83
N VAL C 160 -15.25 21.87 -3.85
CA VAL C 160 -15.99 21.22 -2.78
C VAL C 160 -15.19 21.21 -1.48
N LEU C 161 -13.90 20.91 -1.55
CA LEU C 161 -13.08 20.80 -0.33
C LEU C 161 -13.06 22.11 0.44
N SER C 162 -12.97 23.24 -0.25
CA SER C 162 -13.01 24.54 0.41
C SER C 162 -14.41 24.93 0.88
N GLY C 163 -15.44 24.22 0.44
CA GLY C 163 -16.80 24.58 0.75
C GLY C 163 -17.39 25.66 -0.12
N ALA C 164 -16.65 26.16 -1.11
CA ALA C 164 -17.23 27.13 -2.05
C ALA C 164 -18.45 26.55 -2.75
N THR C 165 -18.48 25.23 -2.96
CA THR C 165 -19.62 24.55 -3.55
C THR C 165 -19.79 23.23 -2.79
N SER C 166 -20.94 22.58 -3.01
CA SER C 166 -21.22 21.30 -2.40
C SER C 166 -21.19 20.15 -3.40
N ASN C 167 -21.32 20.46 -4.68
CA ASN C 167 -20.95 19.53 -5.74
C ASN C 167 -20.11 20.29 -6.75
N ALA C 168 -19.64 19.56 -7.75
CA ALA C 168 -18.85 20.07 -8.85
C ALA C 168 -18.64 18.94 -9.85
N VAL C 169 -18.64 19.27 -11.13
CA VAL C 169 -18.45 18.30 -12.20
C VAL C 169 -17.13 18.62 -12.89
N SER C 170 -16.35 17.59 -13.22
CA SER C 170 -15.24 17.78 -14.14
C SER C 170 -15.46 16.85 -15.32
N THR C 171 -14.94 17.27 -16.47
CA THR C 171 -15.12 16.50 -17.69
C THR C 171 -13.94 16.80 -18.59
N THR C 172 -13.63 15.85 -19.48
CA THR C 172 -12.56 16.05 -20.44
C THR C 172 -12.93 15.27 -21.68
N SER C 173 -12.47 15.75 -22.84
CA SER C 173 -12.79 15.09 -24.09
C SER C 173 -11.61 15.21 -25.03
N GLU C 174 -11.48 14.23 -25.92
CA GLU C 174 -10.37 14.18 -26.86
C GLU C 174 -10.89 13.72 -28.19
N VAL C 175 -10.71 14.53 -29.24
CA VAL C 175 -11.02 14.11 -30.60
C VAL C 175 -9.79 14.29 -31.48
N PRO C 176 -8.65 13.67 -31.16
CA PRO C 176 -7.47 13.82 -32.02
C PRO C 176 -7.68 13.36 -33.44
N SER C 177 -8.73 12.57 -33.72
CA SER C 177 -9.02 12.23 -35.12
C SER C 177 -9.16 13.47 -35.99
N THR C 178 -9.70 14.57 -35.44
CA THR C 178 -9.76 15.83 -36.17
C THR C 178 -8.42 16.19 -36.81
N VAL C 179 -7.31 15.92 -36.11
CA VAL C 179 -5.99 16.30 -36.58
C VAL C 179 -5.13 15.12 -36.97
N LEU C 180 -5.57 13.88 -36.70
CA LEU C 180 -4.84 12.70 -37.14
C LEU C 180 -5.26 12.23 -38.52
N HIS C 181 -6.44 12.62 -39.00
CA HIS C 181 -6.86 12.30 -40.35
C HIS C 181 -5.85 12.82 -41.37
N ALA C 182 -5.75 12.12 -42.50
CA ALA C 182 -4.67 12.37 -43.46
C ALA C 182 -4.78 13.72 -44.16
N ARG C 183 -5.96 14.34 -44.14
CA ARG C 183 -6.12 15.66 -44.72
C ARG C 183 -5.29 16.72 -44.00
N ASN C 184 -4.93 16.49 -42.73
CA ASN C 184 -4.09 17.46 -42.02
C ASN C 184 -2.66 17.44 -42.52
N PHE C 185 -2.29 16.51 -43.40
CA PHE C 185 -0.96 16.46 -43.97
C PHE C 185 -0.97 16.64 -45.47
N GLN C 186 -2.14 16.94 -46.06
CA GLN C 186 -2.27 16.96 -47.51
C GLN C 186 -1.38 18.03 -48.14
N SER C 187 -1.35 19.24 -47.57
CA SER C 187 -0.55 20.32 -48.14
C SER C 187 0.94 20.09 -47.95
N GLU C 188 1.34 19.37 -46.90
CA GLU C 188 2.75 19.05 -46.75
C GLU C 188 3.17 18.00 -47.78
N ASN C 189 2.36 16.96 -47.98
CA ASN C 189 2.66 15.95 -48.98
C ASN C 189 2.85 16.59 -50.36
N GLU C 190 1.95 17.51 -50.73
CA GLU C 190 2.08 18.22 -51.99
C GLU C 190 3.33 19.09 -52.03
N ALA C 191 3.75 19.63 -50.90
CA ALA C 191 4.93 20.49 -50.88
C ALA C 191 6.21 19.69 -51.13
N ARG C 192 6.28 18.48 -50.60
CA ARG C 192 7.50 17.68 -50.75
C ARG C 192 7.51 16.88 -52.04
N VAL C 193 6.36 16.67 -52.68
CA VAL C 193 6.40 16.15 -54.05
C VAL C 193 6.72 17.28 -55.03
N ALA C 194 6.34 18.53 -54.72
CA ALA C 194 6.64 19.64 -55.63
C ALA C 194 8.12 19.98 -55.64
N GLU C 195 8.77 19.95 -54.47
CA GLU C 195 10.22 20.06 -54.38
C GLU C 195 10.89 18.71 -54.55
N LEU C 196 10.15 17.70 -55.01
CA LEU C 196 10.64 16.39 -55.44
C LEU C 196 11.64 15.80 -54.44
N GLU C 197 11.10 15.45 -53.27
CA GLU C 197 11.91 14.77 -52.26
C GLU C 197 12.03 13.29 -52.60
N ARG C 198 13.20 12.72 -52.30
CA ARG C 198 13.39 11.28 -52.47
C ARG C 198 12.35 10.49 -51.70
N ARG C 199 11.99 10.97 -50.52
CA ARG C 199 10.98 10.33 -49.68
C ARG C 199 9.89 11.32 -49.28
N PRO C 200 8.78 11.35 -50.00
CA PRO C 200 7.76 12.39 -49.77
C PRO C 200 6.88 12.18 -48.55
N GLU C 201 7.15 11.24 -47.66
CA GLU C 201 6.21 11.05 -46.57
C GLU C 201 6.48 12.03 -45.45
N ILE C 202 5.52 12.10 -44.53
CA ILE C 202 5.68 12.94 -43.37
C ILE C 202 6.68 12.31 -42.40
N ALA C 203 7.24 13.14 -41.54
CA ALA C 203 8.23 12.68 -40.58
C ALA C 203 7.64 11.65 -39.63
N PHE C 204 8.52 10.83 -39.06
CA PHE C 204 8.08 9.87 -38.07
C PHE C 204 7.38 10.57 -36.91
N GLU C 205 7.92 11.71 -36.47
CA GLU C 205 7.35 12.42 -35.33
C GLU C 205 5.94 12.93 -35.60
N LYS C 206 5.55 13.09 -36.86
CA LYS C 206 4.19 13.47 -37.21
C LYS C 206 3.28 12.27 -37.46
N ASP C 207 3.82 11.17 -38.00
CA ASP C 207 3.00 10.00 -38.29
C ASP C 207 2.82 9.09 -37.08
N PHE C 208 3.77 9.11 -36.15
CA PHE C 208 3.78 8.17 -35.02
C PHE C 208 2.49 8.28 -34.21
N LEU C 209 2.09 9.50 -33.85
CA LEU C 209 0.94 9.64 -32.98
C LEU C 209 -0.37 9.27 -33.67
N ARG C 210 -0.39 9.16 -35.00
CA ARG C 210 -1.61 8.75 -35.70
C ARG C 210 -2.05 7.35 -35.30
N TRP C 211 -1.12 6.51 -34.83
CA TRP C 211 -1.42 5.15 -34.43
C TRP C 211 -1.40 4.98 -32.92
N MET C 212 -1.36 6.09 -32.18
CA MET C 212 -1.34 6.09 -30.72
C MET C 212 -2.61 6.65 -30.11
N LEU C 213 -3.08 7.80 -30.60
CA LEU C 213 -4.13 8.60 -29.97
C LEU C 213 -5.49 8.28 -30.56
N SER C 214 -6.54 8.38 -29.73
CA SER C 214 -7.90 8.16 -30.21
C SER C 214 -8.88 8.93 -29.33
N ASP C 215 -10.17 8.77 -29.62
CA ASP C 215 -11.20 9.70 -29.15
C ASP C 215 -11.98 9.13 -27.96
N GLY C 216 -12.42 10.03 -27.08
CA GLY C 216 -13.25 9.65 -25.96
C GLY C 216 -13.46 10.76 -24.97
N ALA C 217 -14.46 10.65 -24.11
CA ALA C 217 -14.70 11.66 -23.10
C ALA C 217 -15.09 10.99 -21.81
N GLY C 218 -14.90 11.72 -20.72
CA GLY C 218 -15.33 11.25 -19.42
C GLY C 218 -15.77 12.43 -18.60
N ALA C 219 -16.60 12.15 -17.60
CA ALA C 219 -17.02 13.16 -16.64
C ALA C 219 -17.08 12.50 -15.27
N ALA C 220 -16.98 13.31 -14.24
CA ALA C 220 -17.01 12.84 -12.86
C ALA C 220 -17.79 13.83 -12.01
N LEU C 221 -18.65 13.31 -11.15
CA LEU C 221 -19.45 14.12 -10.24
C LEU C 221 -18.89 14.03 -8.84
N LEU C 222 -18.51 15.17 -8.28
CA LEU C 222 -17.93 15.25 -6.94
C LEU C 222 -18.89 15.95 -5.99
N GLU C 223 -19.06 15.40 -4.79
CA GLU C 223 -20.01 15.92 -3.81
C GLU C 223 -19.34 15.92 -2.44
N ASN C 224 -19.90 16.71 -1.52
CA ASN C 224 -19.31 16.75 -0.18
C ASN C 224 -19.83 15.65 0.75
N LYS C 225 -20.66 14.72 0.25
CA LYS C 225 -21.12 13.55 0.98
C LYS C 225 -21.45 12.44 -0.02
N PRO C 226 -21.29 11.16 0.36
CA PRO C 226 -21.51 10.06 -0.58
C PRO C 226 -22.98 9.66 -0.72
N ARG C 227 -23.22 8.73 -1.66
CA ARG C 227 -24.54 8.15 -1.98
C ARG C 227 -24.96 7.16 -0.91
N PRO C 228 -26.29 6.85 -0.81
CA PRO C 228 -26.74 5.87 0.18
C PRO C 228 -26.61 4.43 -0.28
N ASP C 229 -26.63 4.28 -1.61
CA ASP C 229 -26.48 2.98 -2.30
C ASP C 229 -25.17 2.98 -3.10
N GLY C 230 -24.64 1.80 -3.35
CA GLY C 230 -23.36 1.69 -4.00
C GLY C 230 -22.24 2.27 -3.16
N VAL C 231 -21.03 2.31 -3.68
CA VAL C 231 -19.93 2.94 -2.96
C VAL C 231 -19.52 4.19 -3.72
N SER C 232 -19.07 5.19 -2.96
CA SER C 232 -18.46 6.38 -3.52
C SER C 232 -16.97 6.33 -3.25
N LEU C 233 -16.22 7.12 -4.02
CA LEU C 233 -14.77 7.14 -3.94
C LEU C 233 -14.35 8.45 -3.31
N ARG C 234 -13.88 8.41 -2.07
CA ARG C 234 -13.45 9.63 -1.42
C ARG C 234 -12.08 10.05 -1.94
N ILE C 235 -11.94 11.33 -2.27
CA ILE C 235 -10.68 11.88 -2.76
C ILE C 235 -9.85 12.29 -1.56
N ASP C 236 -8.73 11.59 -1.33
CA ASP C 236 -7.84 11.95 -0.23
C ASP C 236 -6.89 13.05 -0.63
N TRP C 237 -6.40 13.03 -1.86
CA TRP C 237 -5.55 14.12 -2.33
C TRP C 237 -5.31 13.95 -3.83
N ILE C 238 -4.88 15.05 -4.44
CA ILE C 238 -4.46 15.08 -5.83
C ILE C 238 -3.18 15.89 -5.87
N ASP C 239 -2.06 15.23 -6.13
CA ASP C 239 -0.77 15.89 -6.17
C ASP C 239 -0.27 15.94 -7.61
N ILE C 240 0.29 17.08 -8.00
CA ILE C 240 0.62 17.36 -9.40
C ILE C 240 1.98 18.05 -9.44
N TYR C 241 2.89 17.54 -10.27
CA TYR C 241 4.21 18.13 -10.42
C TYR C 241 4.55 18.31 -11.89
N SER C 242 5.07 19.49 -12.22
CA SER C 242 5.65 19.77 -13.53
C SER C 242 7.18 19.80 -13.45
N PHE C 243 7.83 19.18 -14.42
CA PHE C 243 9.28 19.22 -14.54
C PHE C 243 9.73 19.98 -15.79
N ALA C 244 8.86 20.88 -16.29
CA ALA C 244 9.19 21.71 -17.44
C ALA C 244 10.34 22.67 -17.15
N ASN C 245 10.66 22.92 -15.88
CA ASN C 245 11.82 23.74 -15.56
C ASN C 245 13.12 23.17 -16.10
N GLU C 246 13.20 21.84 -16.28
CA GLU C 246 14.44 21.22 -16.70
C GLU C 246 14.29 20.35 -17.94
N GLN C 247 13.09 20.19 -18.48
CA GLN C 247 12.85 19.34 -19.64
C GLN C 247 12.31 20.17 -20.80
N GLU C 248 12.74 19.82 -21.99
CA GLU C 248 12.23 20.39 -23.22
C GLU C 248 10.82 19.89 -23.51
N THR C 249 10.09 20.70 -24.27
CA THR C 249 8.82 20.27 -24.83
C THR C 249 8.98 18.97 -25.58
N CYS C 250 8.10 18.01 -25.30
CA CYS C 250 8.17 16.69 -25.90
C CYS C 250 7.01 16.39 -26.84
N MET C 251 5.76 16.70 -26.46
CA MET C 251 4.62 16.59 -27.35
C MET C 251 4.03 17.98 -27.54
N TYR C 252 3.71 18.33 -28.79
CA TYR C 252 3.34 19.71 -29.08
C TYR C 252 2.51 19.77 -30.36
N SER C 253 1.64 20.80 -30.43
CA SER C 253 0.91 21.13 -31.64
C SER C 253 0.71 22.63 -31.71
N GLY C 254 0.47 23.12 -32.92
CA GLY C 254 0.42 24.56 -33.13
C GLY C 254 1.78 25.17 -32.95
N GLY C 255 2.82 24.55 -33.51
CA GLY C 255 4.17 24.97 -33.24
C GLY C 255 5.16 23.96 -33.75
N GLU C 256 6.43 24.35 -33.71
CA GLU C 256 7.53 23.53 -34.19
C GLU C 256 8.69 23.61 -33.21
N LYS C 257 9.24 22.45 -32.88
CA LYS C 257 10.39 22.37 -32.00
C LYS C 257 11.65 22.66 -32.83
N LEU C 258 12.45 23.60 -32.37
CA LEU C 258 13.66 24.01 -33.07
C LEU C 258 14.86 23.20 -32.57
N ALA C 259 15.96 23.30 -33.31
CA ALA C 259 17.17 22.56 -32.98
C ALA C 259 17.61 22.80 -31.54
N ASP C 260 17.43 24.02 -31.02
CA ASP C 260 17.85 24.29 -29.64
C ASP C 260 16.85 23.78 -28.60
N GLY C 261 15.79 23.08 -29.01
CA GLY C 261 14.84 22.51 -28.07
C GLY C 261 13.64 23.37 -27.76
N SER C 262 13.67 24.64 -28.13
CA SER C 262 12.57 25.55 -27.86
C SER C 262 11.45 25.33 -28.87
N LEU C 263 10.30 25.90 -28.53
CA LEU C 263 9.09 25.74 -29.31
C LEU C 263 8.74 27.09 -29.91
N LYS C 264 8.55 27.11 -31.23
CA LYS C 264 8.16 28.31 -31.94
C LYS C 264 6.69 28.19 -32.30
N GLY C 265 5.88 29.13 -31.81
CA GLY C 265 4.44 29.03 -31.97
C GLY C 265 3.97 29.36 -33.38
N TRP C 266 2.75 28.93 -33.68
CA TRP C 266 2.26 29.00 -35.05
C TRP C 266 2.20 30.44 -35.56
N ALA C 267 1.82 31.39 -34.70
CA ALA C 267 1.64 32.75 -35.19
C ALA C 267 2.96 33.41 -35.57
N GLN C 268 4.10 32.83 -35.21
CA GLN C 268 5.40 33.33 -35.60
C GLN C 268 5.85 32.79 -36.94
N MET C 269 4.96 32.16 -37.70
CA MET C 269 5.24 31.69 -39.03
C MET C 269 4.22 32.28 -40.00
N SER C 270 4.56 32.19 -41.28
CA SER C 270 3.69 32.53 -42.40
C SER C 270 2.61 31.48 -42.55
N GLN C 271 1.53 31.87 -43.22
CA GLN C 271 0.45 30.91 -43.47
C GLN C 271 0.90 29.80 -44.41
N ALA C 272 1.79 30.12 -45.36
CA ALA C 272 2.37 29.08 -46.20
C ALA C 272 3.04 28.00 -45.35
N ASP C 273 3.80 28.43 -44.35
CA ASP C 273 4.53 27.52 -43.49
C ASP C 273 3.60 26.67 -42.61
N TRP C 274 2.47 27.23 -42.16
CA TRP C 274 1.47 26.39 -41.48
C TRP C 274 1.19 25.13 -42.29
N LEU C 275 0.82 25.31 -43.55
CA LEU C 275 0.42 24.18 -44.40
C LEU C 275 1.61 23.34 -44.85
N ALA C 276 2.75 23.97 -45.13
CA ALA C 276 3.90 23.24 -45.65
C ALA C 276 4.49 22.28 -44.62
N TYR C 277 4.39 22.61 -43.32
CA TYR C 277 5.01 21.84 -42.26
C TYR C 277 3.99 21.19 -41.33
N SER C 278 2.70 21.29 -41.64
CA SER C 278 1.64 20.70 -40.84
C SER C 278 1.76 21.19 -39.39
N VAL C 279 1.85 22.51 -39.24
CA VAL C 279 2.13 23.11 -37.94
C VAL C 279 1.08 22.75 -36.92
N PHE C 280 -0.17 22.57 -37.36
CA PHE C 280 -1.28 22.35 -36.44
C PHE C 280 -1.56 20.86 -36.18
N CYS C 281 -0.78 19.95 -36.76
CA CYS C 281 -0.82 18.55 -36.35
C CYS C 281 -0.06 18.34 -35.04
N ILE C 282 -0.30 17.21 -34.39
CA ILE C 282 0.34 16.86 -33.12
C ILE C 282 1.61 16.08 -33.43
N LYS C 283 2.70 16.47 -32.79
CA LYS C 283 3.98 15.81 -32.98
C LYS C 283 4.54 15.38 -31.63
N GLN C 284 5.41 14.39 -31.66
CA GLN C 284 6.09 13.96 -30.45
C GLN C 284 7.55 13.66 -30.74
N ASP C 285 8.43 14.25 -29.95
CA ASP C 285 9.85 13.93 -29.91
C ASP C 285 10.03 12.54 -29.31
N VAL C 286 9.92 11.49 -30.15
CA VAL C 286 9.78 10.14 -29.60
C VAL C 286 11.05 9.70 -28.88
N ARG C 287 12.23 10.18 -29.31
CA ARG C 287 13.45 9.83 -28.61
C ARG C 287 13.48 10.44 -27.22
N TYR C 288 13.11 11.73 -27.13
CA TYR C 288 13.12 12.43 -25.86
C TYR C 288 12.14 11.80 -24.89
N LEU C 289 10.99 11.33 -25.40
CA LEU C 289 9.99 10.64 -24.58
C LEU C 289 10.57 9.38 -23.95
N ASN C 290 11.20 8.54 -24.76
CA ASN C 290 11.73 7.26 -24.27
C ASN C 290 12.75 7.48 -23.17
N GLU C 291 13.61 8.49 -23.33
CA GLU C 291 14.69 8.72 -22.37
C GLU C 291 14.17 9.20 -21.03
N ARG C 292 13.08 9.95 -21.00
CA ARG C 292 12.77 10.74 -19.83
C ARG C 292 11.39 10.51 -19.21
N VAL C 293 10.49 9.80 -19.88
CA VAL C 293 9.11 9.82 -19.40
C VAL C 293 8.98 9.09 -18.05
N VAL C 294 9.72 8.00 -17.84
CA VAL C 294 9.55 7.28 -16.58
C VAL C 294 10.09 8.10 -15.42
N LYS C 295 11.25 8.73 -15.61
CA LYS C 295 11.80 9.51 -14.51
C LYS C 295 11.00 10.78 -14.24
N PHE C 296 10.53 11.46 -15.28
CA PHE C 296 9.99 12.80 -15.10
C PHE C 296 8.49 12.89 -15.20
N THR C 297 7.78 11.77 -15.33
CA THR C 297 6.38 11.76 -14.96
C THR C 297 6.05 10.83 -13.80
N LEU C 298 6.92 9.84 -13.49
CA LEU C 298 6.63 8.88 -12.43
C LEU C 298 7.59 9.00 -11.24
N THR C 299 8.85 8.59 -11.39
CA THR C 299 9.68 8.38 -10.19
C THR C 299 10.02 9.69 -9.47
N GLU C 300 10.34 10.76 -10.23
CA GLU C 300 10.68 12.02 -9.57
C GLU C 300 9.49 12.63 -8.84
N PRO C 301 8.29 12.73 -9.43
CA PRO C 301 7.17 13.23 -8.61
C PRO C 301 6.74 12.23 -7.55
N LEU C 302 6.68 10.93 -7.87
CA LEU C 302 6.15 9.99 -6.89
C LEU C 302 7.05 9.84 -5.68
N ARG C 303 8.38 9.94 -5.84
CA ARG C 303 9.21 9.82 -4.64
C ARG C 303 9.05 11.03 -3.74
N ARG C 304 8.81 12.21 -4.31
CA ARG C 304 8.46 13.38 -3.49
C ARG C 304 7.16 13.12 -2.73
N ILE C 305 6.14 12.61 -3.43
CA ILE C 305 4.84 12.40 -2.79
C ILE C 305 4.92 11.29 -1.75
N VAL C 306 5.70 10.24 -2.02
CA VAL C 306 5.80 9.14 -1.07
C VAL C 306 6.45 9.61 0.23
N ALA C 307 7.46 10.46 0.12
CA ALA C 307 8.13 10.94 1.33
C ALA C 307 7.25 11.90 2.10
N ASP C 308 6.73 12.95 1.41
CA ASP C 308 5.94 13.99 2.09
C ASP C 308 4.69 13.41 2.73
N ARG C 309 4.05 12.44 2.10
CA ARG C 309 2.82 11.85 2.66
C ARG C 309 3.06 10.53 3.38
N ASN C 310 4.32 10.08 3.48
CA ASN C 310 4.70 8.85 4.19
C ASN C 310 3.82 7.67 3.76
N LEU C 311 3.90 7.34 2.47
CA LEU C 311 3.09 6.29 1.89
C LEU C 311 3.82 4.96 1.91
N SER C 312 3.05 3.87 1.82
CA SER C 312 3.58 2.53 1.64
C SER C 312 2.82 1.84 0.53
N SER C 313 3.53 1.14 -0.36
CA SER C 313 2.87 0.56 -1.53
C SER C 313 2.00 -0.64 -1.17
N GLU C 314 2.33 -1.35 -0.08
CA GLU C 314 1.46 -2.45 0.36
C GLU C 314 0.07 -1.94 0.76
N SER C 315 -0.06 -0.64 1.02
CA SER C 315 -1.36 -0.06 1.32
C SER C 315 -2.22 0.19 0.07
N ILE C 316 -1.69 0.08 -1.15
CA ILE C 316 -2.45 0.39 -2.36
C ILE C 316 -3.13 -0.87 -2.88
N ASP C 317 -4.46 -0.87 -2.88
CA ASP C 317 -5.21 -2.03 -3.35
C ASP C 317 -5.40 -2.02 -4.86
N TRP C 318 -5.55 -0.85 -5.45
CA TRP C 318 -5.73 -0.71 -6.90
C TRP C 318 -4.79 0.38 -7.42
N PHE C 319 -4.02 0.05 -8.44
CA PHE C 319 -3.16 1.02 -9.09
C PHE C 319 -3.70 1.23 -10.49
N LEU C 320 -3.94 2.50 -10.86
CA LEU C 320 -4.58 2.86 -12.13
C LEU C 320 -3.64 3.75 -12.95
N PRO C 321 -2.74 3.16 -13.72
CA PRO C 321 -1.83 3.97 -14.52
C PRO C 321 -2.34 4.23 -15.93
N ALA C 322 -2.55 5.50 -16.28
CA ALA C 322 -3.00 5.83 -17.64
C ALA C 322 -1.77 6.08 -18.51
N TYR C 323 -1.11 5.00 -18.92
CA TYR C 323 0.22 5.10 -19.49
C TYR C 323 0.29 5.09 -21.01
N SER C 324 -0.84 4.99 -21.71
CA SER C 324 -0.88 5.25 -23.15
C SER C 324 -0.25 4.19 -24.06
N SER C 325 0.74 3.42 -23.59
CA SER C 325 1.36 2.43 -24.46
C SER C 325 1.87 1.24 -23.65
N GLU C 326 1.62 0.02 -24.15
CA GLU C 326 2.09 -1.17 -23.46
C GLU C 326 3.60 -1.20 -23.35
N TYR C 327 4.31 -0.53 -24.25
CA TYR C 327 5.76 -0.44 -24.16
C TYR C 327 6.21 0.11 -22.81
N PHE C 328 5.41 0.96 -22.17
CA PHE C 328 5.85 1.55 -20.92
C PHE C 328 5.31 0.84 -19.68
N ARG C 329 4.45 -0.16 -19.85
CA ARG C 329 3.85 -0.86 -18.72
C ARG C 329 4.92 -1.35 -17.75
N MET C 330 5.79 -2.25 -18.20
CA MET C 330 6.86 -2.73 -17.33
C MET C 330 7.96 -1.70 -17.11
N LYS C 331 8.02 -0.64 -17.92
CA LYS C 331 9.03 0.37 -17.63
C LYS C 331 8.63 1.25 -16.44
N PHE C 332 7.33 1.59 -16.33
CA PHE C 332 6.85 2.27 -15.13
C PHE C 332 6.93 1.36 -13.89
N SER C 333 6.62 0.07 -14.04
CA SER C 333 6.76 -0.85 -12.92
C SER C 333 8.20 -0.88 -12.41
N GLU C 334 9.17 -0.97 -13.32
CA GLU C 334 10.58 -0.85 -12.93
C GLU C 334 10.83 0.46 -12.22
N GLY C 335 10.19 1.53 -12.69
CA GLY C 335 10.31 2.80 -12.01
C GLY C 335 9.79 2.76 -10.59
N LEU C 336 8.64 2.11 -10.38
CA LEU C 336 8.16 1.94 -9.01
C LEU C 336 9.16 1.15 -8.17
N ASP C 337 9.81 0.13 -8.75
CA ASP C 337 10.83 -0.61 -8.02
C ASP C 337 11.97 0.31 -7.60
N ASP C 338 12.39 1.22 -8.51
CA ASP C 338 13.55 2.07 -8.22
C ASP C 338 13.30 3.06 -7.10
N ILE C 339 12.05 3.42 -6.80
CA ILE C 339 11.81 4.30 -5.66
C ILE C 339 11.17 3.50 -4.52
N ASN C 340 11.42 2.19 -4.48
CA ASN C 340 10.97 1.35 -3.39
C ASN C 340 9.46 1.51 -3.16
N PHE C 341 8.69 1.35 -4.23
CA PHE C 341 7.24 1.50 -4.19
C PHE C 341 6.59 0.49 -5.13
N SER C 342 7.07 -0.76 -5.06
CA SER C 342 6.61 -1.78 -5.99
C SER C 342 5.14 -2.08 -5.75
N ILE C 343 4.43 -2.27 -6.85
CA ILE C 343 3.04 -2.67 -6.83
C ILE C 343 2.94 -3.76 -7.88
N GLU C 344 2.62 -4.97 -7.43
CA GLU C 344 2.56 -6.13 -8.30
C GLU C 344 1.45 -5.95 -9.33
N GLN C 345 1.63 -6.60 -10.49
CA GLN C 345 0.72 -6.43 -11.61
C GLN C 345 -0.72 -6.83 -11.29
N GLU C 346 -0.93 -7.76 -10.33
CA GLU C 346 -2.28 -8.17 -9.97
C GLU C 346 -3.15 -6.96 -9.61
N ARG C 347 -2.55 -5.97 -8.96
CA ARG C 347 -3.27 -4.81 -8.44
C ARG C 347 -3.38 -3.68 -9.46
N TRP C 348 -2.82 -3.85 -10.65
CA TRP C 348 -2.97 -2.85 -11.70
C TRP C 348 -4.29 -3.03 -12.42
N PHE C 349 -4.89 -1.92 -12.84
CA PHE C 349 -6.08 -2.00 -13.68
C PHE C 349 -5.97 -1.00 -14.81
N THR C 350 -6.16 -1.46 -16.04
CA THR C 350 -6.35 -0.52 -17.14
C THR C 350 -7.16 -1.20 -18.24
N ASN C 351 -7.71 -0.37 -19.13
CA ASN C 351 -8.43 -0.85 -20.30
C ASN C 351 -7.88 -0.22 -21.56
N LEU C 352 -6.63 0.26 -21.51
CA LEU C 352 -5.94 0.84 -22.65
C LEU C 352 -6.14 0.05 -23.95
N THR C 353 -5.92 -1.27 -23.90
CA THR C 353 -5.81 -2.02 -25.15
C THR C 353 -7.17 -2.21 -25.83
N VAL C 354 -8.25 -2.00 -25.10
CA VAL C 354 -9.60 -2.14 -25.64
C VAL C 354 -10.30 -0.81 -25.83
N LYS C 355 -10.04 0.19 -24.98
CA LYS C 355 -10.64 1.51 -25.11
C LYS C 355 -9.78 2.48 -25.92
N GLY C 356 -8.50 2.21 -26.07
CA GLY C 356 -7.60 3.10 -26.77
C GLY C 356 -6.98 4.14 -25.85
N ASN C 357 -5.92 4.77 -26.34
CA ASN C 357 -5.25 5.86 -25.63
C ASN C 357 -6.02 7.15 -25.94
N THR C 358 -6.97 7.46 -25.06
CA THR C 358 -7.78 8.67 -25.17
C THR C 358 -7.19 9.85 -24.41
N GLY C 359 -5.88 9.88 -24.20
CA GLY C 359 -5.27 11.08 -23.65
C GLY C 359 -5.85 11.42 -22.30
N SER C 360 -6.30 12.68 -22.15
CA SER C 360 -6.74 13.14 -20.85
C SER C 360 -8.01 12.42 -20.37
N ALA C 361 -8.75 11.78 -21.26
CA ALA C 361 -9.95 11.08 -20.84
C ALA C 361 -9.66 9.73 -20.20
N SER C 362 -8.43 9.22 -20.35
CA SER C 362 -8.15 7.82 -20.06
C SER C 362 -8.48 7.46 -18.62
N ILE C 363 -8.11 8.31 -17.67
CA ILE C 363 -8.35 7.99 -16.26
C ILE C 363 -9.85 7.92 -15.98
N TYR C 364 -10.64 8.77 -16.66
CA TYR C 364 -12.09 8.73 -16.52
C TYR C 364 -12.64 7.41 -17.04
N ILE C 365 -12.16 6.99 -18.21
CA ILE C 365 -12.62 5.76 -18.82
C ILE C 365 -12.20 4.54 -17.98
N MET C 366 -11.03 4.59 -17.35
CA MET C 366 -10.66 3.50 -16.46
C MET C 366 -11.53 3.48 -15.21
N LEU C 367 -11.69 4.64 -14.57
CA LEU C 367 -12.53 4.73 -13.39
C LEU C 367 -13.97 4.34 -13.68
N ASP C 368 -14.44 4.61 -14.90
CA ASP C 368 -15.82 4.28 -15.26
C ASP C 368 -16.03 2.76 -15.24
N GLU C 369 -15.11 2.02 -15.85
CA GLU C 369 -15.24 0.57 -15.85
C GLU C 369 -15.05 0.00 -14.44
N LEU C 370 -14.07 0.51 -13.70
CA LEU C 370 -13.78 -0.07 -12.39
C LEU C 370 -14.91 0.16 -11.42
N MET C 371 -15.51 1.35 -11.42
CA MET C 371 -16.63 1.61 -10.52
C MET C 371 -17.84 0.77 -10.87
N LYS C 372 -18.04 0.47 -12.17
CA LYS C 372 -19.18 -0.32 -12.61
C LYS C 372 -18.94 -1.82 -12.51
N SER C 373 -17.75 -2.27 -12.15
CA SER C 373 -17.40 -3.68 -12.29
C SER C 373 -17.88 -4.53 -11.13
N GLY C 374 -18.27 -3.92 -10.01
CA GLY C 374 -18.57 -4.65 -8.79
C GLY C 374 -17.38 -5.06 -7.97
N LYS C 375 -16.15 -4.91 -8.50
CA LYS C 375 -14.95 -5.38 -7.82
C LYS C 375 -14.51 -4.49 -6.66
N LEU C 376 -15.03 -3.27 -6.54
CA LEU C 376 -14.53 -2.35 -5.52
C LEU C 376 -15.17 -2.64 -4.16
N LYS C 377 -14.35 -2.59 -3.10
CA LYS C 377 -14.83 -2.92 -1.76
C LYS C 377 -14.49 -1.81 -0.79
N LYS C 378 -15.41 -1.57 0.16
CA LYS C 378 -15.26 -0.53 1.16
C LYS C 378 -13.89 -0.62 1.83
N ASP C 379 -13.25 0.54 2.00
CA ASP C 379 -11.96 0.78 2.63
C ASP C 379 -10.79 0.48 1.68
N GLN C 380 -11.01 -0.08 0.50
CA GLN C 380 -9.92 -0.29 -0.45
C GLN C 380 -9.32 1.04 -0.90
N ARG C 381 -8.02 1.04 -1.19
CA ARG C 381 -7.32 2.26 -1.54
C ARG C 381 -6.84 2.20 -2.98
N LEU C 382 -7.05 3.32 -3.70
CA LEU C 382 -6.71 3.45 -5.11
C LEU C 382 -5.70 4.57 -5.29
N LEU C 383 -4.70 4.30 -6.11
CA LEU C 383 -3.72 5.29 -6.51
C LEU C 383 -3.78 5.36 -8.03
N CYS C 384 -4.11 6.54 -8.55
CA CYS C 384 -4.23 6.79 -9.98
C CYS C 384 -3.00 7.55 -10.41
N PHE C 385 -2.40 7.14 -11.52
CA PHE C 385 -1.20 7.77 -12.06
C PHE C 385 -1.53 8.28 -13.44
N ILE C 386 -1.38 9.58 -13.65
CA ILE C 386 -1.71 10.18 -14.93
C ILE C 386 -0.49 10.94 -15.41
N PRO C 387 0.35 10.32 -16.25
CA PRO C 387 1.50 11.01 -16.81
C PRO C 387 1.14 11.89 -17.99
N GLU C 388 1.84 13.00 -18.13
CA GLU C 388 1.69 13.85 -19.31
C GLU C 388 3.08 14.13 -19.87
N SER C 389 3.37 13.56 -21.03
CA SER C 389 4.68 13.74 -21.64
C SER C 389 4.86 15.11 -22.28
N ALA C 390 3.77 15.83 -22.56
CA ALA C 390 3.83 17.07 -23.32
C ALA C 390 5.04 17.90 -22.90
N ARG C 391 5.15 18.19 -21.61
CA ARG C 391 6.40 18.71 -21.07
C ARG C 391 6.68 18.10 -19.70
N PHE C 392 6.30 16.84 -19.51
CA PHE C 392 6.64 16.05 -18.34
C PHE C 392 6.01 16.57 -17.04
N THR C 393 4.72 16.30 -16.92
CA THR C 393 3.96 16.45 -15.69
C THR C 393 3.54 15.06 -15.23
N GLY C 394 3.60 14.83 -13.92
CA GLY C 394 2.95 13.68 -13.32
C GLY C 394 1.85 14.11 -12.35
N ALA C 395 0.64 13.58 -12.53
CA ALA C 395 -0.46 13.86 -11.63
C ALA C 395 -0.89 12.55 -10.95
N PHE C 396 -1.15 12.62 -9.66
CA PHE C 396 -1.49 11.44 -8.88
C PHE C 396 -2.70 11.74 -8.01
N MET C 397 -3.60 10.75 -7.87
CA MET C 397 -4.77 10.90 -7.03
C MET C 397 -4.97 9.64 -6.20
N HIS C 398 -5.05 9.81 -4.89
CA HIS C 398 -5.33 8.72 -3.96
C HIS C 398 -6.82 8.77 -3.61
N LEU C 399 -7.51 7.65 -3.85
CA LEU C 399 -8.91 7.46 -3.52
C LEU C 399 -9.09 6.38 -2.45
N THR C 400 -10.09 6.54 -1.57
CA THR C 400 -10.51 5.51 -0.63
C THR C 400 -11.99 5.17 -0.84
N VAL C 401 -12.29 3.87 -0.99
CA VAL C 401 -13.67 3.42 -1.16
C VAL C 401 -14.42 3.52 0.16
N VAL C 402 -15.55 4.22 0.16
CA VAL C 402 -16.35 4.36 1.38
C VAL C 402 -17.81 3.95 1.16
N ASN D 24 -8.37 31.63 5.30
CA ASN D 24 -8.17 32.97 4.73
C ASN D 24 -7.10 32.99 3.65
N VAL D 25 -7.30 33.83 2.64
CA VAL D 25 -6.34 34.02 1.54
C VAL D 25 -6.16 35.51 1.30
N TYR D 26 -4.91 35.93 1.12
CA TYR D 26 -4.57 37.34 0.97
C TYR D 26 -3.73 37.53 -0.27
N ILE D 27 -4.16 38.45 -1.14
CA ILE D 27 -3.28 38.91 -2.20
C ILE D 27 -2.22 39.78 -1.54
N THR D 28 -0.98 39.32 -1.54
CA THR D 28 0.10 40.02 -0.86
C THR D 28 1.04 40.73 -1.83
N LYS D 29 0.93 40.43 -3.13
CA LYS D 29 1.75 41.12 -4.11
C LYS D 29 1.14 40.92 -5.48
N VAL D 30 1.27 41.94 -6.32
CA VAL D 30 0.71 41.96 -7.67
C VAL D 30 1.75 42.61 -8.55
N SER D 31 2.02 42.03 -9.70
CA SER D 31 2.93 42.68 -10.63
C SER D 31 2.33 42.70 -12.03
N ALA D 32 2.77 43.66 -12.80
CA ALA D 32 2.31 43.86 -14.16
C ALA D 32 3.50 44.07 -15.06
N PHE D 33 3.46 43.49 -16.25
CA PHE D 33 4.51 43.73 -17.22
C PHE D 33 3.88 44.20 -18.52
N MET D 34 4.26 45.42 -18.95
CA MET D 34 3.86 45.96 -20.22
C MET D 34 5.05 45.89 -21.16
N PRO D 35 4.94 45.25 -22.32
CA PRO D 35 6.10 45.17 -23.23
C PRO D 35 6.32 46.48 -23.97
N GLY D 36 7.57 46.92 -24.02
CA GLY D 36 8.04 48.07 -24.79
C GLY D 36 7.39 49.39 -24.36
N ASN D 37 7.48 50.37 -25.27
CA ASN D 37 6.98 51.67 -24.88
C ASN D 37 5.49 51.81 -25.21
N PRO D 38 4.75 52.62 -24.45
CA PRO D 38 3.35 52.90 -24.84
C PRO D 38 3.27 53.49 -26.24
N ILE D 39 2.31 52.99 -27.01
CA ILE D 39 2.13 53.35 -28.41
C ILE D 39 0.84 54.16 -28.53
N ASP D 40 0.94 55.34 -29.17
CA ASP D 40 -0.19 56.25 -29.25
C ASP D 40 -1.03 55.96 -30.49
N ASN D 41 -2.15 56.68 -30.60
CA ASN D 41 -3.16 56.39 -31.62
C ASN D 41 -2.63 56.61 -33.02
N ASN D 42 -1.73 57.57 -33.22
CA ASN D 42 -1.19 57.82 -34.55
C ASN D 42 -0.14 56.80 -34.97
N THR D 43 0.51 56.11 -34.03
CA THR D 43 1.58 55.18 -34.37
C THR D 43 1.12 53.72 -34.39
N MET D 44 -0.03 53.40 -33.78
CA MET D 44 -0.37 51.99 -33.58
C MET D 44 -0.49 51.24 -34.90
N GLU D 45 -1.02 51.89 -35.93
CA GLU D 45 -1.18 51.19 -37.20
C GLU D 45 0.16 50.88 -37.86
N SER D 46 1.18 51.74 -37.69
CA SER D 46 2.45 51.43 -38.34
C SER D 46 3.18 50.30 -37.63
N VAL D 47 3.00 50.17 -36.31
CA VAL D 47 3.54 49.02 -35.58
C VAL D 47 2.86 47.73 -36.05
N LEU D 48 1.52 47.69 -35.99
CA LEU D 48 0.79 46.48 -36.36
C LEU D 48 0.86 46.21 -37.86
N GLY D 49 1.03 47.25 -38.67
CA GLY D 49 1.28 47.12 -40.09
C GLY D 49 0.03 47.41 -40.91
N PHE D 50 0.25 47.87 -42.14
CA PHE D 50 -0.86 48.13 -43.05
C PHE D 50 -1.27 46.86 -43.78
N VAL D 51 -2.57 46.68 -43.94
CA VAL D 51 -3.13 45.54 -44.65
C VAL D 51 -3.45 45.98 -46.08
N GLY D 52 -2.99 45.22 -47.06
CA GLY D 52 -3.29 45.52 -48.45
C GLY D 52 -2.82 46.88 -48.90
N GLY D 53 -1.80 47.44 -48.25
CA GLY D 53 -1.24 48.70 -48.72
C GLY D 53 -2.15 49.89 -48.61
N ARG D 54 -3.09 49.88 -47.68
CA ARG D 54 -3.96 51.03 -47.46
C ARG D 54 -4.14 51.28 -45.97
N PRO D 55 -4.26 52.54 -45.57
CA PRO D 55 -4.61 52.83 -44.17
C PRO D 55 -6.02 52.35 -43.87
N SER D 56 -6.29 52.12 -42.58
CA SER D 56 -7.62 51.71 -42.16
C SER D 56 -8.57 52.89 -42.21
N ARG D 57 -9.74 52.68 -42.79
CA ARG D 57 -10.83 53.63 -42.67
C ARG D 57 -11.59 53.46 -41.35
N SER D 58 -11.57 52.27 -40.76
CA SER D 58 -12.28 52.03 -39.51
C SER D 58 -11.55 52.62 -38.30
N ARG D 59 -10.21 52.67 -38.35
CA ARG D 59 -9.41 52.81 -37.13
C ARG D 59 -9.82 54.05 -36.34
N HIS D 60 -9.88 55.20 -37.02
CA HIS D 60 -10.22 56.45 -36.36
C HIS D 60 -11.57 56.35 -35.63
N ILE D 61 -12.55 55.69 -36.25
CA ILE D 61 -13.87 55.60 -35.65
C ILE D 61 -13.86 54.64 -34.45
N VAL D 62 -13.26 53.47 -34.62
CA VAL D 62 -13.15 52.51 -33.52
C VAL D 62 -12.43 53.13 -32.33
N LEU D 63 -11.35 53.87 -32.61
CA LEU D 63 -10.60 54.56 -31.55
C LEU D 63 -11.45 55.63 -30.85
N ARG D 64 -12.32 56.31 -31.61
CA ARG D 64 -13.15 57.34 -30.99
C ARG D 64 -14.10 56.73 -29.96
N ASN D 65 -14.68 55.57 -30.28
CA ASN D 65 -15.65 54.93 -29.37
C ASN D 65 -15.00 54.18 -28.21
N ASN D 66 -13.85 53.54 -28.41
CA ASN D 66 -13.27 52.79 -27.28
C ASN D 66 -12.49 53.69 -26.33
N GLY D 67 -12.03 54.85 -26.79
CA GLY D 67 -11.45 55.83 -25.89
C GLY D 67 -10.04 55.53 -25.46
N ILE D 68 -9.36 54.62 -26.12
CA ILE D 68 -8.04 54.15 -25.67
C ILE D 68 -6.98 55.01 -26.34
N LYS D 69 -6.06 55.55 -25.54
CA LYS D 69 -5.06 56.51 -26.00
C LYS D 69 -3.68 55.91 -26.13
N TYR D 70 -3.33 54.96 -25.27
CA TYR D 70 -2.02 54.31 -25.31
C TYR D 70 -2.22 52.83 -25.05
N ARG D 71 -1.36 52.02 -25.65
CA ARG D 71 -1.34 50.57 -25.43
C ARG D 71 0.05 50.05 -25.75
N HIS D 72 0.26 48.77 -25.45
CA HIS D 72 1.54 48.11 -25.65
C HIS D 72 1.39 46.90 -26.58
N TYR D 73 2.41 46.68 -27.40
CA TYR D 73 2.52 45.48 -28.22
C TYR D 73 3.88 44.85 -27.98
N ALA D 74 3.91 43.52 -27.87
CA ALA D 74 5.16 42.74 -27.81
C ALA D 74 5.74 42.64 -29.22
N LEU D 75 6.02 43.81 -29.78
CA LEU D 75 6.52 43.99 -31.13
C LEU D 75 7.60 45.05 -31.11
N ASP D 76 8.64 44.84 -31.91
CA ASP D 76 9.65 45.86 -32.12
C ASP D 76 9.07 46.96 -32.99
N PRO D 77 8.95 48.20 -32.49
CA PRO D 77 8.16 49.21 -33.22
C PRO D 77 8.68 49.51 -34.61
N GLU D 78 9.99 49.44 -34.82
CA GLU D 78 10.54 49.62 -36.16
C GLU D 78 10.52 48.33 -36.97
N THR D 79 10.89 47.19 -36.37
CA THR D 79 11.06 45.99 -37.19
C THR D 79 9.75 45.26 -37.41
N GLY D 80 8.93 45.13 -36.36
CA GLY D 80 7.82 44.23 -36.45
C GLY D 80 8.06 42.84 -35.86
N GLU D 81 9.32 42.46 -35.59
CA GLU D 81 9.59 41.20 -34.89
C GLU D 81 8.91 41.19 -33.53
N ALA D 82 8.52 40.00 -33.09
CA ALA D 82 8.02 39.79 -31.74
C ALA D 82 9.13 40.02 -30.72
N THR D 83 8.78 40.64 -29.59
CA THR D 83 9.77 40.85 -28.54
C THR D 83 9.62 39.92 -27.34
N TYR D 84 8.45 39.32 -27.16
CA TYR D 84 8.21 38.29 -26.16
C TYR D 84 7.15 37.35 -26.71
N THR D 85 7.38 36.05 -26.54
CA THR D 85 6.28 35.11 -26.59
C THR D 85 5.33 35.38 -25.43
N SER D 86 4.11 34.85 -25.53
CA SER D 86 3.19 34.92 -24.40
C SER D 86 3.79 34.24 -23.15
N ALA D 87 4.50 33.11 -23.33
CA ALA D 87 5.18 32.48 -22.20
C ALA D 87 6.20 33.42 -21.56
N GLN D 88 7.03 34.05 -22.38
CA GLN D 88 8.01 34.99 -21.81
C GLN D 88 7.32 36.16 -21.14
N LEU D 89 6.24 36.67 -21.73
CA LEU D 89 5.55 37.82 -21.15
C LEU D 89 5.02 37.49 -19.77
N ALA D 90 4.31 36.36 -19.64
CA ALA D 90 3.83 35.91 -18.33
C ALA D 90 4.99 35.70 -17.35
N ALA D 91 6.13 35.19 -17.84
CA ALA D 91 7.26 34.92 -16.95
C ALA D 91 7.83 36.22 -16.38
N GLU D 92 7.98 37.26 -17.21
CA GLU D 92 8.38 38.56 -16.70
C GLU D 92 7.44 39.04 -15.59
N ALA D 93 6.14 38.81 -15.75
CA ALA D 93 5.21 39.26 -14.73
C ALA D 93 5.43 38.52 -13.42
N VAL D 94 5.53 37.18 -13.47
CA VAL D 94 5.73 36.39 -12.25
C VAL D 94 7.00 36.85 -11.52
N LYS D 95 8.09 37.02 -12.27
CA LYS D 95 9.36 37.51 -11.73
C LYS D 95 9.23 38.87 -11.04
N GLY D 96 8.21 39.66 -11.38
CA GLY D 96 7.93 40.88 -10.63
C GLY D 96 7.41 40.64 -9.23
N LEU D 97 7.09 39.41 -8.89
CA LEU D 97 6.61 39.12 -7.53
C LEU D 97 7.74 38.93 -6.55
N VAL D 98 8.97 38.75 -7.01
CA VAL D 98 10.08 38.32 -6.16
C VAL D 98 10.60 39.50 -5.35
N ASP D 99 10.58 39.36 -4.03
CA ASP D 99 11.18 40.33 -3.13
C ASP D 99 11.86 39.56 -1.99
N GLU D 100 12.11 40.25 -0.87
CA GLU D 100 12.75 39.60 0.28
C GLU D 100 11.91 38.47 0.84
N HIS D 101 10.60 38.54 0.70
CA HIS D 101 9.67 37.61 1.35
C HIS D 101 9.22 36.47 0.46
N PHE D 102 9.59 36.47 -0.82
CA PHE D 102 9.12 35.45 -1.74
C PHE D 102 10.12 35.28 -2.86
N SER D 103 10.65 34.06 -3.01
CA SER D 103 11.46 33.69 -4.16
C SER D 103 10.64 32.75 -5.06
N LEU D 104 11.11 32.59 -6.31
CA LEU D 104 10.40 31.74 -7.26
C LEU D 104 10.29 30.31 -6.76
N ASP D 105 11.29 29.83 -6.02
CA ASP D 105 11.28 28.45 -5.55
C ASP D 105 10.32 28.24 -4.40
N ASP D 106 9.80 29.30 -3.82
CA ASP D 106 8.82 29.18 -2.74
C ASP D 106 7.41 28.87 -3.24
N MET D 107 7.15 28.97 -4.54
CA MET D 107 5.78 28.85 -5.01
C MET D 107 5.35 27.38 -5.04
N GLN D 108 4.23 27.09 -4.39
CA GLN D 108 3.70 25.74 -4.26
C GLN D 108 2.69 25.37 -5.35
N SER D 109 2.25 26.34 -6.15
CA SER D 109 1.32 26.12 -7.26
C SER D 109 1.40 27.31 -8.20
N LEU D 110 1.36 27.04 -9.50
CA LEU D 110 1.25 28.06 -10.51
C LEU D 110 0.01 27.76 -11.34
N ALA D 111 -0.89 28.75 -11.43
CA ALA D 111 -2.02 28.74 -12.35
C ALA D 111 -1.83 29.86 -13.37
N ALA D 112 -1.67 29.49 -14.64
CA ALA D 112 -1.42 30.44 -15.71
C ALA D 112 -2.51 30.33 -16.77
N SER D 113 -2.76 31.43 -17.46
CA SER D 113 -3.71 31.42 -18.57
C SER D 113 -3.24 32.38 -19.63
N SER D 114 -3.74 32.17 -20.85
CA SER D 114 -3.53 33.10 -21.97
C SER D 114 -4.51 32.77 -23.09
N GLY D 115 -5.32 33.75 -23.50
CA GLY D 115 -6.16 33.57 -24.67
C GLY D 115 -5.38 33.53 -25.97
N THR D 116 -4.10 33.92 -25.92
CA THR D 116 -3.24 33.89 -27.08
C THR D 116 -2.01 33.07 -26.75
N SER D 117 -2.19 31.84 -26.24
CA SER D 117 -1.05 30.97 -25.98
C SER D 117 -0.23 30.79 -27.25
N ASP D 118 1.08 30.63 -27.06
CA ASP D 118 1.98 30.47 -28.20
C ASP D 118 1.69 29.19 -28.99
N GLN D 119 1.10 28.19 -28.35
CA GLN D 119 0.85 26.91 -29.02
C GLN D 119 -0.47 26.31 -28.55
N ILE D 120 -0.89 25.24 -29.21
CA ILE D 120 -2.11 24.57 -28.76
C ILE D 120 -1.79 23.55 -27.65
N ILE D 121 -0.73 22.77 -27.82
CA ILE D 121 -0.17 21.84 -26.84
C ILE D 121 1.33 22.06 -26.86
N PRO D 122 2.00 22.09 -25.69
CA PRO D 122 1.49 22.00 -24.32
C PRO D 122 0.68 23.22 -23.84
N GLY D 123 0.14 23.12 -22.63
CA GLY D 123 -0.59 24.23 -22.05
C GLY D 123 0.34 25.39 -21.72
N HIS D 124 -0.23 26.58 -21.76
CA HIS D 124 0.51 27.81 -21.46
C HIS D 124 1.29 27.67 -20.16
N GLY D 125 0.66 27.09 -19.13
CA GLY D 125 1.25 27.06 -17.81
C GLY D 125 2.62 26.39 -17.76
N VAL D 126 2.76 25.24 -18.40
CA VAL D 126 4.03 24.55 -18.31
C VAL D 126 5.10 25.23 -19.16
N MET D 127 4.71 26.01 -20.17
CA MET D 127 5.69 26.79 -20.92
C MET D 127 6.17 28.00 -20.10
N VAL D 128 5.28 28.62 -19.33
CA VAL D 128 5.68 29.62 -18.34
C VAL D 128 6.67 29.03 -17.36
N HIS D 129 6.38 27.81 -16.86
CA HIS D 129 7.31 27.09 -15.99
C HIS D 129 8.66 26.87 -16.68
N GLY D 130 8.63 26.47 -17.94
CA GLY D 130 9.88 26.28 -18.65
C GLY D 130 10.69 27.56 -18.85
N GLU D 131 10.03 28.73 -18.80
CA GLU D 131 10.75 29.99 -18.91
C GLU D 131 11.32 30.41 -17.56
N LEU D 132 10.56 30.22 -16.49
CA LEU D 132 10.97 30.64 -15.15
C LEU D 132 12.11 29.77 -14.61
N LYS D 133 12.03 28.46 -14.83
CA LYS D 133 13.02 27.45 -14.40
C LYS D 133 13.14 27.35 -12.89
N ASN D 134 12.12 27.77 -12.15
CA ASN D 134 12.05 27.51 -10.72
C ASN D 134 11.88 26.01 -10.47
N LYS D 135 12.04 25.60 -9.21
CA LYS D 135 12.05 24.17 -8.88
C LYS D 135 10.70 23.53 -9.19
N PRO D 136 10.67 22.22 -9.44
CA PRO D 136 9.41 21.56 -9.83
C PRO D 136 8.27 21.81 -8.85
N CYS D 137 7.07 22.03 -9.41
CA CYS D 137 5.90 22.39 -8.62
C CYS D 137 4.65 22.15 -9.45
N GLU D 138 3.50 22.28 -8.79
CA GLU D 138 2.22 22.13 -9.47
C GLU D 138 2.01 23.27 -10.45
N VAL D 139 1.72 22.92 -11.70
CA VAL D 139 1.39 23.90 -12.73
C VAL D 139 0.06 23.53 -13.36
N ILE D 140 -0.88 24.48 -13.41
CA ILE D 140 -2.12 24.27 -14.12
C ILE D 140 -2.33 25.45 -15.07
N SER D 141 -2.99 25.17 -16.19
CA SER D 141 -3.36 26.20 -17.17
C SER D 141 -4.86 26.28 -17.26
N THR D 142 -5.42 27.48 -17.18
CA THR D 142 -6.80 27.67 -17.58
C THR D 142 -6.83 28.31 -18.97
N SER D 143 -7.98 28.22 -19.63
CA SER D 143 -8.12 28.81 -20.95
C SER D 143 -9.46 29.52 -21.07
N GLY D 144 -9.61 30.28 -22.14
CA GLY D 144 -10.71 31.18 -22.35
C GLY D 144 -10.16 32.51 -22.83
N ALA D 145 -10.91 33.57 -22.58
CA ALA D 145 -10.48 34.91 -22.98
C ALA D 145 -10.40 35.75 -21.73
N CYS D 146 -11.14 36.86 -21.66
CA CYS D 146 -10.91 37.89 -20.65
C CYS D 146 -11.12 37.39 -19.24
N ALA D 147 -11.88 36.32 -19.03
CA ALA D 147 -12.09 35.85 -17.67
C ALA D 147 -11.14 34.74 -17.26
N ALA D 148 -10.28 34.27 -18.17
CA ALA D 148 -9.42 33.16 -17.80
C ALA D 148 -8.35 33.57 -16.80
N GLY D 149 -7.99 34.86 -16.72
CA GLY D 149 -7.14 35.30 -15.63
C GLY D 149 -7.81 35.20 -14.27
N MET D 150 -9.13 35.25 -14.25
CA MET D 150 -9.86 35.11 -12.99
C MET D 150 -10.09 33.65 -12.60
N THR D 151 -10.29 32.74 -13.58
CA THR D 151 -10.38 31.32 -13.21
C THR D 151 -9.01 30.79 -12.78
N ALA D 152 -7.92 31.24 -13.41
CA ALA D 152 -6.61 30.95 -12.83
C ALA D 152 -6.53 31.45 -11.39
N MET D 153 -6.96 32.69 -11.15
CA MET D 153 -6.83 33.25 -9.81
C MET D 153 -7.70 32.53 -8.80
N LYS D 154 -8.88 32.07 -9.22
CA LYS D 154 -9.74 31.33 -8.31
C LYS D 154 -9.15 29.96 -7.98
N TYR D 155 -8.48 29.33 -8.95
CA TYR D 155 -7.78 28.09 -8.65
C TYR D 155 -6.76 28.32 -7.55
N ALA D 156 -5.92 29.34 -7.73
CA ALA D 156 -4.94 29.68 -6.70
C ALA D 156 -5.63 29.99 -5.38
N TYR D 157 -6.70 30.77 -5.43
CA TYR D 157 -7.50 31.07 -4.25
C TYR D 157 -7.99 29.80 -3.57
N LEU D 158 -8.62 28.90 -4.33
CA LEU D 158 -9.15 27.68 -3.72
C LEU D 158 -8.03 26.77 -3.22
N SER D 159 -6.87 26.82 -3.87
CA SER D 159 -5.75 26.03 -3.38
C SER D 159 -5.34 26.47 -1.98
N VAL D 160 -5.26 27.78 -1.75
CA VAL D 160 -4.84 28.27 -0.45
C VAL D 160 -5.96 28.15 0.56
N LEU D 161 -7.18 28.50 0.17
CA LEU D 161 -8.31 28.50 1.10
C LEU D 161 -8.59 27.10 1.62
N SER D 162 -8.42 26.09 0.77
CA SER D 162 -8.68 24.71 1.15
C SER D 162 -7.60 24.13 2.05
N GLY D 163 -6.44 24.79 2.16
CA GLY D 163 -5.32 24.24 2.88
C GLY D 163 -4.40 23.37 2.06
N ALA D 164 -4.70 23.17 0.77
CA ALA D 164 -3.84 22.33 -0.06
C ALA D 164 -2.45 22.91 -0.19
N THR D 165 -2.32 24.23 -0.19
CA THR D 165 -1.02 24.90 -0.19
C THR D 165 -1.09 26.09 0.76
N SER D 166 0.08 26.61 1.13
CA SER D 166 0.12 27.82 1.93
C SER D 166 0.34 29.09 1.10
N ASN D 167 0.76 28.94 -0.17
CA ASN D 167 0.80 30.05 -1.09
C ASN D 167 0.41 29.53 -2.48
N ALA D 168 0.30 30.45 -3.43
CA ALA D 168 -0.09 30.13 -4.79
C ALA D 168 0.01 31.37 -5.67
N VAL D 169 0.56 31.20 -6.87
CA VAL D 169 0.71 32.28 -7.84
C VAL D 169 -0.30 32.07 -8.96
N SER D 170 -0.98 33.14 -9.35
CA SER D 170 -1.75 33.13 -10.59
C SER D 170 -1.17 34.17 -11.55
N THR D 171 -1.18 33.85 -12.84
CA THR D 171 -0.60 34.73 -13.84
C THR D 171 -1.38 34.57 -15.14
N THR D 172 -1.41 35.66 -15.91
CA THR D 172 -2.04 35.60 -17.20
C THR D 172 -1.28 36.52 -18.15
N SER D 173 -1.29 36.18 -19.44
CA SER D 173 -0.59 37.00 -20.42
C SER D 173 -1.42 37.06 -21.70
N GLU D 174 -1.28 38.16 -22.43
CA GLU D 174 -1.99 38.36 -23.69
C GLU D 174 -1.05 38.99 -24.71
N VAL D 175 -0.86 38.34 -25.84
CA VAL D 175 -0.14 38.95 -26.96
C VAL D 175 -1.00 38.90 -28.21
N PRO D 176 -2.18 39.53 -28.23
CA PRO D 176 -2.95 39.60 -29.47
C PRO D 176 -2.20 40.23 -30.63
N SER D 177 -1.12 40.97 -30.38
CA SER D 177 -0.32 41.48 -31.49
C SER D 177 0.13 40.36 -32.43
N THR D 178 0.33 39.14 -31.90
CA THR D 178 0.70 37.99 -32.75
C THR D 178 -0.29 37.76 -33.88
N VAL D 179 -1.57 38.04 -33.65
CA VAL D 179 -2.63 37.79 -34.63
C VAL D 179 -3.26 39.06 -35.19
N LEU D 180 -3.03 40.23 -34.56
CA LEU D 180 -3.42 41.50 -35.13
C LEU D 180 -2.40 42.05 -36.14
N HIS D 181 -1.17 41.53 -36.15
CA HIS D 181 -0.17 41.95 -37.11
C HIS D 181 -0.60 41.63 -38.54
N ALA D 182 -0.19 42.49 -39.48
CA ALA D 182 -0.72 42.45 -40.84
C ALA D 182 -0.44 41.11 -41.53
N ARG D 183 0.66 40.45 -41.16
CA ARG D 183 1.03 39.10 -41.61
C ARG D 183 -0.17 38.17 -41.83
N ASN D 184 -1.17 38.27 -40.96
CA ASN D 184 -2.20 37.25 -40.75
C ASN D 184 -3.42 37.38 -41.66
N PHE D 185 -3.49 38.39 -42.52
CA PHE D 185 -4.73 38.58 -43.29
C PHE D 185 -4.55 38.40 -44.80
N ASN D 189 -10.07 35.46 -49.45
CA ASN D 189 -11.01 36.01 -50.42
C ASN D 189 -11.14 37.53 -50.25
N GLU D 190 -10.81 38.02 -49.04
CA GLU D 190 -10.87 39.45 -48.77
C GLU D 190 -9.92 40.22 -49.68
N ALA D 191 -8.69 39.72 -49.83
CA ALA D 191 -7.72 40.38 -50.70
C ALA D 191 -8.16 40.36 -52.16
N ARG D 192 -8.94 39.33 -52.56
CA ARG D 192 -9.46 39.28 -53.93
C ARG D 192 -10.60 40.26 -54.13
N VAL D 193 -11.54 40.34 -53.18
CA VAL D 193 -12.55 41.38 -53.26
C VAL D 193 -11.89 42.75 -53.30
N ALA D 194 -10.81 42.92 -52.53
CA ALA D 194 -10.09 44.18 -52.52
C ALA D 194 -9.37 44.46 -53.85
N GLU D 195 -8.83 43.44 -54.53
CA GLU D 195 -8.27 43.65 -55.86
C GLU D 195 -9.37 43.85 -56.90
N LEU D 196 -10.46 43.07 -56.79
CA LEU D 196 -11.54 43.09 -57.76
C LEU D 196 -12.29 44.41 -57.72
N GLU D 197 -12.66 44.87 -56.52
CA GLU D 197 -13.40 46.10 -56.32
C GLU D 197 -12.50 47.33 -56.16
N ARG D 198 -11.18 47.14 -56.07
CA ARG D 198 -10.19 48.21 -55.93
C ARG D 198 -10.55 49.16 -54.77
N ARG D 199 -10.80 48.56 -53.61
CA ARG D 199 -11.10 49.26 -52.36
C ARG D 199 -10.63 48.37 -51.21
N PRO D 200 -10.47 48.93 -50.01
CA PRO D 200 -10.08 48.09 -48.86
C PRO D 200 -11.21 47.12 -48.49
N GLU D 201 -10.81 45.93 -48.02
CA GLU D 201 -11.79 44.90 -47.66
C GLU D 201 -11.23 44.08 -46.49
N ILE D 202 -11.74 44.36 -45.30
CA ILE D 202 -11.48 43.57 -44.11
C ILE D 202 -12.80 43.46 -43.36
N ALA D 203 -13.12 42.26 -42.90
CA ALA D 203 -14.33 42.09 -42.10
C ALA D 203 -14.23 42.96 -40.87
N PHE D 204 -15.30 43.69 -40.58
CA PHE D 204 -15.28 44.51 -39.38
C PHE D 204 -15.25 43.67 -38.11
N GLU D 205 -15.69 42.41 -38.18
CA GLU D 205 -15.51 41.49 -37.05
C GLU D 205 -14.04 41.39 -36.66
N LYS D 206 -13.13 41.46 -37.62
CA LYS D 206 -11.71 41.48 -37.32
C LYS D 206 -11.22 42.89 -36.95
N ASP D 207 -11.52 43.87 -37.81
CA ASP D 207 -10.92 45.19 -37.64
C ASP D 207 -11.35 45.85 -36.35
N PHE D 208 -12.57 45.56 -35.90
CA PHE D 208 -13.03 46.10 -34.62
C PHE D 208 -12.10 45.72 -33.47
N LEU D 209 -11.45 44.55 -33.54
CA LEU D 209 -10.58 44.17 -32.44
C LEU D 209 -9.15 44.65 -32.65
N ARG D 210 -8.74 44.78 -33.91
CA ARG D 210 -7.39 45.23 -34.22
C ARG D 210 -7.04 46.57 -33.57
N TRP D 211 -8.02 47.45 -33.38
CA TRP D 211 -7.78 48.74 -32.73
C TRP D 211 -8.21 48.76 -31.27
N MET D 212 -8.50 47.59 -30.67
CA MET D 212 -8.86 47.53 -29.26
C MET D 212 -7.95 46.63 -28.43
N LEU D 213 -7.58 45.46 -28.93
CA LEU D 213 -6.84 44.50 -28.13
C LEU D 213 -5.36 44.86 -28.13
N SER D 214 -4.73 44.79 -26.97
CA SER D 214 -3.28 45.00 -26.89
C SER D 214 -2.67 44.00 -25.91
N ASP D 215 -1.37 44.16 -25.66
CA ASP D 215 -0.53 43.17 -25.02
C ASP D 215 -0.20 43.58 -23.59
N GLY D 216 -0.13 42.59 -22.71
CA GLY D 216 0.25 42.83 -21.33
C GLY D 216 0.15 41.53 -20.55
N ALA D 217 0.75 41.55 -19.36
CA ALA D 217 0.70 40.38 -18.49
C ALA D 217 0.63 40.83 -17.05
N GLY D 218 0.02 40.00 -16.21
CA GLY D 218 0.01 40.28 -14.79
C GLY D 218 0.09 38.99 -14.01
N ALA D 219 0.55 39.11 -12.76
CA ALA D 219 0.65 37.98 -11.86
C ALA D 219 0.31 38.44 -10.45
N ALA D 220 -0.13 37.49 -9.62
CA ALA D 220 -0.48 37.78 -8.24
C ALA D 220 -0.04 36.65 -7.31
N LEU D 221 0.46 37.02 -6.14
CA LEU D 221 0.87 36.07 -5.12
C LEU D 221 -0.21 36.05 -4.05
N LEU D 222 -0.75 34.87 -3.79
CA LEU D 222 -1.71 34.66 -2.72
C LEU D 222 -1.02 33.90 -1.58
N GLU D 223 -1.45 34.17 -0.35
CA GLU D 223 -0.86 33.57 0.83
C GLU D 223 -1.96 33.41 1.89
N ASN D 224 -1.70 32.56 2.89
CA ASN D 224 -2.67 32.35 3.96
C ASN D 224 -2.49 33.32 5.12
N LYS D 225 -1.42 34.10 5.12
CA LYS D 225 -1.15 35.16 6.08
C LYS D 225 -0.99 36.48 5.36
N PRO D 226 -1.52 37.58 5.89
CA PRO D 226 -1.16 38.89 5.35
C PRO D 226 0.28 39.22 5.67
N ARG D 227 0.77 40.14 5.01
CA ARG D 227 2.16 40.51 5.19
C ARG D 227 2.32 41.51 6.33
N PRO D 228 3.49 41.48 7.00
CA PRO D 228 3.72 42.37 8.16
C PRO D 228 3.38 43.82 7.89
N ASP D 229 4.26 44.51 7.17
CA ASP D 229 4.00 45.88 6.77
C ASP D 229 3.33 45.90 5.40
N GLY D 230 2.72 47.04 5.09
CA GLY D 230 2.05 47.23 3.84
C GLY D 230 0.68 46.58 3.82
N VAL D 231 -0.08 46.91 2.80
CA VAL D 231 -1.45 46.42 2.71
C VAL D 231 -1.45 45.08 1.98
N SER D 232 -2.39 44.23 2.37
CA SER D 232 -2.68 42.99 1.67
C SER D 232 -4.16 42.98 1.40
N LEU D 233 -4.56 42.38 0.27
CA LEU D 233 -5.97 42.31 -0.12
C LEU D 233 -6.50 40.94 0.25
N ARG D 234 -7.33 40.88 1.29
CA ARG D 234 -8.00 39.63 1.63
C ARG D 234 -9.06 39.32 0.59
N ILE D 235 -9.00 38.11 0.02
CA ILE D 235 -10.01 37.68 -0.93
C ILE D 235 -11.20 37.15 -0.14
N ASP D 236 -12.33 37.86 -0.20
CA ASP D 236 -13.50 37.39 0.53
C ASP D 236 -14.27 36.34 -0.25
N TRP D 237 -14.33 36.49 -1.58
CA TRP D 237 -14.96 35.49 -2.43
C TRP D 237 -14.68 35.85 -3.88
N ILE D 238 -14.93 34.87 -4.76
CA ILE D 238 -14.79 35.02 -6.21
C ILE D 238 -15.92 34.21 -6.84
N ASP D 239 -16.96 34.88 -7.32
CA ASP D 239 -18.09 34.19 -7.95
C ASP D 239 -18.04 34.41 -9.45
N ILE D 240 -18.43 33.38 -10.19
CA ILE D 240 -18.27 33.33 -11.63
C ILE D 240 -19.52 32.69 -12.21
N TYR D 241 -20.08 33.30 -13.24
CA TYR D 241 -21.26 32.78 -13.90
C TYR D 241 -21.06 32.81 -15.40
N SER D 242 -21.45 31.72 -16.05
CA SER D 242 -21.47 31.59 -17.50
C SER D 242 -22.90 31.52 -18.00
N PHE D 243 -23.18 32.19 -19.11
CA PHE D 243 -24.50 32.14 -19.73
C PHE D 243 -24.45 31.57 -21.13
N ALA D 244 -23.43 30.77 -21.42
CA ALA D 244 -23.34 30.10 -22.70
C ALA D 244 -24.49 29.15 -22.95
N ASN D 245 -25.27 28.80 -21.92
CA ASN D 245 -26.44 27.95 -22.14
C ASN D 245 -27.46 28.63 -23.04
N GLU D 246 -27.60 29.96 -22.94
CA GLU D 246 -28.55 30.76 -23.71
C GLU D 246 -27.92 31.58 -24.83
N GLN D 247 -26.66 32.00 -24.71
CA GLN D 247 -26.06 32.97 -25.63
C GLN D 247 -25.14 32.29 -26.62
N GLU D 248 -25.21 32.72 -27.88
CA GLU D 248 -24.27 32.19 -28.86
C GLU D 248 -22.86 32.72 -28.58
N THR D 249 -21.89 32.07 -29.23
CA THR D 249 -20.51 32.54 -29.23
C THR D 249 -20.46 33.97 -29.74
N CYS D 250 -19.74 34.84 -29.02
CA CYS D 250 -19.59 36.24 -29.38
C CYS D 250 -18.17 36.63 -29.82
N MET D 251 -17.13 36.18 -29.13
CA MET D 251 -15.74 36.40 -29.53
C MET D 251 -15.07 35.05 -29.74
N TYR D 252 -14.38 34.89 -30.88
CA TYR D 252 -13.91 33.57 -31.27
C TYR D 252 -12.62 33.68 -32.10
N SER D 253 -11.79 32.64 -32.00
CA SER D 253 -10.64 32.49 -32.88
C SER D 253 -10.33 31.00 -33.02
N GLY D 254 -9.73 30.65 -34.14
CA GLY D 254 -9.61 29.23 -34.46
C GLY D 254 -10.92 28.63 -34.90
N GLY D 255 -11.70 29.36 -35.68
CA GLY D 255 -12.99 28.90 -36.15
C GLY D 255 -13.77 30.04 -36.76
N GLU D 256 -14.94 29.70 -37.32
CA GLU D 256 -15.83 30.66 -37.96
C GLU D 256 -17.23 30.58 -37.37
N LYS D 257 -17.86 31.74 -37.14
CA LYS D 257 -19.26 31.74 -36.73
C LYS D 257 -20.14 31.64 -37.97
N LEU D 258 -21.03 30.66 -37.99
CA LEU D 258 -21.89 30.37 -39.14
C LEU D 258 -23.22 31.12 -39.02
N ALA D 259 -24.03 31.04 -40.07
CA ALA D 259 -25.28 31.78 -40.12
C ALA D 259 -26.22 31.40 -38.99
N ASP D 260 -26.27 30.12 -38.61
CA ASP D 260 -27.14 29.71 -37.51
C ASP D 260 -26.61 30.10 -36.13
N GLY D 261 -25.43 30.72 -36.04
CA GLY D 261 -24.93 31.18 -34.77
C GLY D 261 -24.01 30.22 -34.05
N SER D 262 -23.77 29.03 -34.60
CA SER D 262 -22.85 28.06 -34.02
C SER D 262 -21.44 28.34 -34.55
N LEU D 263 -20.46 27.73 -33.88
CA LEU D 263 -19.05 27.92 -34.20
C LEU D 263 -18.48 26.67 -34.87
N LYS D 264 -17.94 26.85 -36.06
CA LYS D 264 -17.30 25.78 -36.79
C LYS D 264 -15.81 25.84 -36.51
N GLY D 265 -15.29 24.80 -35.85
CA GLY D 265 -13.90 24.81 -35.46
C GLY D 265 -12.97 24.66 -36.65
N TRP D 266 -11.73 25.12 -36.44
CA TRP D 266 -10.74 25.16 -37.51
C TRP D 266 -10.47 23.78 -38.09
N ALA D 267 -10.42 22.76 -37.25
CA ALA D 267 -10.05 21.44 -37.77
C ALA D 267 -11.13 20.86 -38.66
N GLN D 268 -12.36 21.37 -38.58
CA GLN D 268 -13.45 20.96 -39.46
C GLN D 268 -13.42 21.68 -40.81
N MET D 269 -12.43 22.52 -41.06
CA MET D 269 -12.31 23.22 -42.33
C MET D 269 -11.08 22.74 -43.07
N SER D 270 -11.11 22.90 -44.38
CA SER D 270 -9.97 22.52 -45.21
C SER D 270 -8.77 23.40 -44.90
N GLN D 271 -7.59 22.83 -45.12
CA GLN D 271 -6.36 23.60 -45.00
C GLN D 271 -6.38 24.87 -45.86
N ALA D 272 -7.09 24.82 -47.00
CA ALA D 272 -7.17 26.00 -47.86
C ALA D 272 -8.13 27.05 -47.31
N ASP D 273 -9.18 26.60 -46.63
CA ASP D 273 -10.07 27.54 -45.93
C ASP D 273 -9.35 28.28 -44.82
N TRP D 274 -8.36 27.64 -44.19
CA TRP D 274 -7.59 28.33 -43.15
C TRP D 274 -6.95 29.60 -43.69
N LEU D 275 -6.49 29.58 -44.94
CA LEU D 275 -5.89 30.76 -45.55
C LEU D 275 -6.90 31.65 -46.23
N ALA D 276 -7.96 31.07 -46.80
CA ALA D 276 -8.97 31.86 -47.49
C ALA D 276 -9.88 32.63 -46.53
N TYR D 277 -10.00 32.21 -45.27
CA TYR D 277 -10.98 32.80 -44.36
C TYR D 277 -10.43 33.45 -43.10
N SER D 278 -9.13 33.37 -42.83
CA SER D 278 -8.56 33.92 -41.60
C SER D 278 -9.27 33.30 -40.38
N VAL D 279 -9.24 31.96 -40.38
CA VAL D 279 -9.81 31.16 -39.31
C VAL D 279 -9.08 31.42 -38.00
N PHE D 280 -7.80 31.77 -38.08
CA PHE D 280 -6.95 31.84 -36.89
C PHE D 280 -6.75 33.24 -36.34
N CYS D 281 -7.39 34.27 -36.87
CA CYS D 281 -7.35 35.50 -36.11
C CYS D 281 -8.62 35.65 -35.28
N ILE D 282 -8.64 36.69 -34.48
CA ILE D 282 -9.71 36.86 -33.50
C ILE D 282 -10.81 37.68 -34.13
N LYS D 283 -12.05 37.27 -33.91
CA LYS D 283 -13.20 37.98 -34.44
C LYS D 283 -14.19 38.23 -33.32
N GLN D 284 -15.02 39.27 -33.51
CA GLN D 284 -16.07 39.60 -32.55
C GLN D 284 -17.35 39.91 -33.31
N ASP D 285 -18.44 39.24 -32.91
CA ASP D 285 -19.78 39.56 -33.39
C ASP D 285 -20.23 40.83 -32.67
N VAL D 286 -20.05 41.98 -33.33
CA VAL D 286 -20.10 43.28 -32.63
C VAL D 286 -21.53 43.62 -32.17
N ARG D 287 -22.53 43.39 -33.03
CA ARG D 287 -23.91 43.72 -32.65
C ARG D 287 -24.41 42.84 -31.49
N TYR D 288 -24.12 41.55 -31.57
CA TYR D 288 -24.42 40.66 -30.44
C TYR D 288 -23.77 41.19 -29.17
N LEU D 289 -22.50 41.61 -29.27
CA LEU D 289 -21.80 42.17 -28.12
C LEU D 289 -22.57 43.33 -27.50
N ASN D 290 -22.79 44.38 -28.29
CA ASN D 290 -23.42 45.60 -27.76
C ASN D 290 -24.78 45.30 -27.15
N GLU D 291 -25.55 44.42 -27.78
CA GLU D 291 -26.90 44.15 -27.29
C GLU D 291 -26.88 43.36 -25.98
N ARG D 292 -25.89 42.50 -25.76
CA ARG D 292 -26.02 41.49 -24.72
C ARG D 292 -24.97 41.52 -23.61
N VAL D 293 -23.89 42.29 -23.74
CA VAL D 293 -22.80 42.15 -22.79
C VAL D 293 -23.21 42.65 -21.41
N VAL D 294 -23.99 43.74 -21.35
CA VAL D 294 -24.30 44.34 -20.05
C VAL D 294 -25.21 43.44 -19.25
N LYS D 295 -26.18 42.81 -19.90
CA LYS D 295 -27.11 41.98 -19.15
C LYS D 295 -26.48 40.64 -18.77
N PHE D 296 -25.74 40.03 -19.69
CA PHE D 296 -25.27 38.67 -19.55
C PHE D 296 -23.81 38.57 -19.13
N THR D 297 -23.17 39.68 -18.78
CA THR D 297 -21.96 39.63 -17.97
C THR D 297 -22.06 40.43 -16.69
N LEU D 298 -23.01 41.36 -16.58
CA LEU D 298 -23.12 42.21 -15.39
C LEU D 298 -24.44 42.01 -14.65
N THR D 299 -25.58 42.33 -15.27
CA THR D 299 -26.79 42.39 -14.45
C THR D 299 -27.27 41.00 -14.04
N GLU D 300 -27.24 40.03 -14.96
CA GLU D 300 -27.75 38.71 -14.63
C GLU D 300 -26.91 37.99 -13.57
N PRO D 301 -25.56 38.00 -13.64
CA PRO D 301 -24.79 37.36 -12.55
C PRO D 301 -24.77 38.18 -11.28
N LEU D 302 -24.67 39.51 -11.38
CA LEU D 302 -24.50 40.32 -10.17
C LEU D 302 -25.76 40.35 -9.33
N ARG D 303 -26.95 40.22 -9.93
CA ARG D 303 -28.16 40.25 -9.11
C ARG D 303 -28.32 38.97 -8.31
N ARG D 304 -27.94 37.82 -8.89
CA ARG D 304 -27.84 36.59 -8.11
C ARG D 304 -26.86 36.76 -6.95
N ILE D 305 -25.65 37.21 -7.26
CA ILE D 305 -24.64 37.43 -6.21
C ILE D 305 -25.19 38.36 -5.15
N VAL D 306 -25.78 39.48 -5.56
CA VAL D 306 -26.28 40.45 -4.59
C VAL D 306 -27.32 39.81 -3.67
N ALA D 307 -28.28 39.10 -4.25
CA ALA D 307 -29.27 38.40 -3.46
C ALA D 307 -28.61 37.40 -2.52
N ASP D 308 -27.88 36.43 -3.08
CA ASP D 308 -27.35 35.29 -2.33
C ASP D 308 -26.38 35.70 -1.21
N ARG D 309 -25.75 36.87 -1.30
CA ARG D 309 -24.80 37.28 -0.29
C ARG D 309 -25.23 38.50 0.50
N ASN D 310 -26.41 39.06 0.22
CA ASN D 310 -26.88 40.29 0.86
C ASN D 310 -25.81 41.39 0.82
N LEU D 311 -25.54 41.85 -0.39
CA LEU D 311 -24.60 42.94 -0.59
C LEU D 311 -25.33 44.27 -0.69
N SER D 312 -24.71 45.30 -0.11
CA SER D 312 -25.11 46.68 -0.29
C SER D 312 -24.05 47.41 -1.11
N SER D 313 -24.47 48.04 -2.21
CA SER D 313 -23.53 48.78 -3.04
C SER D 313 -22.86 49.92 -2.29
N GLU D 314 -23.47 50.40 -1.21
CA GLU D 314 -22.85 51.45 -0.41
C GLU D 314 -21.59 50.96 0.29
N SER D 315 -21.51 49.65 0.58
CA SER D 315 -20.34 49.08 1.23
C SER D 315 -19.09 49.12 0.37
N ILE D 316 -19.21 49.42 -0.92
CA ILE D 316 -18.11 49.30 -1.86
C ILE D 316 -17.37 50.63 -1.97
N ASP D 317 -16.10 50.62 -1.60
CA ASP D 317 -15.28 51.82 -1.64
C ASP D 317 -14.51 51.97 -2.94
N TRP D 318 -14.11 50.86 -3.56
CA TRP D 318 -13.52 50.87 -4.89
C TRP D 318 -14.23 49.86 -5.77
N PHE D 319 -14.59 50.29 -6.98
CA PHE D 319 -15.13 49.42 -8.00
C PHE D 319 -14.12 49.36 -9.14
N LEU D 320 -13.75 48.14 -9.55
CA LEU D 320 -12.72 47.94 -10.58
C LEU D 320 -13.33 47.15 -11.72
N PRO D 321 -13.90 47.83 -12.74
CA PRO D 321 -14.46 47.10 -13.88
C PRO D 321 -13.52 47.07 -15.07
N ALA D 322 -13.21 45.86 -15.56
CA ALA D 322 -12.31 45.70 -16.70
C ALA D 322 -13.13 45.60 -17.98
N TYR D 323 -13.67 46.75 -18.41
CA TYR D 323 -14.73 46.73 -19.41
C TYR D 323 -14.25 46.86 -20.86
N SER D 324 -12.95 46.97 -21.12
CA SER D 324 -12.41 46.87 -22.49
C SER D 324 -12.70 48.04 -23.42
N SER D 325 -13.76 48.83 -23.16
CA SER D 325 -14.03 49.97 -24.04
C SER D 325 -14.81 51.06 -23.30
N GLU D 326 -14.44 52.32 -23.53
CA GLU D 326 -15.15 53.40 -22.86
C GLU D 326 -16.60 53.48 -23.28
N TYR D 327 -16.94 52.88 -24.43
CA TYR D 327 -18.33 52.79 -24.89
C TYR D 327 -19.22 52.08 -23.89
N PHE D 328 -18.66 51.22 -23.03
CA PHE D 328 -19.47 50.46 -22.08
C PHE D 328 -19.47 51.05 -20.68
N ARG D 329 -18.69 52.11 -20.43
CA ARG D 329 -18.57 52.62 -19.06
C ARG D 329 -19.94 52.94 -18.48
N MET D 330 -20.71 53.79 -19.17
CA MET D 330 -22.00 54.18 -18.63
C MET D 330 -23.09 53.17 -18.96
N LYS D 331 -22.89 52.33 -19.97
CA LYS D 331 -23.84 51.24 -20.21
C LYS D 331 -23.76 50.20 -19.09
N PHE D 332 -22.56 49.92 -18.61
CA PHE D 332 -22.42 49.10 -17.42
C PHE D 332 -22.99 49.83 -16.20
N SER D 333 -22.72 51.14 -16.08
CA SER D 333 -23.22 51.91 -14.95
C SER D 333 -24.74 51.95 -14.94
N GLU D 334 -25.35 51.97 -16.13
CA GLU D 334 -26.80 51.86 -16.25
C GLU D 334 -27.29 50.48 -15.83
N GLY D 335 -26.49 49.44 -16.08
CA GLY D 335 -26.86 48.12 -15.61
C GLY D 335 -26.90 48.03 -14.11
N LEU D 336 -25.89 48.61 -13.43
CA LEU D 336 -25.93 48.67 -11.97
C LEU D 336 -27.18 49.37 -11.47
N ASP D 337 -27.60 50.44 -12.15
CA ASP D 337 -28.83 51.12 -11.78
C ASP D 337 -30.02 50.17 -11.88
N ASP D 338 -30.09 49.36 -12.95
CA ASP D 338 -31.28 48.54 -13.21
C ASP D 338 -31.47 47.43 -12.19
N ILE D 339 -30.39 46.97 -11.54
CA ILE D 339 -30.51 46.00 -10.46
C ILE D 339 -30.32 46.67 -9.10
N ASN D 340 -30.45 47.99 -9.05
CA ASN D 340 -30.38 48.76 -7.81
C ASN D 340 -29.10 48.43 -7.03
N PHE D 341 -27.97 48.45 -7.75
CA PHE D 341 -26.65 48.30 -7.16
C PHE D 341 -25.73 49.41 -7.68
N SER D 342 -26.24 50.64 -7.66
CA SER D 342 -25.55 51.76 -8.28
C SER D 342 -24.24 52.06 -7.55
N ILE D 343 -23.22 52.39 -8.33
CA ILE D 343 -21.93 52.81 -7.79
C ILE D 343 -21.52 54.06 -8.53
N GLU D 344 -21.23 55.13 -7.79
CA GLU D 344 -20.94 56.40 -8.43
C GLU D 344 -19.55 56.39 -9.03
N GLN D 345 -19.37 57.23 -10.04
CA GLN D 345 -18.15 57.24 -10.83
C GLN D 345 -16.90 57.53 -10.00
N GLU D 346 -17.03 58.28 -8.91
CA GLU D 346 -15.82 58.57 -8.12
C GLU D 346 -15.26 57.33 -7.44
N ARG D 347 -16.02 56.24 -7.38
CA ARG D 347 -15.52 55.00 -6.83
C ARG D 347 -15.08 54.00 -7.91
N TRP D 348 -15.02 54.43 -9.17
CA TRP D 348 -14.56 53.58 -10.25
C TRP D 348 -13.07 53.80 -10.48
N PHE D 349 -12.30 52.71 -10.48
CA PHE D 349 -10.88 52.77 -10.81
C PHE D 349 -10.63 52.01 -12.10
N THR D 350 -9.90 52.63 -13.02
CA THR D 350 -9.67 52.04 -14.32
C THR D 350 -8.43 52.68 -14.92
N ASN D 351 -7.60 51.88 -15.59
CA ASN D 351 -6.48 52.44 -16.34
C ASN D 351 -6.49 52.01 -17.80
N LEU D 352 -7.67 51.60 -18.29
CA LEU D 352 -7.81 51.14 -19.68
C LEU D 352 -7.27 52.14 -20.70
N THR D 353 -7.55 53.44 -20.54
CA THR D 353 -7.26 54.35 -21.64
C THR D 353 -5.77 54.63 -21.80
N VAL D 354 -4.96 54.34 -20.78
CA VAL D 354 -3.51 54.45 -20.91
C VAL D 354 -2.81 53.09 -20.94
N LYS D 355 -3.41 52.04 -20.40
CA LYS D 355 -2.73 50.73 -20.42
C LYS D 355 -3.09 49.91 -21.64
N GLY D 356 -4.26 50.12 -22.22
CA GLY D 356 -4.79 49.30 -23.30
C GLY D 356 -5.74 48.24 -22.77
N ASN D 357 -6.53 47.69 -23.69
CA ASN D 357 -7.40 46.57 -23.35
C ASN D 357 -6.58 45.29 -23.47
N THR D 358 -6.09 44.80 -22.32
CA THR D 358 -5.23 43.63 -22.30
C THR D 358 -6.00 42.36 -21.95
N GLY D 359 -7.30 42.33 -22.26
CA GLY D 359 -8.11 41.15 -21.98
C GLY D 359 -7.91 40.63 -20.58
N SER D 360 -7.58 39.34 -20.49
CA SER D 360 -7.55 38.65 -19.21
C SER D 360 -6.62 39.32 -18.22
N ALA D 361 -5.61 40.04 -18.71
CA ALA D 361 -4.61 40.69 -17.86
C ALA D 361 -5.09 42.01 -17.25
N SER D 362 -6.26 42.51 -17.66
CA SER D 362 -6.66 43.86 -17.27
C SER D 362 -6.80 43.99 -15.75
N ILE D 363 -7.52 43.05 -15.13
CA ILE D 363 -7.77 43.17 -13.70
C ILE D 363 -6.46 43.14 -12.92
N TYR D 364 -5.43 42.45 -13.44
CA TYR D 364 -4.12 42.45 -12.79
C TYR D 364 -3.42 43.80 -12.93
N ILE D 365 -3.55 44.44 -14.09
CA ILE D 365 -2.86 45.70 -14.32
C ILE D 365 -3.53 46.82 -13.53
N MET D 366 -4.85 46.71 -13.35
CA MET D 366 -5.57 47.64 -12.49
C MET D 366 -5.14 47.51 -11.03
N LEU D 367 -5.22 46.29 -10.47
CA LEU D 367 -4.83 46.10 -9.07
C LEU D 367 -3.35 46.40 -8.85
N ASP D 368 -2.50 46.17 -9.85
CA ASP D 368 -1.09 46.52 -9.73
C ASP D 368 -0.90 48.02 -9.49
N GLU D 369 -1.62 48.85 -10.24
CA GLU D 369 -1.45 50.29 -10.08
C GLU D 369 -2.10 50.77 -8.78
N LEU D 370 -3.32 50.29 -8.51
CA LEU D 370 -4.03 50.72 -7.31
C LEU D 370 -3.28 50.33 -6.03
N MET D 371 -2.65 49.14 -6.03
CA MET D 371 -1.94 48.67 -4.84
C MET D 371 -0.70 49.51 -4.57
N LYS D 372 -0.02 49.95 -5.61
CA LYS D 372 1.13 50.83 -5.45
C LYS D 372 0.76 52.30 -5.27
N SER D 373 -0.53 52.66 -5.37
CA SER D 373 -0.88 54.07 -5.42
C SER D 373 -0.82 54.73 -4.04
N GLY D 374 -1.07 53.98 -2.97
CA GLY D 374 -1.22 54.57 -1.66
C GLY D 374 -2.65 54.95 -1.31
N LYS D 375 -3.58 54.85 -2.26
CA LYS D 375 -4.96 55.25 -2.04
C LYS D 375 -5.77 54.20 -1.29
N LEU D 376 -5.22 53.01 -1.08
CA LEU D 376 -5.91 51.95 -0.36
C LEU D 376 -5.71 52.15 1.15
N LYS D 377 -6.80 52.05 1.91
CA LYS D 377 -6.77 52.18 3.36
C LYS D 377 -7.44 50.95 3.98
N LYS D 378 -6.89 50.50 5.12
CA LYS D 378 -7.42 49.33 5.80
C LYS D 378 -8.94 49.38 5.91
N ASP D 379 -9.57 48.22 5.83
CA ASP D 379 -11.00 47.97 5.94
C ASP D 379 -11.77 48.40 4.68
N GLN D 380 -11.15 49.10 3.72
CA GLN D 380 -11.82 49.41 2.47
C GLN D 380 -12.16 48.13 1.72
N ARG D 381 -13.24 48.18 0.95
CA ARG D 381 -13.73 47.04 0.20
C ARG D 381 -13.67 47.32 -1.29
N LEU D 382 -13.11 46.39 -2.05
CA LEU D 382 -13.05 46.46 -3.50
C LEU D 382 -13.97 45.40 -4.11
N LEU D 383 -14.75 45.80 -5.10
CA LEU D 383 -15.45 44.87 -5.96
C LEU D 383 -14.79 44.93 -7.32
N CYS D 384 -14.24 43.80 -7.76
CA CYS D 384 -13.66 43.66 -9.08
C CYS D 384 -14.67 43.00 -10.00
N PHE D 385 -14.79 43.51 -11.22
CA PHE D 385 -15.73 43.01 -12.21
C PHE D 385 -14.95 42.68 -13.48
N ILE D 386 -15.05 41.44 -13.92
CA ILE D 386 -14.31 41.00 -15.11
C ILE D 386 -15.31 40.36 -16.04
N PRO D 387 -15.81 41.08 -17.05
CA PRO D 387 -16.66 40.46 -18.05
C PRO D 387 -15.85 39.78 -19.12
N GLU D 388 -16.43 38.73 -19.69
CA GLU D 388 -15.82 38.02 -20.80
C GLU D 388 -16.92 37.84 -21.83
N SER D 389 -16.81 38.57 -22.95
CA SER D 389 -17.86 38.53 -23.97
C SER D 389 -17.79 37.28 -24.83
N ALA D 390 -16.69 36.51 -24.75
CA ALA D 390 -16.48 35.36 -25.63
C ALA D 390 -17.74 34.50 -25.77
N ARG D 391 -18.31 34.08 -24.65
CA ARG D 391 -19.67 33.53 -24.66
C ARG D 391 -20.36 33.88 -23.37
N PHE D 392 -20.11 35.10 -22.88
CA PHE D 392 -20.85 35.75 -21.81
C PHE D 392 -20.67 35.03 -20.49
N THR D 393 -19.54 35.33 -19.85
CA THR D 393 -19.24 35.00 -18.48
C THR D 393 -19.01 36.30 -17.72
N GLY D 394 -19.47 36.32 -16.47
CA GLY D 394 -19.13 37.39 -15.57
C GLY D 394 -18.40 36.86 -14.35
N ALA D 395 -17.25 37.46 -14.03
CA ALA D 395 -16.46 37.09 -12.87
C ALA D 395 -16.41 38.27 -11.91
N PHE D 396 -16.61 37.97 -10.62
CA PHE D 396 -16.70 39.00 -9.59
C PHE D 396 -15.84 38.60 -8.40
N MET D 397 -15.02 39.54 -7.91
CA MET D 397 -14.14 39.24 -6.78
C MET D 397 -14.16 40.38 -5.77
N HIS D 398 -14.56 40.04 -4.54
CA HIS D 398 -14.62 40.97 -3.42
C HIS D 398 -13.32 40.94 -2.64
N LEU D 399 -12.76 42.12 -2.37
CA LEU D 399 -11.50 42.25 -1.67
C LEU D 399 -11.65 43.23 -0.51
N THR D 400 -10.90 42.96 0.57
CA THR D 400 -10.86 43.82 1.76
C THR D 400 -9.40 44.11 2.11
N VAL D 401 -9.06 45.41 2.21
CA VAL D 401 -7.71 45.78 2.61
C VAL D 401 -7.50 45.43 4.09
N VAL D 402 -6.29 44.94 4.41
CA VAL D 402 -5.92 44.60 5.78
C VAL D 402 -4.49 45.01 6.08
#